data_7JH0
#
_entry.id   7JH0
#
_cell.length_a   80.123
_cell.length_b   80.123
_cell.length_c   417.015
_cell.angle_alpha   90.000
_cell.angle_beta   90.000
_cell.angle_gamma   120.000
#
_symmetry.space_group_name_H-M   'P 61'
#
loop_
_entity.id
_entity.type
_entity.pdbx_description
1 polymer 'Glyceraldehyde-3-phosphate dehydrogenase'
2 polymer 'Glyceraldehyde-3-phosphate dehydrogenase'
3 non-polymer GLYCEROL
4 non-polymer 'TRIETHYLENE GLYCOL'
5 non-polymer DI(HYDROXYETHYL)ETHER
6 non-polymer 1,2-ETHANEDIOL
7 water water
#
loop_
_entity_poly.entity_id
_entity_poly.type
_entity_poly.pdbx_seq_one_letter_code
_entity_poly.pdbx_strand_id
1 'polypeptide(L)'
;MSRAKVGINGFGRIGRLVLRAAFLKNTVDVVSVNDPFIDLEYMVYMIKRDSTHGTFPGEVSTENGKLKVNGKLISVHCER
DPANIPWDKDGAEYVVESTGVFTTIDKAQAHIKNNRAKKVIISAPSADAPMFVVGVNENSYEKSMSVVSNAS(CSP)TTN
CLAPLAKVIHDKFEIVEGLMTTVHSFTATQKVVDGPSSKLWRDGRGAMQNIIPASTGAAKAVGKVIPALNGKLTGMAFRV
PTPDVSVVDLTCRLGKGASYEEIKAAVKAAASGPLKGILEYTEDEVVSSDFVGSTSSSIFDAKAGISLNNNFVKLVSWYD
NEFGYSCRVVDLITHMHKVDHA
;
A,B,C
2 'polypeptide(L)'
;MSRAKVGINGFGRIGRLVLRAAFLKNTVDVVSVNDPFIDLEYMVYMIKRDSTHGTFPGEVSTENGKLKVNGKLISVHCER
DPANIPWDKDGAEYVVESTGVFTTIDKAQAHIKNNRAKKVIISAPSADAPMFVVGVNENSYEKSMSVVSNAS(CSD)TTN
CLAPLAKVIHDKFEIVEGLMTTVHSFTATQKVVDGPSSKLWRDGRGAMQNIIPASTGAAKAVGKVIPALNGKLTGMAFRV
PTPDVSVVDLTCRLGKGASYEEIKAAVKAAASGPLKGILEYTEDEVVSSDFVGSTSSSIFDAKAGISLNNNFVKLVSWYD
NEFGYSCRVVDLITHMHKVDHA
;
D
#
# COMPACT_ATOMS: atom_id res chain seq x y z
N MET A 1 29.72 -34.38 14.44
CA MET A 1 29.98 -34.05 15.83
C MET A 1 29.43 -32.68 16.19
N SER A 2 30.26 -31.87 16.83
CA SER A 2 29.90 -30.56 17.34
C SER A 2 29.20 -29.70 16.30
N ARG A 3 28.16 -28.99 16.75
CA ARG A 3 27.42 -28.06 15.92
C ARG A 3 27.76 -26.64 16.33
N ALA A 4 27.64 -25.70 15.40
CA ALA A 4 28.05 -24.33 15.66
C ALA A 4 27.18 -23.64 16.70
N LYS A 5 27.81 -23.16 17.75
CA LYS A 5 27.12 -22.40 18.80
C LYS A 5 27.13 -20.92 18.43
N VAL A 6 25.94 -20.33 18.35
CA VAL A 6 25.79 -19.00 17.77
C VAL A 6 25.13 -18.00 18.73
N GLY A 7 25.60 -16.75 18.70
CA GLY A 7 24.96 -15.66 19.41
C GLY A 7 24.54 -14.56 18.45
N ILE A 8 23.53 -13.78 18.83
CA ILE A 8 23.04 -12.72 17.94
C ILE A 8 23.02 -11.37 18.65
N ASN A 9 23.73 -10.40 18.10
CA ASN A 9 23.68 -9.04 18.64
C ASN A 9 22.83 -8.16 17.76
N GLY A 10 21.75 -7.61 18.34
CA GLY A 10 20.81 -6.80 17.60
C GLY A 10 19.65 -7.60 17.06
N PHE A 11 18.62 -7.74 17.87
CA PHE A 11 17.46 -8.52 17.50
C PHE A 11 16.49 -7.69 16.67
N GLY A 12 17.02 -6.99 15.68
CA GLY A 12 16.21 -6.16 14.81
C GLY A 12 15.39 -6.98 13.84
N ARG A 13 15.41 -6.59 12.57
CA ARG A 13 14.63 -7.29 11.56
C ARG A 13 15.42 -8.47 11.02
N ILE A 14 16.69 -8.22 10.75
CA ILE A 14 17.54 -9.20 10.11
C ILE A 14 18.06 -10.20 11.16
N GLY A 15 18.32 -9.72 12.37
CA GLY A 15 18.79 -10.58 13.43
C GLY A 15 17.71 -11.48 13.98
N ARG A 16 16.47 -11.18 13.62
CA ARG A 16 15.31 -11.89 14.14
C ARG A 16 14.92 -13.03 13.19
N LEU A 17 15.23 -12.85 11.91
CA LEU A 17 14.95 -13.87 10.90
C LEU A 17 16.12 -14.85 10.77
N VAL A 18 17.27 -14.45 11.29
CA VAL A 18 18.40 -15.35 11.34
C VAL A 18 18.08 -16.44 12.35
N LEU A 19 17.60 -16.03 13.51
CA LEU A 19 17.15 -16.94 14.55
C LEU A 19 16.13 -17.93 13.97
N ARG A 20 15.23 -17.38 13.18
CA ARG A 20 14.17 -18.15 12.54
C ARG A 20 14.78 -19.23 11.64
N ALA A 21 15.58 -18.80 10.68
CA ALA A 21 16.24 -19.70 9.74
C ALA A 21 17.14 -20.74 10.44
N ALA A 22 17.64 -20.39 11.62
CA ALA A 22 18.48 -21.30 12.39
C ALA A 22 17.71 -22.55 12.79
N PHE A 23 16.58 -22.35 13.45
CA PHE A 23 15.76 -23.45 13.94
C PHE A 23 15.11 -24.21 12.80
N LEU A 24 14.94 -23.53 11.67
CA LEU A 24 14.38 -24.14 10.48
C LEU A 24 15.36 -25.16 9.90
N LYS A 25 16.63 -24.78 9.89
CA LYS A 25 17.64 -25.63 9.27
C LYS A 25 18.35 -26.50 10.29
N ASN A 26 18.37 -26.05 11.54
CA ASN A 26 18.84 -26.87 12.65
C ASN A 26 20.29 -27.30 12.47
N THR A 27 21.03 -26.56 11.63
CA THR A 27 22.41 -26.90 11.33
C THR A 27 23.37 -26.20 12.30
N VAL A 28 22.84 -25.20 13.00
CA VAL A 28 23.59 -24.53 14.05
C VAL A 28 22.70 -24.40 15.28
N ASP A 29 23.27 -23.92 16.38
CA ASP A 29 22.51 -23.79 17.61
C ASP A 29 22.68 -22.40 18.21
N VAL A 30 21.62 -21.60 18.13
CA VAL A 30 21.56 -20.28 18.74
C VAL A 30 21.43 -20.41 20.25
N VAL A 31 22.33 -19.76 20.98
CA VAL A 31 22.40 -19.92 22.43
C VAL A 31 22.24 -18.60 23.18
N SER A 32 22.39 -17.48 22.47
CA SER A 32 22.39 -16.17 23.12
C SER A 32 21.91 -15.06 22.19
N VAL A 33 21.09 -14.16 22.75
CA VAL A 33 20.63 -13.00 21.99
C VAL A 33 20.85 -11.77 22.85
N ASN A 34 21.09 -10.63 22.22
CA ASN A 34 21.25 -9.38 22.93
C ASN A 34 20.57 -8.23 22.20
N ASP A 35 19.77 -7.45 22.94
CA ASP A 35 19.16 -6.23 22.43
C ASP A 35 18.61 -5.44 23.62
N PRO A 36 19.19 -4.26 23.88
CA PRO A 36 18.84 -3.44 25.05
C PRO A 36 17.41 -2.91 25.03
N PHE A 37 16.83 -2.78 23.84
CA PHE A 37 15.51 -2.18 23.67
C PHE A 37 14.41 -3.22 23.76
N ILE A 38 14.79 -4.49 23.67
CA ILE A 38 13.80 -5.55 23.65
C ILE A 38 14.03 -6.48 24.83
N ASP A 39 13.06 -6.55 25.73
CA ASP A 39 13.17 -7.45 26.87
C ASP A 39 12.71 -8.85 26.48
N LEU A 40 12.83 -9.79 27.41
CA LEU A 40 12.51 -11.19 27.15
C LEU A 40 11.07 -11.36 26.68
N GLU A 41 10.13 -10.77 27.41
CA GLU A 41 8.72 -10.86 27.08
C GLU A 41 8.46 -10.34 25.67
N TYR A 42 9.04 -9.19 25.33
CA TYR A 42 8.84 -8.61 24.02
C TYR A 42 9.47 -9.49 22.96
N MET A 43 10.61 -10.08 23.31
CA MET A 43 11.40 -10.88 22.37
C MET A 43 10.58 -12.06 21.84
N VAL A 44 9.72 -12.59 22.70
CA VAL A 44 8.90 -13.73 22.34
C VAL A 44 7.83 -13.33 21.34
N TYR A 45 7.19 -12.18 21.59
CA TYR A 45 6.15 -11.68 20.72
C TYR A 45 6.67 -11.34 19.33
N MET A 46 7.94 -10.93 19.27
CA MET A 46 8.55 -10.60 17.99
C MET A 46 8.86 -11.85 17.18
N ILE A 47 8.92 -12.99 17.86
CA ILE A 47 9.17 -14.27 17.21
C ILE A 47 7.85 -14.90 16.78
N LYS A 48 6.93 -15.01 17.73
CA LYS A 48 5.64 -15.62 17.47
C LYS A 48 4.87 -14.87 16.37
N ARG A 49 5.09 -13.56 16.27
CA ARG A 49 4.33 -12.74 15.32
C ARG A 49 5.23 -12.02 14.31
N ASP A 50 4.97 -12.27 13.04
CA ASP A 50 5.67 -11.59 11.95
C ASP A 50 4.67 -11.24 10.85
N SER A 51 4.60 -9.96 10.51
CA SER A 51 3.64 -9.50 9.51
C SER A 51 3.96 -10.06 8.13
N THR A 52 5.23 -10.36 7.90
CA THR A 52 5.71 -10.76 6.59
C THR A 52 5.81 -12.29 6.44
N HIS A 53 6.39 -12.95 7.44
CA HIS A 53 6.70 -14.38 7.33
C HIS A 53 5.76 -15.24 8.15
N GLY A 54 4.82 -14.60 8.83
CA GLY A 54 3.86 -15.32 9.63
C GLY A 54 4.41 -15.78 10.96
N THR A 55 3.68 -16.67 11.62
CA THR A 55 4.09 -17.17 12.92
C THR A 55 5.23 -18.15 12.78
N PHE A 56 6.08 -18.17 13.80
CA PHE A 56 7.20 -19.09 13.84
C PHE A 56 6.70 -20.53 14.00
N PRO A 57 7.27 -21.46 13.22
CA PRO A 57 6.91 -22.89 13.28
C PRO A 57 7.57 -23.68 14.40
N GLY A 58 7.13 -23.47 15.64
CA GLY A 58 7.67 -24.21 16.78
C GLY A 58 7.15 -23.71 18.11
N GLU A 59 7.45 -24.45 19.19
CA GLU A 59 7.03 -24.03 20.52
C GLU A 59 8.05 -23.07 21.11
N VAL A 60 7.60 -21.83 21.33
CA VAL A 60 8.44 -20.79 21.89
C VAL A 60 7.89 -20.34 23.24
N SER A 61 8.61 -20.63 24.31
CA SER A 61 8.22 -20.17 25.64
C SER A 61 9.41 -19.61 26.41
N THR A 62 9.23 -19.40 27.71
CA THR A 62 10.27 -18.86 28.55
C THR A 62 10.45 -19.69 29.81
N GLU A 63 11.63 -20.30 29.93
CA GLU A 63 11.95 -21.10 31.10
C GLU A 63 12.94 -20.34 31.97
N ASN A 64 12.47 -19.88 33.13
CA ASN A 64 13.32 -19.24 34.13
C ASN A 64 14.14 -18.07 33.62
N GLY A 65 13.47 -17.03 33.14
CA GLY A 65 14.15 -15.82 32.68
C GLY A 65 14.98 -16.07 31.44
N LYS A 66 14.71 -17.18 30.78
CA LYS A 66 15.45 -17.59 29.61
C LYS A 66 14.48 -17.99 28.51
N LEU A 67 14.82 -17.64 27.27
CA LEU A 67 13.99 -17.92 26.12
C LEU A 67 14.13 -19.37 25.65
N LYS A 68 13.00 -20.09 25.64
CA LYS A 68 12.99 -21.47 25.20
C LYS A 68 12.33 -21.59 23.84
N VAL A 69 13.03 -22.19 22.88
CA VAL A 69 12.50 -22.36 21.54
C VAL A 69 12.75 -23.78 21.05
N ASN A 70 11.68 -24.48 20.70
CA ASN A 70 11.76 -25.86 20.23
C ASN A 70 12.51 -26.78 21.18
N GLY A 71 12.55 -26.41 22.47
CA GLY A 71 13.26 -27.19 23.45
C GLY A 71 14.68 -26.71 23.68
N LYS A 72 15.15 -25.81 22.83
CA LYS A 72 16.48 -25.25 22.99
C LYS A 72 16.40 -23.94 23.79
N LEU A 73 17.34 -23.75 24.70
CA LEU A 73 17.34 -22.59 25.58
C LEU A 73 18.25 -21.46 25.09
N ILE A 74 17.78 -20.22 25.20
CA ILE A 74 18.56 -19.05 24.80
C ILE A 74 18.54 -17.98 25.88
N SER A 75 19.70 -17.67 26.43
CA SER A 75 19.82 -16.60 27.42
C SER A 75 19.81 -15.24 26.73
N VAL A 76 19.13 -14.28 27.35
CA VAL A 76 18.97 -12.95 26.75
C VAL A 76 19.75 -11.90 27.53
N HIS A 77 20.13 -10.81 26.84
CA HIS A 77 20.84 -9.71 27.48
C HIS A 77 20.37 -8.38 26.89
N CYS A 78 20.44 -7.32 27.70
CA CYS A 78 20.07 -6.00 27.23
C CYS A 78 21.27 -5.06 27.32
N GLU A 79 22.45 -5.62 27.08
CA GLU A 79 23.68 -4.86 27.16
C GLU A 79 23.82 -3.94 25.97
N ARG A 80 23.91 -2.66 26.25
CA ARG A 80 24.12 -1.66 25.20
C ARG A 80 25.58 -1.73 24.75
N ASP A 81 26.45 -2.10 25.68
CA ASP A 81 27.87 -2.25 25.39
C ASP A 81 28.21 -3.71 25.10
N PRO A 82 28.48 -4.02 23.83
CA PRO A 82 28.72 -5.39 23.36
C PRO A 82 29.91 -6.07 24.05
N ALA A 83 30.80 -5.28 24.64
CA ALA A 83 31.95 -5.82 25.35
C ALA A 83 31.56 -6.26 26.76
N ASN A 84 30.30 -6.04 27.14
CA ASN A 84 29.82 -6.45 28.45
C ASN A 84 29.01 -7.73 28.36
N ILE A 85 28.70 -8.14 27.14
CA ILE A 85 27.93 -9.36 26.91
C ILE A 85 28.78 -10.58 27.19
N PRO A 86 28.32 -11.43 28.12
CA PRO A 86 29.05 -12.65 28.47
C PRO A 86 28.83 -13.77 27.46
N TRP A 87 29.37 -13.59 26.26
CA TRP A 87 29.29 -14.62 25.23
C TRP A 87 29.94 -15.92 25.71
N ASP A 88 30.88 -15.80 26.64
CA ASP A 88 31.57 -16.97 27.16
C ASP A 88 30.65 -17.79 28.06
N LYS A 89 29.94 -17.12 28.95
CA LYS A 89 29.00 -17.81 29.83
C LYS A 89 27.89 -18.47 29.01
N ASP A 90 27.45 -17.76 27.96
CA ASP A 90 26.43 -18.27 27.05
C ASP A 90 26.99 -19.36 26.13
N GLY A 91 28.31 -19.37 25.95
CA GLY A 91 28.97 -20.34 25.11
C GLY A 91 28.81 -20.05 23.63
N ALA A 92 28.65 -18.78 23.29
CA ALA A 92 28.52 -18.38 21.89
C ALA A 92 29.87 -18.23 21.21
N GLU A 93 30.16 -19.13 20.27
CA GLU A 93 31.43 -19.05 19.55
C GLU A 93 31.31 -18.08 18.37
N TYR A 94 30.22 -18.19 17.62
CA TYR A 94 30.03 -17.36 16.43
C TYR A 94 28.91 -16.33 16.63
N VAL A 95 29.27 -15.04 16.67
CA VAL A 95 28.31 -13.97 16.96
C VAL A 95 27.89 -13.22 15.70
N VAL A 96 26.59 -12.95 15.58
CA VAL A 96 26.07 -12.20 14.45
C VAL A 96 25.79 -10.75 14.84
N GLU A 97 26.63 -9.86 14.31
CA GLU A 97 26.45 -8.43 14.54
C GLU A 97 25.37 -7.88 13.62
N SER A 98 24.14 -7.83 14.11
CA SER A 98 23.00 -7.44 13.29
C SER A 98 22.59 -5.98 13.49
N THR A 99 23.35 -5.25 14.31
CA THR A 99 23.16 -3.81 14.40
C THR A 99 24.25 -3.14 13.57
N GLY A 100 23.88 -2.14 12.79
CA GLY A 100 24.81 -1.52 11.86
C GLY A 100 25.91 -0.68 12.51
N VAL A 101 25.95 -0.69 13.83
CA VAL A 101 26.84 0.20 14.58
C VAL A 101 28.26 -0.35 14.72
N PHE A 102 28.42 -1.65 14.52
CA PHE A 102 29.73 -2.29 14.68
C PHE A 102 30.09 -3.04 13.41
N THR A 103 30.63 -2.35 12.43
CA THR A 103 30.86 -2.96 11.13
C THR A 103 32.31 -2.88 10.67
N THR A 104 33.23 -2.66 11.61
CA THR A 104 34.65 -2.69 11.28
C THR A 104 35.35 -3.72 12.15
N ILE A 105 36.55 -4.12 11.75
CA ILE A 105 37.28 -5.17 12.46
C ILE A 105 37.64 -4.72 13.87
N ASP A 106 37.90 -3.43 14.04
CA ASP A 106 38.18 -2.87 15.35
C ASP A 106 36.90 -2.81 16.19
N LYS A 107 35.81 -2.39 15.57
CA LYS A 107 34.54 -2.20 16.27
C LYS A 107 33.84 -3.52 16.57
N ALA A 108 34.18 -4.57 15.84
CA ALA A 108 33.52 -5.86 16.00
C ALA A 108 34.22 -6.74 17.04
N GLN A 109 35.47 -6.41 17.33
CA GLN A 109 36.29 -7.22 18.23
C GLN A 109 35.83 -7.18 19.68
N ALA A 110 34.85 -6.34 19.98
CA ALA A 110 34.36 -6.21 21.35
C ALA A 110 33.71 -7.52 21.81
N HIS A 111 33.20 -8.29 20.85
CA HIS A 111 32.59 -9.59 21.14
C HIS A 111 33.66 -10.62 21.47
N ILE A 112 34.78 -10.52 20.78
CA ILE A 112 35.89 -11.47 20.88
C ILE A 112 36.75 -11.12 22.09
N LYS A 113 36.62 -9.89 22.56
CA LYS A 113 37.39 -9.34 23.67
C LYS A 113 37.33 -10.21 24.93
N ASN A 114 38.47 -10.44 25.57
CA ASN A 114 38.55 -11.12 26.87
C ASN A 114 38.08 -12.57 26.81
N ASN A 115 38.45 -13.25 25.73
CA ASN A 115 38.21 -14.69 25.58
C ASN A 115 36.76 -15.11 25.78
N ARG A 116 35.92 -14.81 24.79
CA ARG A 116 34.57 -15.37 24.74
C ARG A 116 34.20 -15.79 23.32
N ALA A 117 33.72 -14.83 22.52
CA ALA A 117 33.40 -15.10 21.13
C ALA A 117 34.70 -15.33 20.37
N LYS A 118 34.68 -16.22 19.39
CA LYS A 118 35.94 -16.50 18.68
C LYS A 118 35.81 -16.12 17.21
N LYS A 119 34.59 -15.86 16.75
CA LYS A 119 34.32 -15.37 15.40
C LYS A 119 33.13 -14.41 15.44
N VAL A 120 33.14 -13.40 14.56
CA VAL A 120 32.02 -12.46 14.48
C VAL A 120 31.63 -12.22 13.03
N ILE A 121 30.33 -12.11 12.77
CA ILE A 121 29.84 -12.00 11.40
C ILE A 121 28.95 -10.77 11.22
N ILE A 122 29.30 -9.90 10.29
CA ILE A 122 28.58 -8.66 10.08
C ILE A 122 27.48 -8.83 9.04
N SER A 123 26.24 -8.70 9.48
CA SER A 123 25.07 -8.84 8.62
C SER A 123 25.05 -7.79 7.51
N ALA A 124 25.82 -6.72 7.69
CA ALA A 124 25.98 -5.72 6.66
C ALA A 124 27.35 -5.85 6.02
N PRO A 125 27.52 -5.31 4.81
CA PRO A 125 28.86 -5.19 4.25
C PRO A 125 29.79 -4.40 5.17
N SER A 126 31.10 -4.60 5.04
CA SER A 126 32.06 -3.89 5.87
C SER A 126 33.20 -3.31 5.05
N ALA A 127 33.85 -2.29 5.60
CA ALA A 127 34.93 -1.63 4.89
C ALA A 127 36.21 -2.47 4.87
N ASP A 128 36.71 -2.83 6.05
CA ASP A 128 37.98 -3.55 6.13
C ASP A 128 37.78 -5.05 6.29
N ALA A 129 36.71 -5.45 6.99
CA ALA A 129 36.43 -6.87 7.18
C ALA A 129 36.20 -7.56 5.84
N PRO A 130 36.79 -8.75 5.66
CA PRO A 130 36.61 -9.51 4.42
C PRO A 130 35.18 -10.02 4.25
N MET A 131 34.56 -9.71 3.13
CA MET A 131 33.18 -10.13 2.90
C MET A 131 33.13 -11.45 2.17
N PHE A 132 32.02 -12.18 2.32
CA PHE A 132 31.84 -13.45 1.65
C PHE A 132 30.40 -13.65 1.19
N VAL A 133 30.26 -14.30 0.04
CA VAL A 133 28.98 -14.71 -0.48
C VAL A 133 29.01 -16.21 -0.66
N VAL A 134 28.23 -16.93 0.15
CA VAL A 134 28.24 -18.38 0.13
C VAL A 134 27.85 -18.89 -1.26
N GLY A 135 28.70 -19.75 -1.81
CA GLY A 135 28.51 -20.25 -3.15
C GLY A 135 29.45 -19.59 -4.14
N VAL A 136 30.08 -18.50 -3.72
CA VAL A 136 30.95 -17.74 -4.61
C VAL A 136 32.37 -17.65 -4.07
N ASN A 137 32.52 -17.31 -2.78
CA ASN A 137 33.85 -17.23 -2.20
C ASN A 137 33.86 -17.62 -0.72
N GLU A 138 33.01 -18.57 -0.34
CA GLU A 138 32.99 -19.01 1.06
C GLU A 138 34.22 -19.87 1.34
N ASN A 139 34.83 -20.40 0.28
CA ASN A 139 36.00 -21.25 0.43
C ASN A 139 37.28 -20.43 0.61
N SER A 140 37.16 -19.12 0.48
CA SER A 140 38.29 -18.22 0.69
C SER A 140 38.42 -17.87 2.17
N TYR A 141 37.61 -18.54 3.00
CA TYR A 141 37.70 -18.32 4.44
C TYR A 141 38.93 -19.00 5.00
N GLU A 142 39.70 -18.23 5.78
CA GLU A 142 40.89 -18.75 6.42
C GLU A 142 40.68 -18.82 7.93
N LYS A 143 41.18 -19.91 8.53
CA LYS A 143 41.06 -20.17 9.97
C LYS A 143 41.49 -18.97 10.82
N SER A 144 42.31 -18.10 10.24
CA SER A 144 42.85 -16.93 10.91
C SER A 144 41.88 -15.76 10.97
N MET A 145 40.97 -15.70 10.00
CA MET A 145 40.00 -14.62 9.93
C MET A 145 39.09 -14.61 11.16
N SER A 146 39.23 -13.59 11.99
CA SER A 146 38.46 -13.49 13.22
C SER A 146 37.12 -12.77 13.01
N VAL A 147 37.10 -11.83 12.07
CA VAL A 147 35.90 -11.03 11.81
C VAL A 147 35.61 -10.99 10.30
N VAL A 148 34.37 -11.27 9.93
CA VAL A 148 33.98 -11.36 8.52
C VAL A 148 32.69 -10.63 8.24
N SER A 149 32.31 -10.56 6.97
CA SER A 149 31.03 -10.02 6.56
C SER A 149 30.37 -10.91 5.52
N ASN A 150 29.05 -10.86 5.46
CA ASN A 150 28.31 -11.64 4.49
C ASN A 150 27.79 -10.75 3.38
N ALA A 151 28.41 -9.58 3.23
CA ALA A 151 27.95 -8.56 2.30
C ALA A 151 26.51 -8.17 2.61
N SER A 152 25.73 -7.91 1.57
CA SER A 152 24.33 -7.50 1.72
C SER A 152 23.36 -8.44 1.02
N THR A 154 21.28 -7.83 -1.39
CA THR A 154 21.34 -7.59 -2.82
C THR A 154 22.59 -8.18 -3.46
N THR A 155 23.73 -8.03 -2.80
CA THR A 155 24.98 -8.59 -3.31
C THR A 155 24.88 -10.09 -3.44
N ASN A 156 24.21 -10.72 -2.47
CA ASN A 156 24.03 -12.17 -2.46
C ASN A 156 23.10 -12.63 -3.57
N CYS A 157 22.34 -11.70 -4.15
CA CYS A 157 21.53 -12.04 -5.31
C CYS A 157 22.34 -11.92 -6.59
N LEU A 158 22.94 -10.75 -6.82
CA LEU A 158 23.64 -10.48 -8.06
C LEU A 158 24.84 -11.40 -8.30
N ALA A 159 25.52 -11.81 -7.23
CA ALA A 159 26.80 -12.52 -7.36
C ALA A 159 26.74 -13.96 -7.89
N PRO A 160 25.82 -14.80 -7.37
CA PRO A 160 25.79 -16.17 -7.92
C PRO A 160 25.43 -16.20 -9.40
N LEU A 161 24.62 -15.23 -9.82
CA LEU A 161 24.23 -15.09 -11.21
C LEU A 161 25.40 -14.59 -12.06
N ALA A 162 26.09 -13.57 -11.54
CA ALA A 162 27.22 -12.98 -12.24
C ALA A 162 28.34 -13.99 -12.43
N LYS A 163 28.55 -14.82 -11.42
CA LYS A 163 29.56 -15.87 -11.47
C LYS A 163 29.28 -16.79 -12.66
N VAL A 164 28.06 -17.30 -12.74
CA VAL A 164 27.66 -18.18 -13.83
C VAL A 164 27.90 -17.52 -15.18
N ILE A 165 27.43 -16.28 -15.29
CA ILE A 165 27.53 -15.54 -16.54
C ILE A 165 28.98 -15.29 -16.94
N HIS A 166 29.72 -14.68 -16.03
CA HIS A 166 31.08 -14.29 -16.33
C HIS A 166 31.97 -15.50 -16.58
N ASP A 167 31.58 -16.65 -16.04
CA ASP A 167 32.38 -17.86 -16.22
C ASP A 167 32.05 -18.54 -17.53
N LYS A 168 30.81 -18.38 -18.00
CA LYS A 168 30.36 -19.09 -19.18
C LYS A 168 30.44 -18.24 -20.45
N PHE A 169 30.13 -16.96 -20.34
CA PHE A 169 30.09 -16.09 -21.50
C PHE A 169 30.89 -14.81 -21.29
N GLU A 170 31.36 -14.61 -20.06
CA GLU A 170 32.15 -13.44 -19.66
C GLU A 170 31.36 -12.14 -19.79
N ILE A 171 31.25 -11.42 -18.68
CA ILE A 171 30.64 -10.10 -18.71
C ILE A 171 31.74 -9.09 -18.93
N VAL A 172 31.75 -8.47 -20.11
CA VAL A 172 32.70 -7.42 -20.41
C VAL A 172 32.43 -6.25 -19.45
N GLU A 173 31.27 -5.63 -19.61
CA GLU A 173 30.84 -4.56 -18.72
C GLU A 173 29.38 -4.76 -18.34
N GLY A 174 28.99 -4.31 -17.14
CA GLY A 174 27.64 -4.51 -16.67
C GLY A 174 27.08 -3.47 -15.70
N LEU A 175 25.78 -3.28 -15.75
CA LEU A 175 25.08 -2.37 -14.83
C LEU A 175 23.85 -3.05 -14.24
N MET A 176 23.50 -2.68 -13.00
CA MET A 176 22.44 -3.34 -12.26
C MET A 176 21.47 -2.35 -11.62
N THR A 177 20.18 -2.71 -11.59
CA THR A 177 19.22 -1.99 -10.77
C THR A 177 18.43 -3.00 -9.97
N THR A 178 18.26 -2.76 -8.68
CA THR A 178 17.43 -3.64 -7.90
C THR A 178 16.16 -2.92 -7.44
N VAL A 179 15.02 -3.41 -7.92
CA VAL A 179 13.74 -2.97 -7.41
C VAL A 179 13.56 -3.62 -6.05
N HIS A 180 13.73 -2.81 -5.00
CA HIS A 180 13.87 -3.34 -3.65
C HIS A 180 12.68 -2.96 -2.78
N SER A 181 12.27 -3.89 -1.92
CA SER A 181 11.24 -3.62 -0.93
C SER A 181 11.76 -2.59 0.06
N PHE A 182 10.88 -1.95 0.80
CA PHE A 182 11.36 -0.99 1.79
C PHE A 182 11.88 -1.71 3.02
N THR A 183 12.78 -1.05 3.74
CA THR A 183 13.41 -1.61 4.93
C THR A 183 13.18 -0.73 6.15
N ALA A 184 13.59 -1.23 7.31
CA ALA A 184 13.37 -0.55 8.59
C ALA A 184 14.00 0.84 8.67
N THR A 185 14.82 1.18 7.69
CA THR A 185 15.53 2.45 7.72
C THR A 185 14.69 3.58 7.12
N GLN A 186 13.52 3.23 6.60
CA GLN A 186 12.68 4.22 5.93
C GLN A 186 11.55 4.71 6.83
N LYS A 187 10.86 5.75 6.37
CA LYS A 187 9.81 6.37 7.16
C LYS A 187 8.43 6.06 6.59
N VAL A 188 7.43 6.02 7.46
CA VAL A 188 6.06 5.78 7.00
C VAL A 188 5.52 7.03 6.30
N VAL A 189 6.00 8.19 6.72
CA VAL A 189 5.60 9.45 6.13
C VAL A 189 6.84 10.34 6.05
N ASP A 190 6.79 11.37 5.23
CA ASP A 190 7.94 12.28 5.07
C ASP A 190 8.50 12.66 6.43
N GLY A 191 9.66 12.11 6.74
CA GLY A 191 10.32 12.39 8.00
C GLY A 191 11.77 12.74 7.78
N PRO A 192 12.50 13.06 8.86
CA PRO A 192 13.91 13.45 8.80
C PRO A 192 14.84 12.34 8.34
N SER A 193 15.78 12.69 7.47
CA SER A 193 16.78 11.76 6.93
C SER A 193 17.97 12.55 6.38
N SER A 194 18.65 13.26 7.29
CA SER A 194 19.62 14.30 6.95
C SER A 194 20.65 13.90 5.89
N LYS A 195 21.10 12.65 5.91
CA LYS A 195 22.21 12.24 5.06
C LYS A 195 21.69 11.78 3.71
N LEU A 196 20.47 11.24 3.71
CA LEU A 196 19.85 10.73 2.50
C LEU A 196 18.39 11.18 2.41
N TRP A 197 18.19 12.32 1.79
CA TRP A 197 16.90 13.00 1.76
C TRP A 197 15.76 12.17 1.21
N ARG A 198 16.01 11.47 0.12
CA ARG A 198 14.95 10.74 -0.57
C ARG A 198 14.36 9.65 0.31
N ASP A 199 15.17 9.13 1.23
CA ASP A 199 14.73 8.06 2.11
C ASP A 199 13.88 8.61 3.26
N GLY A 200 13.87 9.92 3.42
CA GLY A 200 13.02 10.54 4.42
C GLY A 200 11.58 10.48 4.00
N ARG A 201 11.36 10.44 2.69
CA ARG A 201 10.02 10.49 2.13
C ARG A 201 9.21 9.26 2.53
N GLY A 202 7.88 9.40 2.54
CA GLY A 202 6.99 8.30 2.86
C GLY A 202 7.27 7.06 2.04
N ALA A 203 7.58 5.96 2.71
CA ALA A 203 8.03 4.74 2.03
C ALA A 203 6.94 4.11 1.16
N MET A 204 5.69 4.44 1.45
CA MET A 204 4.59 3.71 0.84
C MET A 204 3.83 4.58 -0.17
N GLN A 205 4.26 5.82 -0.32
CA GLN A 205 3.65 6.74 -1.28
C GLN A 205 4.52 6.89 -2.53
N ASN A 206 5.81 6.55 -2.40
CA ASN A 206 6.78 6.90 -3.42
C ASN A 206 7.60 5.74 -3.98
N ILE A 207 8.06 5.93 -5.21
CA ILE A 207 9.20 5.20 -5.72
C ILE A 207 10.39 6.07 -5.35
N ILE A 208 11.43 5.48 -4.75
CA ILE A 208 12.52 6.26 -4.20
C ILE A 208 13.86 5.79 -4.75
N PRO A 209 14.52 6.63 -5.55
CA PRO A 209 15.88 6.30 -5.99
C PRO A 209 16.82 6.27 -4.80
N ALA A 210 17.58 5.19 -4.68
CA ALA A 210 18.58 5.08 -3.62
C ALA A 210 19.88 4.57 -4.23
N SER A 211 20.92 4.49 -3.41
CA SER A 211 22.19 3.94 -3.89
C SER A 211 22.56 2.71 -3.08
N THR A 212 22.96 1.65 -3.77
CA THR A 212 23.48 0.48 -3.08
C THR A 212 24.94 0.27 -3.47
N GLY A 213 25.77 -0.02 -2.48
CA GLY A 213 27.16 -0.35 -2.72
C GLY A 213 27.28 -1.85 -2.80
N ALA A 214 26.33 -2.47 -3.49
CA ALA A 214 26.23 -3.92 -3.54
C ALA A 214 26.64 -4.46 -4.89
N ALA A 215 26.94 -3.56 -5.83
CA ALA A 215 27.31 -3.99 -7.17
C ALA A 215 28.82 -3.92 -7.36
N LYS A 216 29.45 -2.87 -6.82
CA LYS A 216 30.90 -2.80 -6.79
C LYS A 216 31.42 -3.82 -5.79
N ALA A 217 30.60 -4.11 -4.78
CA ALA A 217 30.94 -5.07 -3.74
C ALA A 217 31.07 -6.47 -4.28
N VAL A 218 30.41 -6.75 -5.40
CA VAL A 218 30.59 -7.99 -6.12
C VAL A 218 32.05 -8.08 -6.55
N GLY A 219 32.60 -6.92 -6.87
CA GLY A 219 33.99 -6.82 -7.26
C GLY A 219 34.94 -7.29 -6.17
N LYS A 220 34.57 -7.03 -4.93
CA LYS A 220 35.39 -7.49 -3.81
C LYS A 220 35.22 -9.00 -3.63
N VAL A 221 34.09 -9.53 -4.08
CA VAL A 221 33.81 -10.96 -3.97
C VAL A 221 34.30 -11.66 -5.22
N ILE A 222 34.14 -11.00 -6.36
CA ILE A 222 34.74 -11.48 -7.60
C ILE A 222 35.56 -10.35 -8.19
N PRO A 223 36.88 -10.39 -7.98
CA PRO A 223 37.80 -9.36 -8.48
C PRO A 223 37.74 -9.23 -9.99
N ALA A 224 37.48 -10.33 -10.68
CA ALA A 224 37.44 -10.37 -12.14
C ALA A 224 36.46 -9.33 -12.71
N LEU A 225 35.48 -8.96 -11.89
CA LEU A 225 34.48 -7.99 -12.31
C LEU A 225 34.49 -6.73 -11.43
N ASN A 226 35.64 -6.44 -10.85
CA ASN A 226 35.77 -5.22 -10.05
C ASN A 226 36.06 -4.03 -10.95
N GLY A 227 35.16 -3.05 -10.94
CA GLY A 227 35.29 -1.88 -11.78
C GLY A 227 34.58 -2.06 -13.11
N LYS A 228 34.17 -3.29 -13.39
CA LYS A 228 33.48 -3.61 -14.64
C LYS A 228 31.97 -3.67 -14.43
N LEU A 229 31.54 -3.56 -13.18
CA LEU A 229 30.11 -3.63 -12.84
C LEU A 229 29.74 -2.72 -11.67
N THR A 230 28.58 -2.08 -11.78
CA THR A 230 28.04 -1.26 -10.69
C THR A 230 26.54 -1.06 -10.88
N GLY A 231 25.90 -0.34 -9.95
CA GLY A 231 24.49 -0.08 -10.07
C GLY A 231 23.80 0.58 -8.89
N MET A 232 22.52 0.90 -9.06
CA MET A 232 21.75 1.58 -8.03
C MET A 232 20.41 0.87 -7.78
N ALA A 233 19.55 1.50 -6.99
CA ALA A 233 18.31 0.84 -6.57
C ALA A 233 17.10 1.77 -6.61
N PHE A 234 15.94 1.19 -6.87
CA PHE A 234 14.68 1.91 -6.70
C PHE A 234 13.89 1.26 -5.57
N ARG A 235 13.54 2.05 -4.57
CA ARG A 235 12.80 1.54 -3.43
C ARG A 235 11.31 1.64 -3.69
N VAL A 236 10.60 0.52 -3.56
CA VAL A 236 9.18 0.48 -3.90
C VAL A 236 8.32 0.00 -2.72
N PRO A 237 7.03 0.35 -2.73
CA PRO A 237 6.15 0.00 -1.60
C PRO A 237 5.80 -1.48 -1.48
N THR A 238 6.79 -2.30 -1.14
CA THR A 238 6.54 -3.70 -0.81
C THR A 238 7.28 -4.07 0.47
N PRO A 239 6.72 -4.99 1.26
CA PRO A 239 7.29 -5.36 2.56
C PRO A 239 8.50 -6.28 2.51
N ASP A 240 8.64 -7.06 1.44
CA ASP A 240 9.72 -8.04 1.33
C ASP A 240 9.81 -8.59 -0.09
N VAL A 241 10.93 -9.24 -0.38
CA VAL A 241 11.28 -9.78 -1.70
C VAL A 241 11.64 -8.64 -2.63
N SER A 242 12.84 -8.69 -3.17
CA SER A 242 13.28 -7.70 -4.13
C SER A 242 13.67 -8.42 -5.41
N VAL A 243 14.09 -7.66 -6.42
CA VAL A 243 14.50 -8.26 -7.68
C VAL A 243 15.71 -7.49 -8.23
N VAL A 244 16.58 -8.21 -8.91
CA VAL A 244 17.75 -7.60 -9.52
C VAL A 244 17.56 -7.52 -11.03
N ASP A 245 17.81 -6.35 -11.60
CA ASP A 245 17.70 -6.13 -13.04
C ASP A 245 19.09 -5.91 -13.63
N LEU A 246 19.67 -6.99 -14.16
CA LEU A 246 21.05 -6.92 -14.65
C LEU A 246 21.16 -6.80 -16.16
N THR A 247 21.70 -5.67 -16.60
CA THR A 247 22.02 -5.46 -18.00
C THR A 247 23.53 -5.56 -18.17
N CYS A 248 23.98 -6.31 -19.16
CA CYS A 248 25.42 -6.51 -19.34
C CYS A 248 25.81 -6.88 -20.77
N ARG A 249 27.11 -6.70 -21.06
CA ARG A 249 27.68 -7.04 -22.35
C ARG A 249 28.51 -8.31 -22.27
N LEU A 250 28.12 -9.31 -23.05
CA LEU A 250 28.79 -10.61 -23.04
C LEU A 250 29.99 -10.62 -23.98
N GLY A 251 31.12 -11.14 -23.49
CA GLY A 251 32.30 -11.30 -24.31
C GLY A 251 32.05 -12.34 -25.39
N LYS A 252 31.44 -13.45 -24.99
CA LYS A 252 30.99 -14.48 -25.91
C LYS A 252 29.58 -14.18 -26.42
N GLY A 253 29.30 -14.57 -27.66
CA GLY A 253 27.95 -14.52 -28.17
C GLY A 253 27.10 -15.59 -27.52
N ALA A 254 26.00 -15.19 -26.92
CA ALA A 254 25.09 -16.15 -26.29
C ALA A 254 23.64 -15.82 -26.62
N SER A 255 22.91 -16.84 -27.07
CA SER A 255 21.49 -16.68 -27.31
C SER A 255 20.75 -16.88 -26.00
N TYR A 256 19.47 -16.58 -25.98
CA TYR A 256 18.74 -16.60 -24.73
C TYR A 256 18.57 -18.03 -24.22
N GLU A 257 18.18 -18.92 -25.13
CA GLU A 257 18.09 -20.34 -24.82
C GLU A 257 19.42 -20.79 -24.21
N GLU A 258 20.49 -20.30 -24.81
CA GLU A 258 21.86 -20.63 -24.42
C GLU A 258 22.18 -20.10 -23.03
N ILE A 259 21.50 -19.01 -22.65
CA ILE A 259 21.63 -18.44 -21.32
C ILE A 259 20.76 -19.19 -20.33
N LYS A 260 19.53 -19.47 -20.74
CA LYS A 260 18.57 -20.19 -19.90
C LYS A 260 19.16 -21.51 -19.42
N ALA A 261 19.87 -22.19 -20.32
CA ALA A 261 20.48 -23.46 -19.99
C ALA A 261 21.67 -23.26 -19.06
N ALA A 262 22.38 -22.15 -19.24
CA ALA A 262 23.56 -21.85 -18.44
C ALA A 262 23.21 -21.78 -16.96
N VAL A 263 22.06 -21.20 -16.65
CA VAL A 263 21.65 -21.00 -15.27
C VAL A 263 20.98 -22.24 -14.70
N LYS A 264 20.17 -22.89 -15.52
CA LYS A 264 19.45 -24.10 -15.12
C LYS A 264 20.42 -25.19 -14.68
N ALA A 265 21.60 -25.19 -15.28
CA ALA A 265 22.62 -26.21 -15.02
C ALA A 265 23.32 -25.95 -13.69
N ALA A 266 23.49 -24.68 -13.34
CA ALA A 266 24.17 -24.32 -12.10
C ALA A 266 23.21 -24.36 -10.91
N ALA A 267 21.92 -24.16 -11.17
CA ALA A 267 20.92 -24.19 -10.11
C ALA A 267 20.67 -25.60 -9.61
N SER A 268 21.02 -26.58 -10.43
CA SER A 268 20.91 -27.98 -10.04
C SER A 268 22.27 -28.52 -9.60
N GLY A 269 23.34 -27.93 -10.13
CA GLY A 269 24.69 -28.35 -9.83
C GLY A 269 25.20 -27.90 -8.47
N PRO A 270 26.34 -27.19 -8.45
CA PRO A 270 27.01 -26.76 -7.22
C PRO A 270 26.36 -25.54 -6.54
N LEU A 271 25.54 -24.79 -7.27
CA LEU A 271 24.85 -23.64 -6.70
C LEU A 271 23.47 -24.01 -6.19
N LYS A 272 23.17 -25.31 -6.19
CA LYS A 272 21.91 -25.83 -5.69
C LYS A 272 21.73 -25.39 -4.24
N GLY A 273 20.64 -24.66 -3.99
CA GLY A 273 20.38 -24.12 -2.67
C GLY A 273 20.64 -22.64 -2.60
N ILE A 274 21.53 -22.17 -3.48
CA ILE A 274 21.88 -20.76 -3.54
C ILE A 274 21.16 -20.09 -4.70
N LEU A 275 21.52 -20.50 -5.90
CA LEU A 275 20.87 -19.99 -7.10
C LEU A 275 19.75 -20.91 -7.53
N GLU A 276 18.60 -20.32 -7.85
CA GLU A 276 17.46 -21.10 -8.34
C GLU A 276 17.08 -20.66 -9.74
N TYR A 277 16.51 -21.58 -10.51
CA TYR A 277 16.08 -21.31 -11.86
C TYR A 277 14.57 -21.56 -11.99
N THR A 278 13.85 -20.63 -12.61
CA THR A 278 12.41 -20.80 -12.80
C THR A 278 11.92 -20.32 -14.15
N GLU A 279 10.77 -20.83 -14.57
CA GLU A 279 10.16 -20.42 -15.83
C GLU A 279 8.69 -20.08 -15.65
N ASP A 280 8.20 -20.16 -14.41
CA ASP A 280 6.80 -19.86 -14.12
C ASP A 280 6.54 -18.36 -14.16
N GLU A 281 5.28 -17.98 -14.31
CA GLU A 281 4.92 -16.58 -14.42
C GLU A 281 4.71 -15.98 -13.02
N VAL A 282 5.82 -15.78 -12.32
CA VAL A 282 5.81 -15.44 -10.90
C VAL A 282 5.83 -13.95 -10.62
N VAL A 283 5.53 -13.60 -9.37
CA VAL A 283 5.58 -12.23 -8.88
C VAL A 283 6.32 -12.22 -7.55
N SER A 284 6.54 -11.03 -7.00
CA SER A 284 7.37 -10.89 -5.82
C SER A 284 6.92 -11.76 -4.67
N SER A 285 5.62 -11.70 -4.35
CA SER A 285 5.11 -12.38 -3.16
C SER A 285 5.22 -13.90 -3.23
N ASP A 286 5.61 -14.42 -4.38
CA ASP A 286 5.81 -15.86 -4.53
C ASP A 286 7.11 -16.31 -3.86
N PHE A 287 7.91 -15.34 -3.39
CA PHE A 287 9.24 -15.62 -2.87
C PHE A 287 9.37 -15.36 -1.37
N VAL A 288 8.31 -14.86 -0.76
CA VAL A 288 8.31 -14.67 0.68
C VAL A 288 8.61 -16.00 1.36
N GLY A 289 9.79 -16.09 1.98
CA GLY A 289 10.20 -17.31 2.66
C GLY A 289 11.18 -18.15 1.86
N SER A 290 11.55 -17.65 0.69
CA SER A 290 12.51 -18.35 -0.17
C SER A 290 13.86 -18.36 0.51
N THR A 291 14.50 -19.52 0.50
CA THR A 291 15.81 -19.68 1.12
C THR A 291 16.90 -19.58 0.07
N SER A 292 16.55 -19.08 -1.10
CA SER A 292 17.52 -18.90 -2.18
C SER A 292 18.10 -17.50 -2.13
N SER A 293 19.33 -17.36 -2.61
CA SER A 293 19.97 -16.06 -2.69
C SER A 293 19.57 -15.36 -3.98
N SER A 294 19.27 -16.16 -5.00
CA SER A 294 18.96 -15.63 -6.32
C SER A 294 18.08 -16.59 -7.09
N ILE A 295 16.96 -16.10 -7.62
CA ILE A 295 16.06 -16.93 -8.42
C ILE A 295 15.93 -16.37 -9.83
N PHE A 296 16.59 -17.02 -10.78
CA PHE A 296 16.60 -16.53 -12.16
C PHE A 296 15.22 -16.61 -12.81
N ASP A 297 14.76 -15.48 -13.34
CA ASP A 297 13.47 -15.43 -14.04
C ASP A 297 13.68 -15.33 -15.54
N ALA A 298 13.47 -16.45 -16.23
CA ALA A 298 13.68 -16.51 -17.67
C ALA A 298 12.68 -15.64 -18.44
N LYS A 299 11.39 -15.88 -18.22
CA LYS A 299 10.33 -15.21 -18.97
C LYS A 299 10.37 -13.69 -18.85
N ALA A 300 11.02 -13.19 -17.80
CA ALA A 300 11.11 -11.76 -17.59
C ALA A 300 12.39 -11.17 -18.19
N GLY A 301 13.42 -12.00 -18.32
CA GLY A 301 14.66 -11.53 -18.91
C GLY A 301 14.53 -11.45 -20.42
N ILE A 302 15.28 -10.54 -21.04
CA ILE A 302 15.23 -10.39 -22.50
C ILE A 302 16.63 -10.22 -23.09
N SER A 303 16.73 -10.36 -24.41
CA SER A 303 18.00 -10.23 -25.11
C SER A 303 17.86 -9.33 -26.33
N LEU A 304 18.53 -8.18 -26.30
CA LEU A 304 18.54 -7.27 -27.44
C LEU A 304 19.25 -7.95 -28.61
N ASN A 305 20.36 -8.63 -28.32
CA ASN A 305 21.05 -9.43 -29.30
C ASN A 305 21.82 -10.52 -28.57
N ASN A 306 22.68 -11.22 -29.28
CA ASN A 306 23.42 -12.34 -28.71
C ASN A 306 24.54 -11.87 -27.80
N ASN A 307 24.74 -10.55 -27.73
CA ASN A 307 25.86 -9.99 -26.98
C ASN A 307 25.42 -8.89 -26.04
N PHE A 308 24.14 -8.55 -26.06
CA PHE A 308 23.60 -7.52 -25.17
C PHE A 308 22.26 -7.97 -24.60
N VAL A 309 22.25 -8.36 -23.32
CA VAL A 309 21.06 -8.95 -22.72
C VAL A 309 20.67 -8.30 -21.40
N LYS A 310 19.44 -8.56 -20.98
CA LYS A 310 18.91 -8.07 -19.72
C LYS A 310 18.37 -9.23 -18.89
N LEU A 311 18.90 -9.40 -17.69
CA LEU A 311 18.55 -10.56 -16.88
C LEU A 311 17.88 -10.14 -15.58
N VAL A 312 16.97 -11.00 -15.10
CA VAL A 312 16.18 -10.70 -13.92
C VAL A 312 16.23 -11.86 -12.93
N SER A 313 16.52 -11.55 -11.67
CA SER A 313 16.58 -12.57 -10.64
C SER A 313 15.92 -12.09 -9.34
N TRP A 314 15.01 -12.92 -8.82
CA TRP A 314 14.31 -12.60 -7.58
C TRP A 314 15.12 -12.99 -6.37
N TYR A 315 14.76 -12.42 -5.22
CA TYR A 315 15.35 -12.82 -3.94
C TYR A 315 14.56 -12.24 -2.77
N ASP A 316 14.36 -13.07 -1.75
CA ASP A 316 13.78 -12.61 -0.50
C ASP A 316 14.84 -11.81 0.25
N ASN A 317 14.75 -10.49 0.19
CA ASN A 317 15.80 -9.64 0.76
C ASN A 317 15.86 -9.72 2.29
N GLU A 318 14.91 -10.43 2.89
CA GLU A 318 14.91 -10.63 4.33
C GLU A 318 15.38 -12.02 4.75
N PHE A 319 14.80 -13.06 4.17
CA PHE A 319 15.02 -14.42 4.67
C PHE A 319 16.03 -15.22 3.86
N GLY A 320 16.22 -14.85 2.60
CA GLY A 320 17.24 -15.47 1.77
C GLY A 320 18.63 -15.15 2.30
N TYR A 321 18.77 -13.94 2.83
CA TYR A 321 20.03 -13.48 3.40
C TYR A 321 20.30 -14.18 4.74
N SER A 322 19.27 -14.30 5.56
CA SER A 322 19.39 -14.92 6.88
C SER A 322 19.78 -16.39 6.79
N CYS A 323 19.32 -17.07 5.73
CA CYS A 323 19.69 -18.46 5.49
C CYS A 323 21.17 -18.58 5.16
N ARG A 324 21.70 -17.58 4.47
CA ARG A 324 23.10 -17.59 4.05
C ARG A 324 24.02 -17.32 5.22
N VAL A 325 23.53 -16.54 6.18
CA VAL A 325 24.29 -16.31 7.40
C VAL A 325 24.51 -17.63 8.12
N VAL A 326 23.47 -18.46 8.18
CA VAL A 326 23.54 -19.77 8.82
C VAL A 326 24.49 -20.71 8.08
N ASP A 327 24.63 -20.50 6.77
CA ASP A 327 25.48 -21.34 5.95
C ASP A 327 26.94 -20.90 6.10
N LEU A 328 27.13 -19.60 6.27
CA LEU A 328 28.45 -19.03 6.52
C LEU A 328 29.01 -19.58 7.82
N ILE A 329 28.14 -19.68 8.82
CA ILE A 329 28.53 -20.19 10.14
C ILE A 329 28.84 -21.68 10.08
N THR A 330 27.97 -22.43 9.42
CA THR A 330 28.12 -23.88 9.32
C THR A 330 29.42 -24.22 8.59
N HIS A 331 29.74 -23.42 7.58
CA HIS A 331 30.97 -23.60 6.82
C HIS A 331 32.22 -23.35 7.67
N MET A 332 32.18 -22.30 8.50
CA MET A 332 33.32 -21.96 9.34
C MET A 332 33.57 -23.01 10.40
N HIS A 333 32.52 -23.37 11.13
CA HIS A 333 32.64 -24.38 12.17
C HIS A 333 33.29 -25.64 11.62
N LYS A 334 33.06 -25.90 10.35
CA LYS A 334 33.78 -26.95 9.64
C LYS A 334 35.25 -26.59 9.60
N VAL A 335 35.57 -25.55 8.82
CA VAL A 335 36.95 -25.10 8.61
C VAL A 335 37.65 -24.75 9.91
N ASP A 336 36.93 -24.12 10.82
CA ASP A 336 37.50 -23.69 12.09
C ASP A 336 38.06 -24.86 12.88
N HIS A 337 37.45 -26.03 12.71
CA HIS A 337 37.62 -27.10 13.69
C HIS A 337 38.43 -28.26 13.13
N ALA A 338 38.16 -28.60 11.87
CA ALA A 338 38.94 -29.57 11.12
C ALA A 338 39.18 -30.87 11.88
N MET B 1 -5.73 45.15 16.51
CA MET B 1 -5.22 45.46 15.19
C MET B 1 -3.72 45.22 15.15
N SER B 2 -3.35 43.98 14.86
CA SER B 2 -1.96 43.53 14.86
C SER B 2 -1.95 42.07 14.40
N ARG B 3 -0.77 41.50 14.24
CA ARG B 3 -0.66 40.10 13.83
C ARG B 3 0.21 39.32 14.82
N ALA B 4 -0.13 38.05 15.00
CA ALA B 4 0.59 37.21 15.95
C ALA B 4 1.99 36.88 15.43
N LYS B 5 2.96 36.91 16.33
CA LYS B 5 4.32 36.53 15.98
C LYS B 5 4.61 35.12 16.49
N VAL B 6 4.66 34.18 15.54
CA VAL B 6 4.64 32.77 15.86
C VAL B 6 5.99 32.09 15.63
N GLY B 7 6.40 31.25 16.58
CA GLY B 7 7.56 30.39 16.41
C GLY B 7 7.16 28.92 16.52
N ILE B 8 7.91 28.05 15.85
CA ILE B 8 7.58 26.63 15.83
C ILE B 8 8.71 25.81 16.43
N ASN B 9 8.37 24.90 17.34
CA ASN B 9 9.33 23.93 17.85
C ASN B 9 8.85 22.52 17.51
N GLY B 10 9.72 21.77 16.82
CA GLY B 10 9.37 20.45 16.36
C GLY B 10 8.95 20.47 14.90
N PHE B 11 9.90 20.22 14.02
CA PHE B 11 9.64 20.36 12.59
C PHE B 11 9.22 19.04 11.96
N GLY B 12 8.31 18.34 12.63
CA GLY B 12 7.75 17.12 12.10
C GLY B 12 6.65 17.40 11.11
N ARG B 13 5.67 16.51 11.02
CA ARG B 13 4.63 16.69 10.02
C ARG B 13 3.52 17.63 10.46
N ILE B 14 3.41 17.89 11.76
CA ILE B 14 2.46 18.89 12.21
C ILE B 14 3.14 20.25 12.13
N GLY B 15 4.42 20.29 12.50
CA GLY B 15 5.19 21.52 12.48
C GLY B 15 5.24 22.18 11.12
N ARG B 16 5.50 21.37 10.09
CA ARG B 16 5.61 21.88 8.74
C ARG B 16 4.25 22.30 8.19
N LEU B 17 3.23 21.51 8.45
CA LEU B 17 1.89 21.75 7.89
C LEU B 17 1.18 22.89 8.62
N VAL B 18 1.66 23.20 9.82
CA VAL B 18 1.19 24.38 10.53
C VAL B 18 1.75 25.61 9.82
N LEU B 19 3.00 25.53 9.39
CA LEU B 19 3.63 26.61 8.64
C LEU B 19 2.89 26.88 7.34
N ARG B 20 2.56 25.82 6.62
CA ARG B 20 1.82 25.96 5.36
C ARG B 20 0.48 26.66 5.58
N ALA B 21 -0.14 26.36 6.72
CA ALA B 21 -1.42 26.95 7.06
C ALA B 21 -1.29 28.44 7.34
N ALA B 22 -0.13 28.84 7.84
CA ALA B 22 0.12 30.23 8.20
C ALA B 22 0.18 31.11 6.95
N PHE B 23 0.77 30.61 5.89
CA PHE B 23 0.88 31.36 4.64
C PHE B 23 -0.37 31.21 3.80
N LEU B 24 -1.15 30.17 4.07
CA LEU B 24 -2.40 29.95 3.36
C LEU B 24 -3.48 30.86 3.92
N LYS B 25 -3.40 31.10 5.23
CA LYS B 25 -4.39 31.93 5.92
C LYS B 25 -3.91 33.38 6.04
N ASN B 26 -2.61 33.56 6.20
CA ASN B 26 -2.01 34.89 6.31
C ASN B 26 -2.66 35.69 7.44
N THR B 27 -2.87 35.04 8.58
CA THR B 27 -3.43 35.70 9.74
C THR B 27 -2.37 35.83 10.83
N VAL B 28 -1.32 35.04 10.70
CA VAL B 28 -0.21 35.07 11.65
C VAL B 28 1.10 35.13 10.88
N ASP B 29 2.17 35.50 11.56
CA ASP B 29 3.49 35.58 10.93
C ASP B 29 4.48 34.67 11.63
N VAL B 30 4.81 33.56 10.98
CA VAL B 30 5.84 32.66 11.48
C VAL B 30 7.19 33.38 11.38
N VAL B 31 7.98 33.33 12.45
CA VAL B 31 9.20 34.12 12.52
C VAL B 31 10.43 33.27 12.86
N SER B 32 10.20 32.04 13.32
CA SER B 32 11.31 31.18 13.74
C SER B 32 10.91 29.71 13.74
N VAL B 33 11.89 28.83 13.54
CA VAL B 33 11.67 27.39 13.67
C VAL B 33 12.88 26.75 14.34
N ASN B 34 12.66 25.59 14.97
CA ASN B 34 13.74 24.91 15.68
C ASN B 34 13.58 23.39 15.61
N ASP B 35 14.61 22.71 15.13
CA ASP B 35 14.65 21.26 15.11
C ASP B 35 16.09 20.79 14.98
N PRO B 36 16.65 20.25 16.08
CA PRO B 36 18.08 19.89 16.12
C PRO B 36 18.47 18.80 15.14
N PHE B 37 17.51 18.29 14.37
CA PHE B 37 17.78 17.24 13.39
C PHE B 37 17.66 17.76 11.97
N ILE B 38 17.17 18.98 11.81
CA ILE B 38 16.87 19.52 10.49
C ILE B 38 17.51 20.88 10.28
N ASP B 39 18.50 20.95 9.39
CA ASP B 39 19.21 22.19 9.11
C ASP B 39 18.45 23.06 8.12
N LEU B 40 19.01 24.24 7.85
CA LEU B 40 18.38 25.21 6.95
C LEU B 40 18.08 24.62 5.58
N GLU B 41 19.08 24.00 4.97
CA GLU B 41 18.92 23.44 3.64
C GLU B 41 17.82 22.37 3.58
N TYR B 42 17.82 21.46 4.55
CA TYR B 42 16.85 20.37 4.58
C TYR B 42 15.42 20.91 4.74
N MET B 43 15.25 21.89 5.63
CA MET B 43 13.93 22.50 5.86
C MET B 43 13.29 22.93 4.55
N VAL B 44 14.09 23.52 3.67
CA VAL B 44 13.64 23.95 2.35
C VAL B 44 13.08 22.76 1.59
N TYR B 45 13.82 21.66 1.58
CA TYR B 45 13.41 20.44 0.91
C TYR B 45 12.08 19.94 1.46
N MET B 46 11.97 19.90 2.77
CA MET B 46 10.79 19.33 3.42
C MET B 46 9.57 20.22 3.23
N ILE B 47 9.82 21.52 3.05
CA ILE B 47 8.77 22.49 2.79
C ILE B 47 8.39 22.45 1.32
N LYS B 48 9.40 22.43 0.45
CA LYS B 48 9.17 22.35 -0.99
C LYS B 48 8.37 21.10 -1.35
N ARG B 49 8.99 19.93 -1.21
CA ARG B 49 8.34 18.70 -1.61
C ARG B 49 7.66 18.00 -0.43
N ASP B 50 6.44 17.53 -0.66
CA ASP B 50 5.68 16.80 0.34
C ASP B 50 4.83 15.73 -0.31
N SER B 51 5.09 14.47 0.04
CA SER B 51 4.44 13.32 -0.60
C SER B 51 2.91 13.39 -0.51
N THR B 52 2.41 13.91 0.60
CA THR B 52 0.98 13.91 0.85
C THR B 52 0.29 15.16 0.29
N HIS B 53 0.83 16.34 0.56
CA HIS B 53 0.14 17.57 0.21
C HIS B 53 0.77 18.28 -0.99
N GLY B 54 1.56 17.54 -1.76
CA GLY B 54 2.18 18.10 -2.95
C GLY B 54 3.17 19.21 -2.64
N THR B 55 3.66 19.86 -3.69
CA THR B 55 4.67 20.89 -3.52
C THR B 55 4.08 22.13 -2.88
N PHE B 56 4.91 22.90 -2.19
CA PHE B 56 4.47 24.11 -1.51
C PHE B 56 3.96 25.13 -2.51
N PRO B 57 2.75 25.66 -2.27
CA PRO B 57 2.11 26.65 -3.12
C PRO B 57 2.59 28.08 -2.84
N GLY B 58 3.76 28.43 -3.36
CA GLY B 58 4.29 29.76 -3.16
C GLY B 58 5.80 29.82 -3.29
N GLU B 59 6.41 30.77 -2.58
CA GLU B 59 7.86 30.97 -2.69
C GLU B 59 8.58 30.60 -1.40
N VAL B 60 9.56 29.71 -1.53
CA VAL B 60 10.40 29.30 -0.41
C VAL B 60 11.86 29.30 -0.85
N SER B 61 12.71 29.94 -0.07
CA SER B 61 14.15 29.95 -0.34
C SER B 61 14.93 30.33 0.90
N THR B 62 16.22 30.60 0.74
CA THR B 62 17.07 30.99 1.85
C THR B 62 17.72 32.34 1.59
N GLU B 63 18.11 33.02 2.66
CA GLU B 63 18.72 34.34 2.54
C GLU B 63 19.39 34.72 3.85
N ASN B 64 20.69 35.02 3.77
CA ASN B 64 21.47 35.50 4.90
C ASN B 64 21.30 34.64 6.14
N GLY B 65 21.39 33.33 5.97
CA GLY B 65 21.29 32.38 7.07
C GLY B 65 19.90 32.29 7.65
N LYS B 66 18.93 32.82 6.90
CA LYS B 66 17.54 32.78 7.33
C LYS B 66 16.70 32.19 6.23
N LEU B 67 15.77 31.32 6.61
CA LEU B 67 14.80 30.77 5.68
C LEU B 67 13.86 31.89 5.20
N LYS B 68 13.52 31.86 3.92
CA LYS B 68 12.67 32.92 3.36
C LYS B 68 11.45 32.32 2.67
N VAL B 69 10.27 32.67 3.15
CA VAL B 69 9.03 32.17 2.57
C VAL B 69 8.12 33.34 2.24
N ASN B 70 7.76 33.45 0.97
CA ASN B 70 6.85 34.51 0.50
C ASN B 70 7.26 35.90 0.95
N GLY B 71 8.57 36.13 1.04
CA GLY B 71 9.07 37.44 1.44
C GLY B 71 9.34 37.63 2.92
N LYS B 72 8.79 36.76 3.76
CA LYS B 72 9.00 36.87 5.20
C LYS B 72 10.24 36.06 5.59
N LEU B 73 11.05 36.63 6.48
CA LEU B 73 12.29 35.97 6.91
C LEU B 73 12.08 35.19 8.20
N ILE B 74 12.65 33.98 8.25
CA ILE B 74 12.45 33.07 9.36
C ILE B 74 13.78 32.56 9.91
N SER B 75 14.07 32.87 11.15
CA SER B 75 15.29 32.40 11.78
C SER B 75 15.24 30.88 12.00
N VAL B 76 16.40 30.25 11.91
CA VAL B 76 16.51 28.80 12.07
C VAL B 76 17.41 28.45 13.25
N HIS B 77 16.98 27.49 14.06
CA HIS B 77 17.79 27.05 15.20
C HIS B 77 17.79 25.52 15.34
N CYS B 78 18.78 25.01 16.06
CA CYS B 78 18.95 23.57 16.23
C CYS B 78 19.13 23.20 17.70
N GLU B 79 18.46 23.95 18.57
CA GLU B 79 18.52 23.70 20.01
C GLU B 79 17.70 22.47 20.39
N ARG B 80 18.30 21.55 21.13
CA ARG B 80 17.56 20.39 21.61
C ARG B 80 16.95 20.67 22.97
N ASP B 81 17.52 21.64 23.68
CA ASP B 81 16.92 22.12 24.92
C ASP B 81 16.10 23.38 24.60
N PRO B 82 14.77 23.29 24.74
CA PRO B 82 13.83 24.37 24.40
C PRO B 82 14.06 25.66 25.18
N ALA B 83 14.76 25.58 26.30
CA ALA B 83 15.06 26.76 27.09
C ALA B 83 16.25 27.51 26.50
N ASN B 84 16.89 26.90 25.51
CA ASN B 84 18.05 27.48 24.86
C ASN B 84 17.69 28.18 23.54
N ILE B 85 16.41 28.17 23.19
CA ILE B 85 15.96 28.81 21.96
C ILE B 85 15.69 30.29 22.21
N PRO B 86 16.36 31.17 21.45
CA PRO B 86 16.24 32.61 21.64
C PRO B 86 14.95 33.20 21.09
N TRP B 87 13.80 32.78 21.62
CA TRP B 87 12.51 33.25 21.15
C TRP B 87 12.39 34.77 21.25
N ASP B 88 13.08 35.35 22.23
CA ASP B 88 13.04 36.79 22.43
C ASP B 88 13.71 37.53 21.28
N LYS B 89 14.94 37.14 20.94
CA LYS B 89 15.68 37.78 19.86
C LYS B 89 14.96 37.59 18.53
N ASP B 90 14.23 36.49 18.42
CA ASP B 90 13.50 36.17 17.20
C ASP B 90 12.15 36.88 17.15
N GLY B 91 11.74 37.47 18.27
CA GLY B 91 10.49 38.20 18.33
C GLY B 91 9.26 37.32 18.32
N ALA B 92 9.46 36.02 18.54
CA ALA B 92 8.36 35.07 18.60
C ALA B 92 7.60 35.20 19.91
N GLU B 93 6.32 35.47 19.82
CA GLU B 93 5.49 35.70 21.00
C GLU B 93 4.68 34.45 21.33
N TYR B 94 4.50 33.60 20.32
CA TYR B 94 3.74 32.37 20.48
C TYR B 94 4.56 31.20 19.93
N VAL B 95 4.74 30.16 20.74
CA VAL B 95 5.55 29.00 20.34
C VAL B 95 4.72 27.73 20.21
N VAL B 96 4.83 27.07 19.07
CA VAL B 96 4.14 25.82 18.84
C VAL B 96 5.00 24.65 19.25
N GLU B 97 4.60 23.97 20.32
CA GLU B 97 5.32 22.78 20.75
C GLU B 97 4.77 21.55 20.04
N SER B 98 5.61 20.93 19.21
CA SER B 98 5.20 19.77 18.43
C SER B 98 6.29 18.71 18.40
N THR B 99 7.10 18.67 19.45
CA THR B 99 8.14 17.66 19.57
C THR B 99 7.60 16.49 20.37
N GLY B 100 6.54 16.75 21.13
CA GLY B 100 5.95 15.74 21.97
C GLY B 100 6.71 15.54 23.27
N VAL B 101 7.95 16.00 23.31
CA VAL B 101 8.78 15.86 24.50
C VAL B 101 8.25 16.73 25.63
N PHE B 102 7.60 17.82 25.29
CA PHE B 102 7.05 18.72 26.29
C PHE B 102 5.54 18.86 26.10
N THR B 103 4.77 18.13 26.93
CA THR B 103 3.32 18.22 26.89
C THR B 103 2.78 18.78 28.19
N THR B 104 3.54 18.63 29.26
CA THR B 104 3.12 19.17 30.56
C THR B 104 3.37 20.66 30.58
N ILE B 105 2.71 21.35 31.52
CA ILE B 105 2.85 22.80 31.64
C ILE B 105 4.28 23.19 31.95
N ASP B 106 4.91 22.47 32.87
CA ASP B 106 6.20 22.90 33.39
C ASP B 106 7.32 22.58 32.39
N LYS B 107 7.14 21.51 31.63
CA LYS B 107 8.07 21.17 30.55
C LYS B 107 7.87 22.10 29.36
N ALA B 108 6.79 22.88 29.40
CA ALA B 108 6.48 23.82 28.33
C ALA B 108 6.91 25.23 28.70
N GLN B 109 7.25 25.43 29.97
CA GLN B 109 7.65 26.76 30.44
C GLN B 109 9.05 27.11 29.98
N ALA B 110 9.67 26.21 29.22
CA ALA B 110 11.02 26.44 28.71
C ALA B 110 11.05 27.63 27.76
N HIS B 111 10.05 27.71 26.89
CA HIS B 111 9.97 28.78 25.90
C HIS B 111 9.65 30.12 26.55
N ILE B 112 9.17 30.08 27.80
CA ILE B 112 8.69 31.27 28.47
C ILE B 112 9.69 31.75 29.52
N LYS B 113 10.54 30.84 29.97
CA LYS B 113 11.58 31.15 30.94
C LYS B 113 12.34 32.42 30.57
N ASN B 114 12.50 33.31 31.54
CA ASN B 114 13.28 34.54 31.38
C ASN B 114 12.84 35.41 30.21
N ASN B 115 11.62 35.96 30.31
CA ASN B 115 11.01 36.84 29.29
C ASN B 115 11.44 36.57 27.85
N ARG B 116 10.63 35.77 27.17
CA ARG B 116 10.96 35.18 25.88
C ARG B 116 9.70 35.09 25.04
N ALA B 117 9.15 33.88 24.94
CA ALA B 117 7.84 33.70 24.34
C ALA B 117 6.78 34.08 25.37
N LYS B 118 5.63 34.56 24.90
CA LYS B 118 4.54 34.92 25.79
C LYS B 118 3.66 33.72 26.06
N LYS B 119 3.30 33.02 24.98
CA LYS B 119 2.42 31.87 25.08
C LYS B 119 3.00 30.67 24.35
N VAL B 120 2.58 29.48 24.75
CA VAL B 120 2.98 28.24 24.09
C VAL B 120 1.75 27.38 23.84
N ILE B 121 1.57 26.98 22.60
CA ILE B 121 0.46 26.10 22.23
C ILE B 121 0.99 24.70 21.98
N ILE B 122 0.44 23.73 22.71
CA ILE B 122 0.90 22.35 22.59
C ILE B 122 0.03 21.63 21.58
N SER B 123 0.65 21.21 20.47
CA SER B 123 -0.08 20.51 19.42
C SER B 123 -0.49 19.12 19.88
N ALA B 124 0.20 18.62 20.89
CA ALA B 124 -0.16 17.34 21.48
C ALA B 124 -1.11 17.58 22.65
N PRO B 125 -2.09 16.69 22.81
CA PRO B 125 -2.97 16.74 24.00
C PRO B 125 -2.15 16.69 25.29
N SER B 126 -2.52 17.52 26.25
CA SER B 126 -1.75 17.66 27.48
C SER B 126 -2.43 17.01 28.67
N ALA B 127 -1.67 16.81 29.74
CA ALA B 127 -2.18 16.19 30.95
C ALA B 127 -2.59 17.23 31.99
N ASP B 128 -1.94 18.39 31.94
CA ASP B 128 -2.25 19.45 32.90
C ASP B 128 -2.65 20.75 32.20
N ALA B 129 -2.01 21.03 31.06
CA ALA B 129 -2.31 22.23 30.29
C ALA B 129 -3.75 22.22 29.78
N PRO B 130 -4.41 23.38 29.83
CA PRO B 130 -5.81 23.54 29.43
C PRO B 130 -6.02 23.24 27.96
N MET B 131 -6.71 22.15 27.66
CA MET B 131 -6.95 21.78 26.27
C MET B 131 -8.19 22.48 25.73
N PHE B 132 -8.08 22.97 24.50
CA PHE B 132 -9.20 23.63 23.86
C PHE B 132 -9.39 23.12 22.44
N VAL B 133 -10.58 23.35 21.90
CA VAL B 133 -10.90 22.98 20.52
C VAL B 133 -11.62 24.14 19.86
N VAL B 134 -11.07 24.62 18.75
CA VAL B 134 -11.62 25.77 18.04
C VAL B 134 -13.00 25.43 17.49
N GLY B 135 -14.01 26.16 17.96
CA GLY B 135 -15.39 25.91 17.60
C GLY B 135 -16.19 25.34 18.75
N VAL B 136 -15.52 25.12 19.89
CA VAL B 136 -16.18 24.54 21.06
C VAL B 136 -15.93 25.37 22.31
N ASN B 137 -14.67 25.72 22.56
CA ASN B 137 -14.35 26.53 23.73
C ASN B 137 -13.17 27.47 23.48
N GLU B 138 -13.17 28.13 22.32
CA GLU B 138 -12.12 29.10 22.02
C GLU B 138 -12.17 30.24 23.01
N ASN B 139 -13.37 30.69 23.33
CA ASN B 139 -13.55 31.88 24.14
C ASN B 139 -13.38 31.59 25.64
N SER B 140 -12.98 30.36 25.96
CA SER B 140 -12.71 29.99 27.35
C SER B 140 -11.26 30.27 27.72
N TYR B 141 -10.49 30.77 26.75
CA TYR B 141 -9.08 31.09 26.97
C TYR B 141 -8.94 32.37 27.82
N GLU B 142 -8.25 32.24 28.94
CA GLU B 142 -7.93 33.39 29.79
C GLU B 142 -6.57 33.96 29.38
N LYS B 143 -6.30 35.21 29.72
CA LYS B 143 -5.11 35.87 29.23
C LYS B 143 -3.88 35.50 30.07
N SER B 144 -4.13 34.80 31.17
CA SER B 144 -3.08 34.51 32.13
C SER B 144 -2.42 33.15 31.92
N MET B 145 -3.00 32.31 31.08
CA MET B 145 -2.53 30.94 30.90
C MET B 145 -1.31 30.89 29.99
N SER B 146 -0.18 30.48 30.56
CA SER B 146 1.09 30.45 29.83
C SER B 146 1.21 29.22 28.94
N VAL B 147 0.74 28.08 29.42
CA VAL B 147 0.74 26.86 28.63
C VAL B 147 -0.69 26.47 28.30
N VAL B 148 -0.88 25.93 27.10
CA VAL B 148 -2.21 25.60 26.61
C VAL B 148 -2.10 24.64 25.42
N SER B 149 -2.95 23.62 25.41
CA SER B 149 -2.91 22.61 24.35
C SER B 149 -4.06 22.79 23.37
N ASN B 150 -3.98 22.08 22.24
CA ASN B 150 -5.00 22.17 21.20
C ASN B 150 -5.68 20.82 20.99
N ALA B 151 -5.67 19.99 22.03
CA ALA B 151 -6.21 18.63 21.97
C ALA B 151 -5.51 17.80 20.89
N SER B 152 -6.11 16.68 20.52
CA SER B 152 -5.59 15.91 19.40
C SER B 152 -6.39 16.25 18.16
N THR B 154 -7.86 13.91 16.34
CA THR B 154 -9.02 13.04 16.48
C THR B 154 -10.05 13.75 17.34
N THR B 155 -9.55 14.39 18.40
CA THR B 155 -10.38 15.15 19.32
C THR B 155 -11.05 16.32 18.62
N ASN B 156 -10.29 17.02 17.77
CA ASN B 156 -10.82 18.21 17.10
C ASN B 156 -11.86 17.88 16.06
N CYS B 157 -12.03 16.59 15.76
CA CYS B 157 -13.02 16.17 14.78
C CYS B 157 -14.36 15.86 15.41
N LEU B 158 -14.35 15.08 16.48
CA LEU B 158 -15.58 14.65 17.14
C LEU B 158 -16.19 15.77 17.97
N ALA B 159 -15.34 16.65 18.51
CA ALA B 159 -15.80 17.72 19.39
C ALA B 159 -16.83 18.67 18.75
N PRO B 160 -16.53 19.22 17.55
CA PRO B 160 -17.53 20.11 16.95
C PRO B 160 -18.88 19.44 16.70
N LEU B 161 -18.84 18.19 16.26
CA LEU B 161 -20.06 17.44 15.98
C LEU B 161 -20.89 17.25 17.24
N ALA B 162 -20.21 16.89 18.33
CA ALA B 162 -20.89 16.64 19.60
C ALA B 162 -21.60 17.88 20.10
N LYS B 163 -21.01 19.05 19.88
CA LYS B 163 -21.62 20.30 20.33
C LYS B 163 -22.81 20.63 19.41
N VAL B 164 -23.11 19.74 18.47
CA VAL B 164 -24.30 19.90 17.65
C VAL B 164 -25.33 18.84 18.03
N ILE B 165 -24.92 17.58 17.89
CA ILE B 165 -25.83 16.46 18.10
C ILE B 165 -26.30 16.41 19.54
N HIS B 166 -25.36 16.41 20.48
CA HIS B 166 -25.72 16.37 21.89
C HIS B 166 -26.39 17.68 22.30
N ASP B 167 -26.01 18.75 21.62
CA ASP B 167 -26.55 20.07 21.92
C ASP B 167 -28.01 20.18 21.53
N LYS B 168 -28.46 19.28 20.65
CA LYS B 168 -29.82 19.35 20.13
C LYS B 168 -30.68 18.17 20.58
N PHE B 169 -30.13 16.96 20.47
CA PHE B 169 -30.90 15.76 20.74
C PHE B 169 -30.41 15.02 22.00
N GLU B 170 -29.25 15.43 22.50
CA GLU B 170 -28.61 14.83 23.68
C GLU B 170 -28.32 13.34 23.53
N ILE B 171 -27.03 13.02 23.48
CA ILE B 171 -26.59 11.63 23.55
C ILE B 171 -26.39 11.30 25.02
N VAL B 172 -27.27 10.45 25.56
CA VAL B 172 -27.16 10.04 26.95
C VAL B 172 -25.79 9.39 27.13
N GLU B 173 -25.42 8.56 26.18
CA GLU B 173 -24.11 7.94 26.15
C GLU B 173 -23.64 7.76 24.71
N GLY B 174 -22.41 7.31 24.54
CA GLY B 174 -21.86 7.14 23.21
C GLY B 174 -20.44 6.63 23.18
N LEU B 175 -20.16 5.75 22.22
CA LEU B 175 -18.83 5.22 21.99
C LEU B 175 -18.32 5.70 20.64
N MET B 176 -17.01 5.66 20.44
CA MET B 176 -16.40 6.23 19.25
C MET B 176 -15.30 5.34 18.68
N THR B 177 -15.10 5.40 17.37
CA THR B 177 -13.96 4.75 16.74
C THR B 177 -13.43 5.64 15.65
N THR B 178 -12.12 5.63 15.43
CA THR B 178 -11.54 6.39 14.32
C THR B 178 -10.65 5.51 13.47
N VAL B 179 -11.04 5.33 12.22
CA VAL B 179 -10.17 4.64 11.27
C VAL B 179 -9.12 5.64 10.83
N HIS B 180 -7.99 5.59 11.51
CA HIS B 180 -6.94 6.59 11.35
C HIS B 180 -5.92 6.15 10.31
N SER B 181 -5.32 7.12 9.63
CA SER B 181 -4.18 6.85 8.78
C SER B 181 -2.97 6.55 9.67
N PHE B 182 -1.83 6.20 9.08
CA PHE B 182 -0.65 6.00 9.91
C PHE B 182 0.11 7.32 10.10
N THR B 183 0.82 7.42 11.21
CA THR B 183 1.59 8.62 11.53
C THR B 183 3.05 8.26 11.76
N ALA B 184 3.92 9.27 11.78
CA ALA B 184 5.37 9.09 11.82
C ALA B 184 5.84 8.27 13.02
N THR B 185 4.95 8.06 13.97
CA THR B 185 5.28 7.30 15.17
C THR B 185 5.29 5.79 14.91
N GLN B 186 5.14 5.43 13.64
CA GLN B 186 4.94 4.03 13.27
C GLN B 186 6.12 3.45 12.49
N LYS B 187 6.02 2.17 12.12
CA LYS B 187 7.12 1.47 11.45
C LYS B 187 6.74 0.99 10.04
N VAL B 188 7.71 1.04 9.14
CA VAL B 188 7.55 0.54 7.78
C VAL B 188 7.49 -0.98 7.77
N VAL B 189 8.33 -1.62 8.57
CA VAL B 189 8.31 -3.07 8.74
C VAL B 189 8.32 -3.36 10.22
N ASP B 190 7.97 -4.59 10.60
CA ASP B 190 7.92 -4.99 12.01
C ASP B 190 9.18 -4.54 12.75
N GLY B 191 8.99 -3.70 13.76
CA GLY B 191 10.11 -3.14 14.50
C GLY B 191 9.79 -2.94 15.96
N PRO B 192 10.69 -2.25 16.69
CA PRO B 192 10.58 -2.10 18.14
C PRO B 192 9.48 -1.15 18.55
N SER B 193 8.79 -1.49 19.65
CA SER B 193 7.70 -0.67 20.18
C SER B 193 7.47 -1.03 21.65
N SER B 194 8.56 -1.02 22.42
CA SER B 194 8.62 -1.52 23.81
C SER B 194 7.31 -1.53 24.61
N LYS B 195 6.64 -0.38 24.70
CA LYS B 195 5.47 -0.24 25.56
C LYS B 195 4.14 -0.50 24.86
N LEU B 196 4.12 -0.32 23.55
CA LEU B 196 2.92 -0.54 22.75
C LEU B 196 3.22 -1.42 21.54
N TRP B 197 3.30 -2.72 21.80
CA TRP B 197 3.76 -3.71 20.82
C TRP B 197 3.08 -3.61 19.47
N ARG B 198 1.78 -3.38 19.50
CA ARG B 198 0.98 -3.31 18.28
C ARG B 198 1.46 -2.24 17.31
N ASP B 199 2.05 -1.18 17.83
CA ASP B 199 2.45 -0.04 16.99
C ASP B 199 3.76 -0.31 16.23
N GLY B 200 4.45 -1.39 16.60
CA GLY B 200 5.69 -1.74 15.94
C GLY B 200 5.50 -2.87 14.96
N ARG B 201 4.50 -2.74 14.10
CA ARG B 201 4.21 -3.76 13.10
C ARG B 201 4.19 -3.10 11.73
N GLY B 202 4.24 -3.91 10.68
CA GLY B 202 4.21 -3.39 9.32
C GLY B 202 2.99 -2.52 9.09
N ALA B 203 3.21 -1.21 9.01
CA ALA B 203 2.11 -0.27 8.88
C ALA B 203 1.39 -0.42 7.54
N MET B 204 2.07 -0.90 6.52
CA MET B 204 1.40 -1.05 5.23
C MET B 204 0.75 -2.41 5.11
N GLN B 205 1.14 -3.33 5.99
CA GLN B 205 0.64 -4.69 5.90
C GLN B 205 -0.58 -4.90 6.79
N ASN B 206 -0.77 -4.02 7.77
CA ASN B 206 -1.66 -4.31 8.89
C ASN B 206 -2.75 -3.30 9.20
N ILE B 207 -3.88 -3.82 9.67
CA ILE B 207 -4.84 -3.02 10.42
C ILE B 207 -4.44 -3.15 11.88
N ILE B 208 -4.08 -2.04 12.51
CA ILE B 208 -3.59 -2.06 13.88
C ILE B 208 -4.57 -1.40 14.82
N PRO B 209 -5.11 -2.17 15.78
CA PRO B 209 -5.97 -1.63 16.83
C PRO B 209 -5.16 -0.85 17.85
N ALA B 210 -5.46 0.43 18.06
CA ALA B 210 -4.72 1.22 19.03
C ALA B 210 -5.67 1.97 19.95
N SER B 211 -5.32 2.03 21.23
CA SER B 211 -6.12 2.76 22.20
C SER B 211 -5.92 4.27 22.03
N THR B 212 -6.94 5.05 22.38
CA THR B 212 -6.82 6.51 22.37
C THR B 212 -7.80 7.15 23.36
N GLY B 213 -7.30 8.10 24.13
CA GLY B 213 -8.13 8.81 25.08
C GLY B 213 -8.76 10.04 24.46
N ALA B 214 -8.52 10.21 23.16
CA ALA B 214 -8.99 11.38 22.43
C ALA B 214 -10.51 11.48 22.43
N ALA B 215 -11.17 10.37 22.76
CA ALA B 215 -12.62 10.37 22.90
C ALA B 215 -13.01 10.53 24.37
N LYS B 216 -12.11 10.13 25.27
CA LYS B 216 -12.30 10.38 26.68
C LYS B 216 -11.98 11.84 26.99
N ALA B 217 -11.20 12.45 26.10
CA ALA B 217 -10.74 13.83 26.28
C ALA B 217 -11.83 14.83 25.91
N VAL B 218 -12.97 14.33 25.45
CA VAL B 218 -14.09 15.18 25.11
C VAL B 218 -14.62 15.89 26.34
N GLY B 219 -14.58 15.17 27.47
CA GLY B 219 -15.09 15.69 28.72
C GLY B 219 -14.37 16.95 29.17
N LYS B 220 -13.20 17.20 28.62
CA LYS B 220 -12.42 18.38 28.97
C LYS B 220 -12.96 19.61 28.24
N VAL B 221 -13.38 19.45 27.00
CA VAL B 221 -13.86 20.58 26.20
C VAL B 221 -15.37 20.73 26.31
N ILE B 222 -16.06 19.62 26.56
CA ILE B 222 -17.48 19.67 26.86
C ILE B 222 -17.72 18.89 28.14
N PRO B 223 -17.76 19.60 29.28
CA PRO B 223 -17.95 19.00 30.60
C PRO B 223 -19.21 18.15 30.69
N ALA B 224 -20.25 18.57 29.98
CA ALA B 224 -21.52 17.85 29.97
C ALA B 224 -21.34 16.41 29.47
N LEU B 225 -20.29 16.17 28.70
CA LEU B 225 -20.06 14.85 28.14
C LEU B 225 -18.95 14.07 28.85
N ASN B 226 -18.48 14.60 29.98
CA ASN B 226 -17.51 13.88 30.79
C ASN B 226 -18.03 12.52 31.20
N GLY B 227 -17.32 11.48 30.79
CA GLY B 227 -17.69 10.13 31.16
C GLY B 227 -18.81 9.56 30.31
N LYS B 228 -19.34 10.38 29.42
CA LYS B 228 -20.39 9.94 28.49
C LYS B 228 -19.76 9.52 27.17
N LEU B 229 -18.50 9.88 26.97
CA LEU B 229 -17.80 9.58 25.73
C LEU B 229 -16.46 8.92 25.96
N THR B 230 -16.16 7.94 25.11
CA THR B 230 -14.85 7.31 25.06
C THR B 230 -14.80 6.41 23.82
N GLY B 231 -13.59 6.08 23.36
CA GLY B 231 -13.45 5.32 22.14
C GLY B 231 -12.05 4.81 21.83
N MET B 232 -11.89 4.23 20.65
CA MET B 232 -10.61 3.65 20.23
C MET B 232 -10.19 4.12 18.85
N ALA B 233 -9.19 3.44 18.29
CA ALA B 233 -8.63 3.83 17.00
C ALA B 233 -8.12 2.64 16.21
N PHE B 234 -8.38 2.66 14.92
CA PHE B 234 -7.77 1.71 14.00
C PHE B 234 -6.89 2.45 13.01
N ARG B 235 -5.69 1.94 12.81
CA ARG B 235 -4.78 2.54 11.88
C ARG B 235 -4.67 1.64 10.66
N VAL B 236 -4.82 2.24 9.49
CA VAL B 236 -4.89 1.50 8.23
C VAL B 236 -3.83 2.00 7.25
N PRO B 237 -3.51 1.19 6.22
CA PRO B 237 -2.50 1.65 5.28
C PRO B 237 -2.96 2.81 4.37
N THR B 238 -3.15 3.99 4.95
CA THR B 238 -3.37 5.20 4.16
C THR B 238 -2.48 6.29 4.74
N PRO B 239 -1.92 7.14 3.88
CA PRO B 239 -0.93 8.14 4.28
C PRO B 239 -1.53 9.32 5.07
N ASP B 240 -2.80 9.64 4.82
CA ASP B 240 -3.43 10.75 5.52
C ASP B 240 -4.95 10.73 5.36
N VAL B 241 -5.63 11.52 6.20
CA VAL B 241 -7.09 11.62 6.30
C VAL B 241 -7.63 10.42 7.09
N SER B 242 -8.58 10.71 7.98
CA SER B 242 -9.19 9.67 8.80
C SER B 242 -10.67 9.95 8.98
N VAL B 243 -11.38 9.00 9.57
CA VAL B 243 -12.82 9.14 9.73
C VAL B 243 -13.20 8.79 11.16
N VAL B 244 -14.17 9.51 11.71
CA VAL B 244 -14.69 9.23 13.03
C VAL B 244 -15.97 8.41 12.92
N ASP B 245 -16.11 7.40 13.77
CA ASP B 245 -17.25 6.51 13.76
C ASP B 245 -17.98 6.59 15.10
N LEU B 246 -19.05 7.38 15.15
CA LEU B 246 -19.74 7.63 16.41
C LEU B 246 -21.03 6.84 16.52
N THR B 247 -21.06 5.95 17.51
CA THR B 247 -22.25 5.17 17.81
C THR B 247 -22.80 5.63 19.17
N CYS B 248 -23.84 6.45 19.15
CA CYS B 248 -24.35 7.02 20.39
C CYS B 248 -25.85 6.86 20.55
N ARG B 249 -26.29 6.64 21.79
CA ARG B 249 -27.70 6.57 22.12
C ARG B 249 -28.22 7.96 22.42
N LEU B 250 -29.12 8.45 21.56
CA LEU B 250 -29.66 9.79 21.71
C LEU B 250 -30.89 9.80 22.60
N GLY B 251 -30.94 10.77 23.52
CA GLY B 251 -32.10 10.92 24.39
C GLY B 251 -33.33 11.33 23.60
N LYS B 252 -33.31 12.53 23.06
CA LYS B 252 -34.39 13.01 22.21
C LYS B 252 -34.31 12.34 20.84
N GLY B 253 -35.23 11.40 20.61
CA GLY B 253 -35.25 10.63 19.39
C GLY B 253 -35.28 11.45 18.11
N ALA B 254 -34.72 10.89 17.04
CA ALA B 254 -34.68 11.57 15.75
C ALA B 254 -34.43 10.58 14.61
N SER B 255 -35.10 10.79 13.49
CA SER B 255 -34.93 9.96 12.31
C SER B 255 -33.61 10.32 11.62
N TYR B 256 -33.11 9.41 10.79
CA TYR B 256 -31.82 9.59 10.14
C TYR B 256 -31.75 10.86 9.31
N GLU B 257 -32.91 11.39 8.93
CA GLU B 257 -32.98 12.60 8.12
C GLU B 257 -33.11 13.88 8.96
N GLU B 258 -33.77 13.78 10.12
CA GLU B 258 -33.86 14.93 11.02
C GLU B 258 -32.49 15.40 11.48
N ILE B 259 -31.60 14.45 11.76
CA ILE B 259 -30.28 14.76 12.28
C ILE B 259 -29.40 15.36 11.19
N LYS B 260 -29.62 14.95 9.95
CA LYS B 260 -28.91 15.52 8.82
C LYS B 260 -29.19 17.01 8.75
N ALA B 261 -30.44 17.38 8.97
CA ALA B 261 -30.88 18.77 8.94
C ALA B 261 -30.17 19.60 10.00
N ALA B 262 -29.90 18.99 11.15
CA ALA B 262 -29.22 19.67 12.24
C ALA B 262 -27.79 20.04 11.85
N VAL B 263 -27.09 19.12 11.22
CA VAL B 263 -25.68 19.30 10.88
C VAL B 263 -25.51 20.28 9.72
N LYS B 264 -26.45 20.24 8.77
CA LYS B 264 -26.55 21.24 7.70
C LYS B 264 -26.37 22.65 8.24
N ALA B 265 -27.26 23.01 9.17
CA ALA B 265 -27.32 24.36 9.72
C ALA B 265 -26.04 24.74 10.41
N ALA B 266 -25.42 23.77 11.08
CA ALA B 266 -24.18 24.01 11.80
C ALA B 266 -23.04 24.30 10.84
N ALA B 267 -23.14 23.76 9.63
CA ALA B 267 -22.10 23.97 8.63
C ALA B 267 -22.17 25.40 8.08
N SER B 268 -23.37 25.96 8.06
CA SER B 268 -23.58 27.30 7.51
C SER B 268 -23.78 28.34 8.62
N GLY B 269 -23.68 27.90 9.87
CA GLY B 269 -23.80 28.79 11.01
C GLY B 269 -22.49 29.34 11.52
N PRO B 270 -22.34 29.42 12.85
CA PRO B 270 -21.11 29.90 13.50
C PRO B 270 -19.89 29.01 13.26
N LEU B 271 -20.12 27.75 12.93
CA LEU B 271 -19.01 26.83 12.67
C LEU B 271 -18.68 26.78 11.19
N LYS B 272 -19.14 27.80 10.46
CA LYS B 272 -18.80 27.93 9.05
C LYS B 272 -17.28 28.00 8.92
N GLY B 273 -16.66 26.84 8.70
CA GLY B 273 -15.21 26.76 8.59
C GLY B 273 -14.64 25.70 9.52
N ILE B 274 -15.48 25.27 10.47
CA ILE B 274 -15.10 24.23 11.42
C ILE B 274 -15.78 22.93 11.05
N LEU B 275 -17.11 22.90 11.16
CA LEU B 275 -17.88 21.71 10.81
C LEU B 275 -18.42 21.84 9.39
N GLU B 276 -18.16 20.82 8.57
CA GLU B 276 -18.63 20.84 7.19
C GLU B 276 -19.65 19.73 6.99
N TYR B 277 -20.54 19.92 6.01
CA TYR B 277 -21.56 18.94 5.70
C TYR B 277 -21.56 18.61 4.21
N THR B 278 -21.47 17.33 3.89
CA THR B 278 -21.53 16.89 2.51
C THR B 278 -22.49 15.72 2.33
N GLU B 279 -22.87 15.47 1.09
CA GLU B 279 -23.74 14.37 0.76
C GLU B 279 -23.23 13.61 -0.45
N ASP B 280 -21.95 13.81 -0.77
CA ASP B 280 -21.34 13.22 -1.96
C ASP B 280 -20.77 11.84 -1.69
N GLU B 281 -20.60 11.06 -2.76
CA GLU B 281 -20.01 9.73 -2.66
C GLU B 281 -18.52 9.85 -2.40
N VAL B 282 -18.15 10.24 -1.17
CA VAL B 282 -16.78 10.59 -0.88
C VAL B 282 -15.98 9.42 -0.31
N VAL B 283 -14.67 9.44 -0.57
CA VAL B 283 -13.71 8.52 0.01
C VAL B 283 -12.61 9.36 0.64
N SER B 284 -11.64 8.72 1.29
CA SER B 284 -10.68 9.43 2.14
C SER B 284 -9.84 10.46 1.37
N SER B 285 -9.44 10.13 0.15
CA SER B 285 -8.52 11.00 -0.58
C SER B 285 -9.18 12.27 -1.09
N ASP B 286 -10.47 12.44 -0.83
CA ASP B 286 -11.17 13.63 -1.29
C ASP B 286 -10.92 14.80 -0.35
N PHE B 287 -10.50 14.48 0.88
CA PHE B 287 -10.35 15.50 1.91
C PHE B 287 -8.88 15.77 2.23
N VAL B 288 -8.02 15.62 1.23
CA VAL B 288 -6.62 15.91 1.41
C VAL B 288 -6.40 17.41 1.22
N GLY B 289 -5.83 18.06 2.23
CA GLY B 289 -5.61 19.49 2.18
C GLY B 289 -6.83 20.27 2.59
N SER B 290 -7.80 19.55 3.16
CA SER B 290 -9.03 20.16 3.65
C SER B 290 -8.78 20.93 4.94
N THR B 291 -9.50 22.03 5.10
CA THR B 291 -9.26 22.92 6.23
C THR B 291 -10.32 22.74 7.31
N SER B 292 -11.39 22.03 6.97
CA SER B 292 -12.45 21.75 7.94
C SER B 292 -11.92 20.89 9.08
N SER B 293 -12.64 20.86 10.19
CA SER B 293 -12.26 20.00 11.29
C SER B 293 -13.00 18.68 11.20
N SER B 294 -14.20 18.72 10.64
CA SER B 294 -15.10 17.57 10.65
C SER B 294 -16.09 17.66 9.50
N ILE B 295 -16.01 16.71 8.58
CA ILE B 295 -16.94 16.68 7.46
C ILE B 295 -17.91 15.51 7.61
N PHE B 296 -19.18 15.81 7.86
CA PHE B 296 -20.20 14.78 8.02
C PHE B 296 -20.67 14.20 6.69
N ASP B 297 -20.70 12.86 6.62
CA ASP B 297 -21.17 12.16 5.43
C ASP B 297 -22.56 11.57 5.67
N ALA B 298 -23.57 12.18 5.06
CA ALA B 298 -24.94 11.76 5.29
C ALA B 298 -25.21 10.40 4.66
N LYS B 299 -24.54 10.14 3.54
CA LYS B 299 -24.73 8.89 2.81
C LYS B 299 -24.10 7.71 3.55
N ALA B 300 -23.06 7.99 4.32
CA ALA B 300 -22.35 6.94 5.02
C ALA B 300 -23.07 6.54 6.29
N GLY B 301 -23.31 7.51 7.16
CA GLY B 301 -23.94 7.27 8.45
C GLY B 301 -25.36 6.75 8.34
N ILE B 302 -25.71 5.80 9.20
CA ILE B 302 -27.05 5.20 9.19
C ILE B 302 -27.65 5.16 10.59
N SER B 303 -28.96 4.96 10.65
CA SER B 303 -29.69 4.94 11.91
C SER B 303 -30.43 3.62 12.10
N LEU B 304 -30.23 2.97 13.25
CA LEU B 304 -30.96 1.76 13.58
C LEU B 304 -32.42 2.11 13.91
N ASN B 305 -32.61 2.95 14.92
CA ASN B 305 -33.93 3.51 15.19
C ASN B 305 -33.85 5.03 15.25
N ASN B 306 -34.59 5.62 16.17
CA ASN B 306 -34.64 7.07 16.29
C ASN B 306 -33.77 7.56 17.45
N ASN B 307 -33.35 6.62 18.30
CA ASN B 307 -32.54 6.96 19.46
C ASN B 307 -31.17 6.31 19.40
N PHE B 308 -31.00 5.43 18.42
CA PHE B 308 -29.74 4.71 18.27
C PHE B 308 -29.21 4.85 16.85
N VAL B 309 -28.28 5.78 16.66
CA VAL B 309 -27.78 6.10 15.34
C VAL B 309 -26.25 6.03 15.25
N LYS B 310 -25.76 5.79 14.05
CA LYS B 310 -24.32 5.81 13.79
C LYS B 310 -23.99 6.89 12.77
N LEU B 311 -23.00 7.72 13.10
CA LEU B 311 -22.61 8.82 12.24
C LEU B 311 -21.20 8.60 11.75
N VAL B 312 -20.88 9.18 10.60
CA VAL B 312 -19.53 9.08 10.04
C VAL B 312 -19.05 10.47 9.63
N SER B 313 -17.86 10.85 10.09
CA SER B 313 -17.31 12.15 9.74
C SER B 313 -15.82 12.09 9.41
N TRP B 314 -15.44 12.74 8.32
CA TRP B 314 -14.06 12.74 7.86
C TRP B 314 -13.24 13.86 8.45
N TYR B 315 -11.93 13.70 8.42
CA TYR B 315 -11.01 14.77 8.81
C TYR B 315 -9.60 14.50 8.30
N ASP B 316 -8.95 15.55 7.81
CA ASP B 316 -7.52 15.50 7.49
C ASP B 316 -6.75 15.57 8.80
N ASN B 317 -6.24 14.42 9.25
CA ASN B 317 -5.59 14.36 10.56
C ASN B 317 -4.30 15.18 10.61
N GLU B 318 -3.75 15.49 9.43
CA GLU B 318 -2.54 16.30 9.35
C GLU B 318 -2.84 17.79 9.20
N PHE B 319 -3.50 18.15 8.11
CA PHE B 319 -3.65 19.55 7.73
C PHE B 319 -4.78 20.26 8.45
N GLY B 320 -5.93 19.60 8.56
CA GLY B 320 -7.09 20.15 9.26
C GLY B 320 -6.72 20.62 10.65
N TYR B 321 -6.02 19.78 11.39
CA TYR B 321 -5.55 20.11 12.73
C TYR B 321 -4.60 21.30 12.72
N SER B 322 -3.70 21.33 11.73
CA SER B 322 -2.73 22.41 11.61
C SER B 322 -3.44 23.74 11.45
N CYS B 323 -4.55 23.71 10.72
CA CYS B 323 -5.38 24.90 10.53
C CYS B 323 -5.96 25.40 11.85
N ARG B 324 -6.34 24.48 12.72
CA ARG B 324 -6.92 24.84 14.00
C ARG B 324 -5.85 25.41 14.93
N VAL B 325 -4.64 24.93 14.78
CA VAL B 325 -3.52 25.45 15.55
C VAL B 325 -3.38 26.94 15.26
N VAL B 326 -3.40 27.28 13.98
CA VAL B 326 -3.29 28.67 13.55
C VAL B 326 -4.44 29.50 14.08
N ASP B 327 -5.65 28.99 13.91
CA ASP B 327 -6.85 29.68 14.35
C ASP B 327 -6.81 29.97 15.85
N LEU B 328 -6.21 29.07 16.60
CA LEU B 328 -6.16 29.24 18.05
C LEU B 328 -5.23 30.40 18.40
N ILE B 329 -4.08 30.44 17.75
CA ILE B 329 -3.08 31.47 18.01
C ILE B 329 -3.62 32.85 17.69
N THR B 330 -4.16 33.02 16.48
CA THR B 330 -4.66 34.31 16.07
C THR B 330 -5.77 34.75 17.02
N HIS B 331 -6.46 33.78 17.61
CA HIS B 331 -7.46 34.05 18.63
C HIS B 331 -6.80 34.51 19.92
N MET B 332 -5.69 33.87 20.28
CA MET B 332 -4.93 34.27 21.45
C MET B 332 -4.38 35.68 21.30
N HIS B 333 -3.96 36.02 20.08
CA HIS B 333 -3.44 37.34 19.82
C HIS B 333 -4.53 38.39 20.00
N LYS B 334 -5.76 37.98 19.75
CA LYS B 334 -6.89 38.86 19.92
C LYS B 334 -7.05 39.25 21.39
N VAL B 335 -6.98 38.25 22.27
CA VAL B 335 -7.22 38.46 23.69
C VAL B 335 -6.09 39.19 24.40
N ASP B 336 -4.87 38.68 24.28
CA ASP B 336 -3.71 39.27 24.93
C ASP B 336 -3.56 40.74 24.51
N HIS B 337 -3.82 40.99 23.23
CA HIS B 337 -3.75 42.34 22.69
C HIS B 337 -5.14 42.89 22.46
N ALA B 338 -6.01 42.69 23.44
CA ALA B 338 -7.31 43.31 23.44
C ALA B 338 -7.25 44.53 24.33
N MET C 1 -20.50 -43.01 6.78
CA MET C 1 -19.39 -43.72 6.16
C MET C 1 -18.52 -42.78 5.30
N SER C 2 -18.94 -42.56 4.06
CA SER C 2 -18.14 -41.84 3.08
C SER C 2 -17.97 -40.35 3.39
N ARG C 3 -17.06 -39.73 2.66
CA ARG C 3 -16.93 -38.27 2.66
C ARG C 3 -17.77 -37.70 1.52
N ALA C 4 -18.29 -36.49 1.72
CA ALA C 4 -19.13 -35.86 0.72
C ALA C 4 -18.34 -35.50 -0.53
N LYS C 5 -18.87 -35.85 -1.70
CA LYS C 5 -18.23 -35.49 -2.96
C LYS C 5 -18.73 -34.11 -3.41
N VAL C 6 -17.78 -33.19 -3.62
CA VAL C 6 -18.09 -31.78 -3.84
C VAL C 6 -17.59 -31.25 -5.19
N GLY C 7 -18.36 -30.33 -5.77
CA GLY C 7 -17.94 -29.61 -6.96
C GLY C 7 -17.98 -28.10 -6.75
N ILE C 8 -17.21 -27.36 -7.53
CA ILE C 8 -17.13 -25.90 -7.37
C ILE C 8 -17.31 -25.17 -8.70
N ASN C 9 -18.21 -24.19 -8.71
CA ASN C 9 -18.38 -23.35 -9.88
C ASN C 9 -17.95 -21.92 -9.55
N GLY C 10 -17.15 -21.33 -10.43
CA GLY C 10 -16.63 -19.99 -10.21
C GLY C 10 -15.34 -20.00 -9.41
N PHE C 11 -14.23 -20.21 -10.09
CA PHE C 11 -12.94 -20.31 -9.42
C PHE C 11 -12.43 -18.94 -8.98
N GLY C 12 -13.28 -18.19 -8.28
CA GLY C 12 -12.90 -16.86 -7.81
C GLY C 12 -11.99 -16.90 -6.61
N ARG C 13 -11.93 -15.78 -5.90
CA ARG C 13 -11.10 -15.68 -4.70
C ARG C 13 -11.70 -16.56 -3.61
N ILE C 14 -12.97 -16.31 -3.29
CA ILE C 14 -13.66 -17.07 -2.26
C ILE C 14 -14.08 -18.44 -2.75
N GLY C 15 -13.48 -18.90 -3.86
CA GLY C 15 -13.77 -20.20 -4.42
C GLY C 15 -12.54 -21.09 -4.53
N ARG C 16 -11.41 -20.49 -4.88
CA ARG C 16 -10.14 -21.21 -4.93
C ARG C 16 -9.68 -21.58 -3.53
N LEU C 17 -10.11 -20.78 -2.55
CA LEU C 17 -9.69 -20.96 -1.17
C LEU C 17 -10.54 -22.01 -0.48
N VAL C 18 -11.80 -22.11 -0.91
CA VAL C 18 -12.67 -23.16 -0.43
C VAL C 18 -12.02 -24.49 -0.78
N LEU C 19 -11.53 -24.56 -2.01
CA LEU C 19 -10.78 -25.72 -2.47
C LEU C 19 -9.56 -25.96 -1.59
N ARG C 20 -8.80 -24.90 -1.34
CA ARG C 20 -7.59 -25.01 -0.53
C ARG C 20 -7.98 -25.48 0.86
N ALA C 21 -9.20 -25.18 1.27
CA ALA C 21 -9.69 -25.53 2.60
C ALA C 21 -10.12 -27.01 2.69
N ALA C 22 -10.30 -27.65 1.54
CA ALA C 22 -10.79 -29.03 1.52
C ALA C 22 -9.66 -30.03 1.71
N PHE C 23 -8.48 -29.71 1.17
CA PHE C 23 -7.34 -30.60 1.28
C PHE C 23 -6.67 -30.46 2.63
N LEU C 24 -7.09 -29.46 3.40
CA LEU C 24 -6.56 -29.23 4.73
C LEU C 24 -7.36 -30.01 5.77
N LYS C 25 -8.67 -29.78 5.80
CA LYS C 25 -9.54 -30.52 6.70
C LYS C 25 -9.63 -31.99 6.28
N ASN C 26 -9.56 -32.22 4.97
CA ASN C 26 -9.69 -33.56 4.37
C ASN C 26 -10.96 -34.25 4.85
N THR C 27 -12.01 -33.47 5.05
CA THR C 27 -13.29 -33.98 5.53
C THR C 27 -14.20 -34.32 4.36
N VAL C 28 -13.90 -33.77 3.18
CA VAL C 28 -14.71 -34.03 1.99
C VAL C 28 -13.83 -34.21 0.74
N ASP C 29 -14.48 -34.42 -0.39
CA ASP C 29 -13.79 -34.68 -1.65
C ASP C 29 -14.20 -33.71 -2.74
N VAL C 30 -13.24 -32.94 -3.25
CA VAL C 30 -13.47 -32.11 -4.42
C VAL C 30 -13.23 -32.94 -5.65
N VAL C 31 -14.21 -33.01 -6.54
CA VAL C 31 -14.10 -33.86 -7.72
C VAL C 31 -14.13 -33.04 -9.00
N SER C 32 -14.93 -31.98 -9.01
CA SER C 32 -15.09 -31.19 -10.23
C SER C 32 -15.02 -29.69 -9.97
N VAL C 33 -14.53 -28.95 -10.96
CA VAL C 33 -14.53 -27.49 -10.93
C VAL C 33 -14.95 -26.94 -12.28
N ASN C 34 -15.65 -25.81 -12.27
CA ASN C 34 -16.12 -25.23 -13.52
C ASN C 34 -15.88 -23.72 -13.54
N ASP C 35 -15.18 -23.27 -14.58
CA ASP C 35 -14.98 -21.86 -14.84
C ASP C 35 -14.55 -21.71 -16.29
N PRO C 36 -15.40 -21.06 -17.10
CA PRO C 36 -15.12 -20.89 -18.53
C PRO C 36 -13.93 -19.99 -18.82
N PHE C 37 -13.69 -19.00 -17.97
CA PHE C 37 -12.68 -17.99 -18.22
C PHE C 37 -11.28 -18.49 -17.87
N ILE C 38 -11.21 -19.39 -16.90
CA ILE C 38 -9.94 -19.90 -16.41
C ILE C 38 -9.77 -21.34 -16.85
N ASP C 39 -8.82 -21.56 -17.75
CA ASP C 39 -8.56 -22.88 -18.30
C ASP C 39 -7.81 -23.76 -17.29
N LEU C 40 -7.58 -25.02 -17.67
CA LEU C 40 -6.91 -25.98 -16.81
C LEU C 40 -5.49 -25.53 -16.50
N GLU C 41 -4.75 -25.16 -17.54
CA GLU C 41 -3.42 -24.58 -17.45
C GLU C 41 -3.42 -23.52 -16.35
N TYR C 42 -4.29 -22.53 -16.51
CA TYR C 42 -4.41 -21.41 -15.60
C TYR C 42 -4.82 -21.85 -14.19
N MET C 43 -5.72 -22.82 -14.10
CA MET C 43 -6.22 -23.30 -12.81
C MET C 43 -5.09 -23.76 -11.89
N VAL C 44 -4.14 -24.49 -12.46
CA VAL C 44 -2.96 -24.94 -11.71
C VAL C 44 -2.21 -23.75 -11.13
N TYR C 45 -2.00 -22.74 -11.98
CA TYR C 45 -1.27 -21.53 -11.60
C TYR C 45 -1.98 -20.76 -10.51
N MET C 46 -3.28 -20.60 -10.67
CA MET C 46 -4.07 -19.83 -9.72
C MET C 46 -4.07 -20.52 -8.36
N ILE C 47 -4.07 -21.85 -8.39
CA ILE C 47 -4.06 -22.64 -7.17
C ILE C 47 -2.70 -22.63 -6.52
N LYS C 48 -1.67 -22.91 -7.31
CA LYS C 48 -0.31 -23.06 -6.80
C LYS C 48 0.25 -21.75 -6.25
N ARG C 49 -0.02 -20.65 -6.96
CA ARG C 49 0.52 -19.34 -6.58
C ARG C 49 -0.54 -18.42 -6.00
N ASP C 50 -0.37 -18.03 -4.74
CA ASP C 50 -1.30 -17.11 -4.10
C ASP C 50 -0.56 -16.01 -3.35
N SER C 51 -0.91 -14.75 -3.64
CA SER C 51 -0.21 -13.61 -3.09
C SER C 51 -0.49 -13.41 -1.60
N THR C 52 -1.57 -14.02 -1.13
CA THR C 52 -1.99 -13.85 0.26
C THR C 52 -1.64 -15.04 1.14
N HIS C 53 -2.03 -16.23 0.70
CA HIS C 53 -1.93 -17.42 1.53
C HIS C 53 -0.69 -18.25 1.20
N GLY C 54 0.05 -17.81 0.19
CA GLY C 54 1.30 -18.45 -0.18
C GLY C 54 1.14 -19.61 -1.14
N THR C 55 2.26 -20.23 -1.50
CA THR C 55 2.26 -21.36 -2.40
C THR C 55 1.49 -22.52 -1.77
N PHE C 56 0.73 -23.24 -2.60
CA PHE C 56 -0.05 -24.38 -2.13
C PHE C 56 0.86 -25.46 -1.56
N PRO C 57 0.60 -25.86 -0.31
CA PRO C 57 1.34 -26.94 0.33
C PRO C 57 1.02 -28.30 -0.29
N GLY C 58 1.68 -28.62 -1.39
CA GLY C 58 1.44 -29.88 -2.09
C GLY C 58 1.76 -29.82 -3.57
N GLU C 59 1.60 -30.95 -4.24
CA GLU C 59 1.92 -31.02 -5.66
C GLU C 59 0.66 -30.90 -6.52
N VAL C 60 0.46 -29.74 -7.12
CA VAL C 60 -0.65 -29.52 -8.03
C VAL C 60 -0.18 -29.72 -9.46
N SER C 61 -0.77 -30.70 -10.13
CA SER C 61 -0.40 -31.00 -11.51
C SER C 61 -1.61 -31.42 -12.33
N THR C 62 -1.37 -31.79 -13.58
CA THR C 62 -2.41 -32.28 -14.46
C THR C 62 -2.11 -33.73 -14.85
N GLU C 63 -3.16 -34.46 -15.24
CA GLU C 63 -2.96 -35.85 -15.65
C GLU C 63 -4.10 -36.34 -16.54
N ASN C 64 -3.74 -36.80 -17.73
CA ASN C 64 -4.68 -37.40 -18.69
C ASN C 64 -5.80 -36.45 -19.09
N GLY C 65 -5.64 -35.17 -18.79
CA GLY C 65 -6.64 -34.18 -19.16
C GLY C 65 -7.37 -33.54 -17.99
N LYS C 66 -7.20 -34.13 -16.80
CA LYS C 66 -7.86 -33.60 -15.62
C LYS C 66 -6.84 -33.15 -14.58
N LEU C 67 -7.30 -32.35 -13.62
CA LEU C 67 -6.45 -31.75 -12.59
C LEU C 67 -6.19 -32.71 -11.43
N LYS C 68 -4.94 -32.74 -10.95
CA LYS C 68 -4.58 -33.61 -9.83
C LYS C 68 -3.95 -32.81 -8.69
N VAL C 69 -4.34 -33.12 -7.45
CA VAL C 69 -3.85 -32.38 -6.28
C VAL C 69 -3.50 -33.33 -5.12
N ASN C 70 -2.21 -33.60 -4.96
CA ASN C 70 -1.71 -34.60 -4.01
C ASN C 70 -2.49 -35.90 -4.11
N GLY C 71 -2.31 -36.60 -5.23
CA GLY C 71 -2.84 -37.93 -5.40
C GLY C 71 -4.35 -38.03 -5.53
N LYS C 72 -5.00 -36.90 -5.75
CA LYS C 72 -6.44 -36.88 -6.00
C LYS C 72 -6.72 -36.11 -7.29
N LEU C 73 -7.47 -36.73 -8.19
CA LEU C 73 -7.76 -36.13 -9.49
C LEU C 73 -9.10 -35.40 -9.51
N ILE C 74 -9.08 -34.18 -10.04
CA ILE C 74 -10.27 -33.34 -10.11
C ILE C 74 -10.66 -33.08 -11.55
N SER C 75 -11.87 -33.48 -11.93
CA SER C 75 -12.38 -33.19 -13.26
C SER C 75 -12.56 -31.67 -13.41
N VAL C 76 -12.31 -31.17 -14.62
CA VAL C 76 -12.39 -29.73 -14.85
C VAL C 76 -13.33 -29.41 -16.01
N HIS C 77 -14.15 -28.39 -15.83
CA HIS C 77 -15.06 -27.95 -16.88
C HIS C 77 -15.01 -26.44 -17.07
N CYS C 78 -15.52 -25.97 -18.19
CA CYS C 78 -15.50 -24.55 -18.52
C CYS C 78 -16.86 -24.08 -19.00
N GLU C 79 -17.91 -24.63 -18.41
CA GLU C 79 -19.25 -24.32 -18.88
C GLU C 79 -19.76 -23.02 -18.27
N ARG C 80 -20.22 -22.13 -19.15
CA ARG C 80 -20.78 -20.84 -18.76
C ARG C 80 -22.24 -20.99 -18.36
N ASP C 81 -22.83 -22.11 -18.76
CA ASP C 81 -24.21 -22.43 -18.42
C ASP C 81 -24.20 -23.55 -17.38
N PRO C 82 -24.62 -23.21 -16.15
CA PRO C 82 -24.61 -24.12 -15.00
C PRO C 82 -25.41 -25.38 -15.29
N ALA C 83 -26.47 -25.19 -16.07
CA ALA C 83 -27.32 -26.29 -16.47
C ALA C 83 -26.55 -27.31 -17.28
N ASN C 84 -25.48 -26.87 -17.94
CA ASN C 84 -24.74 -27.76 -18.81
C ASN C 84 -23.46 -28.30 -18.15
N ILE C 85 -23.27 -27.97 -16.87
CA ILE C 85 -22.18 -28.58 -16.13
C ILE C 85 -22.63 -29.99 -15.73
N PRO C 86 -21.82 -31.00 -16.07
CA PRO C 86 -22.16 -32.41 -15.83
C PRO C 86 -21.72 -32.93 -14.47
N TRP C 87 -22.36 -32.46 -13.40
CA TRP C 87 -22.03 -32.91 -12.05
C TRP C 87 -22.39 -34.38 -11.88
N ASP C 88 -23.48 -34.79 -12.52
CA ASP C 88 -23.95 -36.17 -12.47
C ASP C 88 -22.86 -37.14 -12.93
N LYS C 89 -22.18 -36.77 -13.99
CA LYS C 89 -21.10 -37.59 -14.54
C LYS C 89 -19.91 -37.59 -13.58
N ASP C 90 -19.43 -36.39 -13.24
CA ASP C 90 -18.27 -36.24 -12.36
C ASP C 90 -18.43 -36.96 -11.04
N GLY C 91 -19.65 -36.93 -10.50
CA GLY C 91 -19.94 -37.53 -9.22
C GLY C 91 -20.11 -36.50 -8.13
N ALA C 92 -20.28 -35.24 -8.54
CA ALA C 92 -20.45 -34.15 -7.59
C ALA C 92 -21.88 -34.11 -7.05
N GLU C 93 -22.04 -34.42 -5.77
CA GLU C 93 -23.34 -34.39 -5.12
C GLU C 93 -23.57 -33.02 -4.48
N TYR C 94 -22.49 -32.38 -4.09
CA TYR C 94 -22.55 -31.07 -3.44
C TYR C 94 -21.84 -30.00 -4.27
N VAL C 95 -22.53 -28.89 -4.51
CA VAL C 95 -21.99 -27.82 -5.35
C VAL C 95 -21.91 -26.50 -4.59
N VAL C 96 -20.77 -25.82 -4.71
CA VAL C 96 -20.58 -24.50 -4.11
C VAL C 96 -20.76 -23.41 -5.16
N GLU C 97 -21.72 -22.52 -4.93
CA GLU C 97 -22.02 -21.48 -5.90
C GLU C 97 -21.28 -20.19 -5.59
N SER C 98 -20.13 -20.01 -6.24
CA SER C 98 -19.30 -18.84 -6.00
C SER C 98 -19.04 -18.08 -7.28
N THR C 99 -20.09 -17.58 -7.90
CA THR C 99 -19.94 -16.75 -9.09
C THR C 99 -20.50 -15.36 -8.81
N GLY C 100 -21.47 -15.30 -7.90
CA GLY C 100 -22.11 -14.05 -7.56
C GLY C 100 -23.38 -13.81 -8.33
N VAL C 101 -23.52 -14.52 -9.45
CA VAL C 101 -24.67 -14.33 -10.33
C VAL C 101 -25.92 -15.01 -9.75
N PHE C 102 -25.78 -16.28 -9.38
CA PHE C 102 -26.93 -17.10 -9.03
C PHE C 102 -27.16 -17.04 -7.53
N THR C 103 -28.34 -16.59 -7.12
CA THR C 103 -28.63 -16.40 -5.71
C THR C 103 -30.02 -16.93 -5.36
N THR C 104 -30.96 -16.78 -6.28
CA THR C 104 -32.31 -17.30 -6.07
C THR C 104 -32.27 -18.81 -6.06
N ILE C 105 -33.22 -19.41 -5.34
CA ILE C 105 -33.35 -20.86 -5.31
C ILE C 105 -33.65 -21.36 -6.72
N ASP C 106 -34.64 -20.75 -7.36
CA ASP C 106 -34.99 -21.11 -8.73
C ASP C 106 -33.85 -20.79 -9.70
N LYS C 107 -32.90 -19.98 -9.26
CA LYS C 107 -31.72 -19.66 -10.05
C LYS C 107 -30.60 -20.66 -9.79
N ALA C 108 -30.39 -21.00 -8.53
CA ALA C 108 -29.34 -21.94 -8.15
C ALA C 108 -29.74 -23.37 -8.44
N GLN C 109 -30.89 -23.55 -9.07
CA GLN C 109 -31.45 -24.88 -9.25
C GLN C 109 -31.08 -25.42 -10.63
N ALA C 110 -30.39 -24.58 -11.40
CA ALA C 110 -29.85 -24.99 -12.70
C ALA C 110 -28.72 -25.98 -12.47
N HIS C 111 -28.23 -26.04 -11.24
CA HIS C 111 -27.24 -27.04 -10.85
C HIS C 111 -27.93 -28.33 -10.43
N ILE C 112 -29.14 -28.22 -9.92
CA ILE C 112 -29.80 -29.38 -9.32
C ILE C 112 -30.50 -30.21 -10.38
N LYS C 113 -31.10 -29.52 -11.36
CA LYS C 113 -31.91 -30.13 -12.43
C LYS C 113 -31.44 -31.50 -12.89
N ASN C 114 -32.37 -32.40 -13.20
CA ASN C 114 -32.04 -33.46 -14.13
C ASN C 114 -30.89 -34.39 -13.67
N ASN C 115 -30.96 -34.87 -12.43
CA ASN C 115 -30.16 -35.99 -11.86
C ASN C 115 -28.68 -35.69 -11.48
N ARG C 116 -28.38 -34.46 -11.06
CA ARG C 116 -27.04 -34.11 -10.57
C ARG C 116 -26.95 -33.57 -9.11
N ALA C 117 -26.87 -32.25 -8.93
CA ALA C 117 -26.59 -31.67 -7.61
C ALA C 117 -27.74 -31.87 -6.63
N LYS C 118 -27.46 -32.58 -5.54
CA LYS C 118 -28.45 -32.82 -4.50
C LYS C 118 -28.81 -31.51 -3.81
N LYS C 119 -27.83 -30.88 -3.17
CA LYS C 119 -28.07 -29.65 -2.44
C LYS C 119 -27.23 -28.53 -3.06
N VAL C 120 -27.80 -27.34 -3.18
CA VAL C 120 -27.08 -26.20 -3.74
C VAL C 120 -26.60 -25.29 -2.63
N ILE C 121 -25.30 -25.03 -2.61
CA ILE C 121 -24.70 -24.24 -1.54
C ILE C 121 -24.14 -22.92 -2.06
N ILE C 122 -24.89 -21.83 -1.83
CA ILE C 122 -24.50 -20.51 -2.30
C ILE C 122 -23.57 -19.84 -1.29
N SER C 123 -22.34 -19.60 -1.72
CA SER C 123 -21.33 -18.97 -0.87
C SER C 123 -21.48 -17.45 -0.87
N ALA C 124 -22.68 -16.98 -0.55
CA ALA C 124 -22.98 -15.56 -0.53
C ALA C 124 -24.37 -15.38 0.07
N PRO C 125 -24.68 -14.17 0.56
CA PRO C 125 -26.04 -13.96 1.07
C PRO C 125 -27.11 -14.20 0.01
N SER C 126 -28.20 -14.83 0.43
CA SER C 126 -29.34 -15.05 -0.44
C SER C 126 -30.61 -14.61 0.25
N ALA C 127 -31.36 -13.73 -0.41
CA ALA C 127 -32.54 -13.13 0.20
C ALA C 127 -33.77 -14.04 0.11
N ASP C 128 -33.59 -15.25 -0.39
CA ASP C 128 -34.68 -16.22 -0.39
C ASP C 128 -34.22 -17.56 0.16
N ALA C 129 -32.99 -17.95 -0.16
CA ALA C 129 -32.44 -19.19 0.35
C ALA C 129 -32.14 -19.04 1.83
N PRO C 130 -32.55 -20.04 2.62
CA PRO C 130 -32.31 -20.03 4.07
C PRO C 130 -30.83 -19.90 4.38
N MET C 131 -30.42 -18.71 4.80
CA MET C 131 -29.02 -18.51 5.20
C MET C 131 -28.76 -19.17 6.54
N PHE C 132 -27.57 -19.74 6.69
CA PHE C 132 -27.22 -20.42 7.93
C PHE C 132 -25.75 -20.18 8.27
N VAL C 133 -25.49 -19.89 9.54
CA VAL C 133 -24.13 -19.64 10.02
C VAL C 133 -23.71 -20.74 11.00
N VAL C 134 -22.75 -21.56 10.57
CA VAL C 134 -22.31 -22.72 11.34
C VAL C 134 -21.90 -22.30 12.75
N GLY C 135 -22.37 -23.03 13.75
CA GLY C 135 -22.09 -22.68 15.12
C GLY C 135 -23.24 -21.92 15.74
N VAL C 136 -24.07 -21.32 14.89
CA VAL C 136 -25.28 -20.64 15.36
C VAL C 136 -26.50 -21.41 14.88
N ASN C 137 -27.02 -21.02 13.71
CA ASN C 137 -28.14 -21.70 13.09
C ASN C 137 -27.67 -22.90 12.29
N GLU C 138 -26.71 -23.64 12.85
CA GLU C 138 -26.15 -24.81 12.19
C GLU C 138 -27.16 -25.95 12.13
N ASN C 139 -27.54 -26.47 13.30
CA ASN C 139 -28.46 -27.60 13.38
C ASN C 139 -29.87 -27.21 12.97
N SER C 140 -30.11 -25.90 12.88
CA SER C 140 -31.42 -25.38 12.47
C SER C 140 -31.70 -25.68 11.00
N TYR C 141 -30.74 -26.30 10.33
CA TYR C 141 -30.87 -26.60 8.92
C TYR C 141 -31.71 -27.85 8.68
N GLU C 142 -32.58 -27.80 7.67
CA GLU C 142 -33.47 -28.91 7.37
C GLU C 142 -33.18 -29.64 6.06
N LYS C 143 -33.35 -30.97 6.11
CA LYS C 143 -33.06 -31.86 4.99
C LYS C 143 -33.97 -31.62 3.79
N SER C 144 -34.99 -30.79 4.00
CA SER C 144 -35.95 -30.49 2.93
C SER C 144 -35.61 -29.18 2.21
N MET C 145 -34.34 -28.80 2.26
CA MET C 145 -33.91 -27.54 1.67
C MET C 145 -32.94 -27.75 0.52
N SER C 146 -33.37 -27.44 -0.69
CA SER C 146 -32.58 -27.72 -1.89
C SER C 146 -31.46 -26.71 -2.10
N VAL C 147 -31.66 -25.48 -1.60
CA VAL C 147 -30.66 -24.44 -1.72
C VAL C 147 -30.51 -23.71 -0.39
N VAL C 148 -29.28 -23.58 0.06
CA VAL C 148 -29.00 -22.85 1.30
C VAL C 148 -27.94 -21.80 1.02
N SER C 149 -27.78 -20.85 1.95
CA SER C 149 -26.74 -19.85 1.82
C SER C 149 -25.95 -19.73 3.12
N ASN C 150 -24.70 -19.30 3.00
CA ASN C 150 -23.82 -19.18 4.16
C ASN C 150 -23.69 -17.71 4.54
N ALA C 151 -24.37 -16.86 3.77
CA ALA C 151 -24.33 -15.41 3.95
C ALA C 151 -22.90 -14.87 3.82
N SER C 152 -22.68 -13.63 4.24
CA SER C 152 -21.39 -12.99 4.02
C SER C 152 -20.32 -13.47 4.99
N THR C 154 -18.49 -11.52 6.76
CA THR C 154 -18.56 -10.62 7.90
C THR C 154 -19.61 -11.10 8.88
N THR C 155 -20.76 -11.48 8.34
CA THR C 155 -21.87 -11.92 9.16
C THR C 155 -21.52 -13.25 9.83
N ASN C 156 -20.56 -13.96 9.26
CA ASN C 156 -20.05 -15.20 9.85
C ASN C 156 -19.10 -14.90 11.01
N CYS C 157 -18.83 -13.62 11.20
CA CYS C 157 -17.94 -13.20 12.28
C CYS C 157 -18.76 -12.60 13.43
N LEU C 158 -19.77 -11.80 13.09
CA LEU C 158 -20.56 -11.12 14.11
C LEU C 158 -21.50 -12.08 14.85
N ALA C 159 -22.17 -12.94 14.10
CA ALA C 159 -23.18 -13.83 14.67
C ALA C 159 -22.65 -14.73 15.79
N PRO C 160 -21.49 -15.40 15.58
CA PRO C 160 -21.01 -16.21 16.70
C PRO C 160 -20.63 -15.37 17.91
N LEU C 161 -20.38 -14.08 17.70
CA LEU C 161 -20.11 -13.21 18.83
C LEU C 161 -21.43 -12.73 19.40
N ALA C 162 -22.35 -12.37 18.51
CA ALA C 162 -23.66 -11.88 18.89
C ALA C 162 -24.39 -12.89 19.77
N LYS C 163 -24.34 -14.16 19.37
CA LYS C 163 -24.99 -15.22 20.11
C LYS C 163 -24.52 -15.25 21.55
N VAL C 164 -23.21 -15.28 21.73
CA VAL C 164 -22.60 -15.37 23.05
C VAL C 164 -23.05 -14.23 23.94
N ILE C 165 -22.91 -13.01 23.45
CA ILE C 165 -23.30 -11.83 24.21
C ILE C 165 -24.79 -11.83 24.50
N HIS C 166 -25.58 -12.19 23.50
CA HIS C 166 -27.03 -12.28 23.65
C HIS C 166 -27.39 -13.36 24.66
N ASP C 167 -26.89 -14.58 24.45
CA ASP C 167 -27.22 -15.71 25.30
C ASP C 167 -26.63 -15.61 26.71
N LYS C 168 -26.23 -14.41 27.12
CA LYS C 168 -25.72 -14.24 28.47
C LYS C 168 -26.06 -12.86 29.04
N PHE C 169 -26.11 -11.84 28.19
CA PHE C 169 -26.45 -10.50 28.68
C PHE C 169 -27.58 -9.90 27.85
N GLU C 170 -27.96 -10.61 26.80
CA GLU C 170 -29.03 -10.18 25.90
C GLU C 170 -28.75 -8.83 25.25
N ILE C 171 -28.29 -8.86 24.00
CA ILE C 171 -28.03 -7.63 23.27
C ILE C 171 -29.34 -6.89 23.02
N VAL C 172 -29.47 -5.72 23.63
CA VAL C 172 -30.64 -4.88 23.44
C VAL C 172 -30.70 -4.44 21.99
N GLU C 173 -29.82 -3.51 21.64
CA GLU C 173 -29.69 -3.00 20.28
C GLU C 173 -28.22 -2.72 20.01
N GLY C 174 -27.80 -2.88 18.76
CA GLY C 174 -26.40 -2.69 18.42
C GLY C 174 -26.11 -2.35 16.98
N LEU C 175 -25.09 -1.51 16.79
CA LEU C 175 -24.64 -1.12 15.46
C LEU C 175 -23.22 -1.64 15.22
N MET C 176 -22.98 -2.19 14.03
CA MET C 176 -21.69 -2.80 13.73
C MET C 176 -20.96 -2.10 12.59
N THR C 177 -19.65 -1.92 12.74
CA THR C 177 -18.82 -1.45 11.65
C THR C 177 -17.73 -2.47 11.39
N THR C 178 -17.51 -2.82 10.14
CA THR C 178 -16.43 -3.75 9.82
C THR C 178 -15.39 -3.08 8.93
N VAL C 179 -14.19 -2.93 9.47
CA VAL C 179 -13.07 -2.46 8.67
C VAL C 179 -12.63 -3.64 7.82
N HIS C 180 -12.90 -3.55 6.52
CA HIS C 180 -12.74 -4.68 5.63
C HIS C 180 -11.58 -4.48 4.67
N SER C 181 -10.82 -5.55 4.42
CA SER C 181 -9.80 -5.52 3.39
C SER C 181 -10.49 -5.40 2.04
N PHE C 182 -9.78 -4.90 1.03
CA PHE C 182 -10.44 -4.73 -0.25
C PHE C 182 -10.71 -6.09 -0.91
N THR C 183 -11.62 -6.10 -1.87
CA THR C 183 -12.00 -7.33 -2.55
C THR C 183 -11.94 -7.15 -4.06
N ALA C 184 -12.00 -8.27 -4.78
CA ALA C 184 -11.90 -8.28 -6.24
C ALA C 184 -12.92 -7.36 -6.91
N THR C 185 -13.97 -7.00 -6.18
CA THR C 185 -15.04 -6.19 -6.72
C THR C 185 -14.62 -4.74 -6.91
N GLN C 186 -13.45 -4.38 -6.39
CA GLN C 186 -13.01 -2.99 -6.44
C GLN C 186 -12.00 -2.71 -7.55
N LYS C 187 -11.62 -1.45 -7.64
CA LYS C 187 -10.70 -0.95 -8.66
C LYS C 187 -9.35 -0.51 -8.09
N VAL C 188 -8.29 -0.82 -8.81
CA VAL C 188 -6.95 -0.42 -8.37
C VAL C 188 -6.80 1.10 -8.51
N VAL C 189 -7.46 1.67 -9.50
CA VAL C 189 -7.46 3.12 -9.71
C VAL C 189 -8.91 3.55 -9.94
N ASP C 190 -9.15 4.85 -9.94
CA ASP C 190 -10.51 5.37 -10.13
C ASP C 190 -11.17 4.80 -11.37
N GLY C 191 -12.20 4.00 -11.17
CA GLY C 191 -12.85 3.31 -12.27
C GLY C 191 -14.36 3.29 -12.18
N PRO C 192 -15.01 2.69 -13.20
CA PRO C 192 -16.47 2.64 -13.35
C PRO C 192 -17.18 1.71 -12.36
N SER C 193 -18.06 2.30 -11.57
CA SER C 193 -18.95 1.56 -10.69
C SER C 193 -20.26 2.32 -10.56
N SER C 194 -21.06 2.26 -11.62
CA SER C 194 -22.26 3.09 -11.77
C SER C 194 -23.21 2.99 -10.59
N LYS C 195 -23.32 1.79 -10.02
CA LYS C 195 -24.19 1.58 -8.88
C LYS C 195 -23.55 2.17 -7.63
N LEU C 196 -22.41 1.61 -7.24
CA LEU C 196 -21.72 2.05 -6.04
C LEU C 196 -20.49 2.87 -6.40
N TRP C 197 -20.69 4.18 -6.49
CA TRP C 197 -19.66 5.08 -6.98
C TRP C 197 -18.39 5.01 -6.17
N ARG C 198 -18.53 4.94 -4.85
CA ARG C 198 -17.39 4.94 -3.96
C ARG C 198 -16.52 3.70 -4.16
N ASP C 199 -17.12 2.56 -4.50
CA ASP C 199 -16.32 1.38 -4.84
C ASP C 199 -15.74 1.42 -6.26
N GLY C 200 -15.76 2.59 -6.90
CA GLY C 200 -15.11 2.75 -8.18
C GLY C 200 -13.78 3.46 -8.05
N ARG C 201 -13.52 3.96 -6.86
CA ARG C 201 -12.31 4.73 -6.58
C ARG C 201 -11.09 3.84 -6.45
N GLY C 202 -9.92 4.45 -6.45
CA GLY C 202 -8.67 3.73 -6.23
C GLY C 202 -8.66 3.11 -4.86
N ALA C 203 -8.70 1.78 -4.82
CA ALA C 203 -8.90 1.03 -3.58
C ALA C 203 -7.71 1.10 -2.64
N MET C 204 -6.59 1.63 -3.14
CA MET C 204 -5.32 1.42 -2.47
C MET C 204 -4.84 2.72 -1.81
N GLN C 205 -5.50 3.82 -2.17
CA GLN C 205 -5.20 5.12 -1.60
C GLN C 205 -6.39 5.69 -0.85
N ASN C 206 -7.46 4.91 -0.78
CA ASN C 206 -8.71 5.39 -0.20
C ASN C 206 -9.23 4.52 0.95
N ILE C 207 -9.82 5.18 1.94
CA ILE C 207 -10.70 4.51 2.88
C ILE C 207 -12.09 4.65 2.30
N ILE C 208 -12.63 3.56 1.79
CA ILE C 208 -13.89 3.62 1.05
C ILE C 208 -15.05 3.17 1.92
N PRO C 209 -15.96 4.10 2.23
CA PRO C 209 -17.18 3.74 2.96
C PRO C 209 -18.09 2.85 2.12
N ALA C 210 -18.55 1.75 2.68
CA ALA C 210 -19.43 0.86 1.97
C ALA C 210 -20.73 0.71 2.74
N SER C 211 -21.46 -0.34 2.41
CA SER C 211 -22.63 -0.73 3.19
C SER C 211 -22.82 -2.21 2.96
N THR C 212 -22.95 -2.96 4.05
CA THR C 212 -23.00 -4.41 3.93
C THR C 212 -24.33 -4.98 4.42
N GLY C 213 -24.70 -6.12 3.85
CA GLY C 213 -25.88 -6.84 4.28
C GLY C 213 -25.47 -7.97 5.20
N ALA C 214 -24.63 -7.65 6.18
CA ALA C 214 -24.10 -8.66 7.09
C ALA C 214 -24.73 -8.56 8.47
N ALA C 215 -25.07 -7.34 8.87
CA ALA C 215 -25.51 -7.10 10.25
C ALA C 215 -26.97 -7.48 10.50
N LYS C 216 -27.87 -7.07 9.61
CA LYS C 216 -29.28 -7.41 9.81
C LYS C 216 -29.50 -8.89 9.52
N ALA C 217 -28.60 -9.45 8.72
CA ALA C 217 -28.64 -10.87 8.38
C ALA C 217 -28.40 -11.73 9.61
N VAL C 218 -27.86 -11.13 10.66
CA VAL C 218 -27.70 -11.82 11.94
C VAL C 218 -29.08 -12.07 12.54
N GLY C 219 -30.02 -11.19 12.22
CA GLY C 219 -31.39 -11.40 12.59
C GLY C 219 -31.97 -12.62 11.88
N LYS C 220 -31.40 -12.92 10.72
CA LYS C 220 -31.85 -14.06 9.92
C LYS C 220 -31.28 -15.37 10.46
N VAL C 221 -30.16 -15.26 11.17
CA VAL C 221 -29.54 -16.44 11.76
C VAL C 221 -29.89 -16.51 13.25
N ILE C 222 -30.08 -15.35 13.86
CA ILE C 222 -30.49 -15.29 15.26
C ILE C 222 -31.75 -14.46 15.37
N PRO C 223 -32.90 -15.12 15.23
CA PRO C 223 -34.22 -14.48 15.20
C PRO C 223 -34.45 -13.55 16.40
N ALA C 224 -33.93 -13.93 17.55
CA ALA C 224 -34.08 -13.12 18.76
C ALA C 224 -33.55 -11.70 18.56
N LEU C 225 -32.57 -11.57 17.69
CA LEU C 225 -31.94 -10.28 17.42
C LEU C 225 -32.35 -9.71 16.07
N ASN C 226 -33.47 -10.20 15.55
CA ASN C 226 -34.00 -9.72 14.28
C ASN C 226 -34.40 -8.25 14.39
N GLY C 227 -33.79 -7.42 13.55
CA GLY C 227 -34.12 -6.00 13.52
C GLY C 227 -33.46 -5.20 14.61
N LYS C 228 -32.70 -5.88 15.46
CA LYS C 228 -31.97 -5.20 16.53
C LYS C 228 -30.55 -4.87 16.07
N LEU C 229 -30.21 -5.29 14.86
CA LEU C 229 -28.85 -5.12 14.34
C LEU C 229 -28.80 -4.53 12.94
N THR C 230 -27.88 -3.60 12.74
CA THR C 230 -27.56 -3.10 11.41
C THR C 230 -26.23 -2.33 11.47
N GLY C 231 -25.61 -2.10 10.33
CA GLY C 231 -24.35 -1.38 10.29
C GLY C 231 -23.63 -1.40 8.96
N MET C 232 -22.77 -0.41 8.74
CA MET C 232 -22.07 -0.31 7.47
C MET C 232 -20.60 -0.70 7.59
N ALA C 233 -19.89 -0.64 6.46
CA ALA C 233 -18.52 -1.13 6.38
C ALA C 233 -17.53 -0.08 5.91
N PHE C 234 -16.25 -0.34 6.17
CA PHE C 234 -15.15 0.47 5.64
C PHE C 234 -14.13 -0.40 4.95
N ARG C 235 -13.87 -0.11 3.67
CA ARG C 235 -12.86 -0.86 2.93
C ARG C 235 -11.53 -0.11 2.96
N VAL C 236 -10.49 -0.80 3.40
CA VAL C 236 -9.16 -0.19 3.57
C VAL C 236 -8.09 -0.94 2.77
N PRO C 237 -6.95 -0.28 2.49
CA PRO C 237 -5.92 -0.90 1.66
C PRO C 237 -5.13 -2.07 2.27
N THR C 238 -5.82 -3.14 2.66
CA THR C 238 -5.15 -4.40 2.97
C THR C 238 -5.70 -5.50 2.08
N PRO C 239 -4.85 -6.45 1.68
CA PRO C 239 -5.24 -7.54 0.78
C PRO C 239 -6.14 -8.61 1.38
N ASP C 240 -6.21 -8.71 2.71
CA ASP C 240 -7.01 -9.75 3.36
C ASP C 240 -7.16 -9.47 4.85
N VAL C 241 -8.00 -10.27 5.51
CA VAL C 241 -8.30 -10.15 6.94
C VAL C 241 -9.06 -8.88 7.25
N SER C 242 -10.17 -9.04 7.96
CA SER C 242 -11.00 -7.92 8.36
C SER C 242 -11.39 -8.01 9.84
N VAL C 243 -11.93 -6.93 10.37
CA VAL C 243 -12.26 -6.90 11.79
C VAL C 243 -13.65 -6.30 11.99
N VAL C 244 -14.40 -6.90 12.90
CA VAL C 244 -15.72 -6.40 13.26
C VAL C 244 -15.61 -5.46 14.45
N ASP C 245 -16.25 -4.30 14.35
CA ASP C 245 -16.33 -3.34 15.44
C ASP C 245 -17.78 -3.23 15.88
N LEU C 246 -18.11 -3.91 16.97
CA LEU C 246 -19.49 -4.01 17.42
C LEU C 246 -19.78 -3.11 18.61
N THR C 247 -20.68 -2.17 18.42
CA THR C 247 -21.11 -1.30 19.51
C THR C 247 -22.56 -1.63 19.85
N CYS C 248 -22.82 -1.97 21.11
CA CYS C 248 -24.17 -2.39 21.48
C CYS C 248 -24.52 -2.13 22.94
N ARG C 249 -25.81 -1.98 23.20
CA ARG C 249 -26.29 -1.87 24.56
C ARG C 249 -26.67 -3.25 25.09
N LEU C 250 -26.51 -3.43 26.39
CA LEU C 250 -26.83 -4.71 27.01
C LEU C 250 -28.05 -4.60 27.90
N GLY C 251 -28.72 -5.73 28.14
CA GLY C 251 -29.86 -5.78 29.02
C GLY C 251 -29.46 -6.07 30.46
N LYS C 252 -28.44 -6.90 30.63
CA LYS C 252 -27.91 -7.20 31.95
C LYS C 252 -26.60 -6.46 32.20
N GLY C 253 -26.27 -6.25 33.47
CA GLY C 253 -25.02 -5.61 33.83
C GLY C 253 -23.84 -6.48 33.45
N ALA C 254 -22.72 -5.84 33.12
CA ALA C 254 -21.52 -6.57 32.72
C ALA C 254 -20.26 -5.83 33.09
N SER C 255 -19.36 -6.52 33.79
CA SER C 255 -18.00 -6.06 33.90
C SER C 255 -17.29 -6.61 32.66
N TYR C 256 -16.44 -5.81 32.04
CA TYR C 256 -15.75 -6.26 30.83
C TYR C 256 -14.95 -7.53 31.14
N GLU C 257 -14.56 -7.66 32.41
CA GLU C 257 -13.88 -8.87 32.88
C GLU C 257 -14.80 -10.08 32.71
N GLU C 258 -16.09 -9.90 33.04
CA GLU C 258 -17.07 -10.97 32.84
C GLU C 258 -17.25 -11.33 31.37
N ILE C 259 -17.42 -10.31 30.52
CA ILE C 259 -17.62 -10.54 29.10
C ILE C 259 -16.44 -11.31 28.52
N LYS C 260 -15.23 -10.96 28.96
CA LYS C 260 -14.03 -11.70 28.59
C LYS C 260 -14.18 -13.19 28.91
N ALA C 261 -14.35 -13.49 30.19
CA ALA C 261 -14.46 -14.86 30.67
C ALA C 261 -15.69 -15.57 30.11
N ALA C 262 -16.67 -14.78 29.67
CA ALA C 262 -17.84 -15.35 29.01
C ALA C 262 -17.48 -15.81 27.61
N VAL C 263 -16.68 -15.02 26.91
CA VAL C 263 -16.26 -15.35 25.55
C VAL C 263 -15.25 -16.49 25.59
N LYS C 264 -14.32 -16.44 26.53
CA LYS C 264 -13.30 -17.46 26.68
C LYS C 264 -13.91 -18.84 26.93
N ALA C 265 -15.01 -18.84 27.66
CA ALA C 265 -15.71 -20.08 28.00
C ALA C 265 -16.52 -20.56 26.80
N ALA C 266 -16.78 -19.64 25.88
CA ALA C 266 -17.54 -19.97 24.68
C ALA C 266 -16.60 -20.31 23.53
N ALA C 267 -15.37 -19.81 23.60
CA ALA C 267 -14.37 -20.07 22.57
C ALA C 267 -13.80 -21.46 22.70
N SER C 268 -13.35 -21.80 23.91
CA SER C 268 -12.79 -23.12 24.17
C SER C 268 -13.89 -24.14 24.38
N GLY C 269 -15.11 -23.66 24.60
CA GLY C 269 -16.25 -24.53 24.85
C GLY C 269 -16.89 -25.08 23.60
N PRO C 270 -18.19 -24.81 23.41
CA PRO C 270 -18.98 -25.33 22.30
C PRO C 270 -18.58 -24.75 20.94
N LEU C 271 -18.13 -23.51 20.92
CA LEU C 271 -17.75 -22.86 19.67
C LEU C 271 -16.28 -23.07 19.36
N LYS C 272 -15.74 -24.22 19.73
CA LYS C 272 -14.31 -24.41 19.58
C LYS C 272 -13.96 -24.56 18.12
N GLY C 273 -13.20 -23.61 17.60
CA GLY C 273 -12.84 -23.60 16.19
C GLY C 273 -13.65 -22.60 15.39
N ILE C 274 -14.82 -22.26 15.91
CA ILE C 274 -15.66 -21.24 15.29
C ILE C 274 -15.34 -19.89 15.92
N LEU C 275 -15.63 -19.79 17.21
CA LEU C 275 -15.26 -18.60 17.97
C LEU C 275 -13.95 -18.84 18.70
N GLU C 276 -13.06 -17.86 18.64
CA GLU C 276 -11.79 -17.95 19.35
C GLU C 276 -11.63 -16.77 20.30
N TYR C 277 -10.86 -16.99 21.35
CA TYR C 277 -10.58 -15.94 22.31
C TYR C 277 -9.08 -15.66 22.35
N THR C 278 -8.71 -14.39 22.42
CA THR C 278 -7.31 -14.01 22.50
C THR C 278 -7.14 -12.77 23.35
N GLU C 279 -5.95 -12.62 23.93
CA GLU C 279 -5.61 -11.42 24.68
C GLU C 279 -4.37 -10.76 24.08
N ASP C 280 -3.76 -11.45 23.12
CA ASP C 280 -2.47 -11.02 22.57
C ASP C 280 -2.53 -9.70 21.82
N GLU C 281 -1.35 -9.18 21.48
CA GLU C 281 -1.23 -7.92 20.74
C GLU C 281 -1.31 -8.19 19.25
N VAL C 282 -2.50 -8.51 18.80
CA VAL C 282 -2.70 -8.97 17.44
C VAL C 282 -2.92 -7.81 16.46
N VAL C 283 -2.52 -8.04 15.21
CA VAL C 283 -2.79 -7.13 14.12
C VAL C 283 -3.32 -7.99 12.97
N SER C 284 -3.73 -7.36 11.88
CA SER C 284 -4.49 -8.07 10.85
C SER C 284 -3.73 -9.26 10.28
N SER C 285 -2.41 -9.11 10.10
CA SER C 285 -1.62 -10.18 9.49
C SER C 285 -1.52 -11.40 10.38
N ASP C 286 -1.85 -11.23 11.65
CA ASP C 286 -1.76 -12.34 12.60
C ASP C 286 -2.89 -13.34 12.41
N PHE C 287 -3.75 -13.08 11.43
CA PHE C 287 -4.92 -13.91 11.20
C PHE C 287 -5.04 -14.42 9.76
N VAL C 288 -4.02 -14.20 8.96
CA VAL C 288 -4.00 -14.72 7.59
C VAL C 288 -3.90 -16.24 7.62
N GLY C 289 -4.90 -16.90 7.05
CA GLY C 289 -4.94 -18.35 7.03
C GLY C 289 -5.69 -18.94 8.21
N SER C 290 -6.27 -18.08 9.03
CA SER C 290 -7.00 -18.53 10.21
C SER C 290 -8.30 -19.22 9.82
N THR C 291 -8.64 -20.27 10.56
CA THR C 291 -9.84 -21.05 10.27
C THR C 291 -11.01 -20.64 11.14
N SER C 292 -10.75 -19.86 12.18
CA SER C 292 -11.80 -19.35 13.04
C SER C 292 -12.75 -18.47 12.24
N SER C 293 -13.99 -18.34 12.70
CA SER C 293 -14.95 -17.47 12.04
C SER C 293 -14.94 -16.11 12.72
N SER C 294 -14.55 -16.10 13.99
CA SER C 294 -14.52 -14.88 14.78
C SER C 294 -13.51 -15.02 15.92
N ILE C 295 -12.55 -14.10 15.98
CA ILE C 295 -11.56 -14.12 17.06
C ILE C 295 -11.69 -12.87 17.90
N PHE C 296 -12.36 -13.01 19.04
CA PHE C 296 -12.58 -11.91 19.96
C PHE C 296 -11.27 -11.35 20.50
N ASP C 297 -11.08 -10.04 20.35
CA ASP C 297 -9.88 -9.36 20.84
C ASP C 297 -10.15 -8.73 22.21
N ALA C 298 -9.46 -9.22 23.23
CA ALA C 298 -9.73 -8.79 24.60
C ALA C 298 -9.31 -7.34 24.86
N LYS C 299 -8.03 -7.04 24.68
CA LYS C 299 -7.52 -5.70 24.96
C LYS C 299 -8.06 -4.59 24.04
N ALA C 300 -8.44 -4.94 22.81
CA ALA C 300 -8.89 -3.94 21.86
C ALA C 300 -10.36 -3.55 22.04
N GLY C 301 -11.08 -4.31 22.86
CA GLY C 301 -12.47 -4.00 23.14
C GLY C 301 -12.58 -2.94 24.21
N ILE C 302 -13.49 -1.99 24.02
CA ILE C 302 -13.66 -0.89 24.96
C ILE C 302 -15.06 -0.94 25.57
N SER C 303 -15.18 -0.42 26.78
CA SER C 303 -16.40 -0.50 27.56
C SER C 303 -16.66 0.82 28.29
N LEU C 304 -17.79 1.45 27.99
CA LEU C 304 -18.14 2.74 28.58
C LEU C 304 -18.66 2.58 30.00
N ASN C 305 -19.68 1.75 30.16
CA ASN C 305 -20.23 1.44 31.47
C ASN C 305 -20.68 -0.02 31.53
N ASN C 306 -21.42 -0.36 32.58
CA ASN C 306 -21.80 -1.74 32.82
C ASN C 306 -22.79 -2.31 31.78
N ASN C 307 -23.28 -1.46 30.89
CA ASN C 307 -24.35 -1.86 29.98
C ASN C 307 -24.11 -1.52 28.51
N PHE C 308 -23.08 -0.74 28.24
CA PHE C 308 -22.87 -0.23 26.89
C PHE C 308 -21.41 -0.38 26.49
N VAL C 309 -21.12 -1.43 25.74
CA VAL C 309 -19.74 -1.81 25.46
C VAL C 309 -19.44 -1.78 23.97
N LYS C 310 -18.16 -1.89 23.63
CA LYS C 310 -17.72 -2.04 22.25
C LYS C 310 -16.77 -3.22 22.12
N LEU C 311 -17.22 -4.26 21.43
CA LEU C 311 -16.40 -5.45 21.23
C LEU C 311 -15.67 -5.39 19.90
N VAL C 312 -14.66 -6.23 19.75
CA VAL C 312 -13.84 -6.28 18.54
C VAL C 312 -13.48 -7.71 18.18
N SER C 313 -13.87 -8.14 16.98
CA SER C 313 -13.59 -9.50 16.56
C SER C 313 -13.00 -9.55 15.16
N TRP C 314 -11.84 -10.18 15.06
CA TRP C 314 -11.15 -10.33 13.80
C TRP C 314 -11.68 -11.48 12.98
N TYR C 315 -11.35 -11.48 11.69
CA TYR C 315 -11.61 -12.62 10.82
C TYR C 315 -10.90 -12.48 9.47
N ASP C 316 -10.45 -13.62 8.95
CA ASP C 316 -9.96 -13.71 7.59
C ASP C 316 -11.16 -13.78 6.66
N ASN C 317 -11.48 -12.67 6.00
CA ASN C 317 -12.67 -12.59 5.16
C ASN C 317 -12.64 -13.60 4.02
N GLU C 318 -11.43 -14.03 3.66
CA GLU C 318 -11.26 -14.98 2.56
C GLU C 318 -11.22 -16.42 3.05
N PHE C 319 -10.30 -16.72 3.95
CA PHE C 319 -10.03 -18.11 4.33
C PHE C 319 -10.91 -18.61 5.48
N GLY C 320 -11.23 -17.74 6.42
CA GLY C 320 -12.08 -18.12 7.54
C GLY C 320 -13.46 -18.51 7.04
N TYR C 321 -13.96 -17.69 6.13
CA TYR C 321 -15.27 -17.92 5.54
C TYR C 321 -15.31 -19.17 4.65
N SER C 322 -14.22 -19.43 3.94
CA SER C 322 -14.12 -20.59 3.07
C SER C 322 -14.12 -21.90 3.85
N CYS C 323 -13.78 -21.81 5.13
CA CYS C 323 -13.78 -22.98 6.00
C CYS C 323 -15.21 -23.36 6.36
N ARG C 324 -16.03 -22.35 6.63
CA ARG C 324 -17.41 -22.57 7.03
C ARG C 324 -18.25 -23.08 5.88
N VAL C 325 -17.72 -22.93 4.67
CA VAL C 325 -18.33 -23.54 3.51
C VAL C 325 -18.11 -25.05 3.62
N VAL C 326 -16.90 -25.44 4.02
CA VAL C 326 -16.55 -26.85 4.10
C VAL C 326 -17.27 -27.54 5.24
N ASP C 327 -17.27 -26.91 6.40
CA ASP C 327 -17.89 -27.47 7.59
C ASP C 327 -19.38 -27.70 7.38
N LEU C 328 -20.02 -26.78 6.68
CA LEU C 328 -21.45 -26.87 6.42
C LEU C 328 -21.80 -28.16 5.67
N ILE C 329 -20.90 -28.58 4.78
CA ILE C 329 -21.14 -29.78 3.98
C ILE C 329 -21.05 -31.03 4.86
N THR C 330 -20.08 -31.05 5.77
CA THR C 330 -19.96 -32.14 6.72
C THR C 330 -21.24 -32.28 7.53
N HIS C 331 -21.91 -31.15 7.76
CA HIS C 331 -23.18 -31.12 8.47
C HIS C 331 -24.32 -31.60 7.58
N MET C 332 -24.37 -31.04 6.36
CA MET C 332 -25.36 -31.48 5.38
C MET C 332 -25.20 -32.97 5.14
N HIS C 333 -24.07 -33.40 4.61
CA HIS C 333 -23.83 -34.82 4.34
C HIS C 333 -24.22 -35.70 5.54
N LYS C 334 -24.00 -35.19 6.74
CA LYS C 334 -24.45 -35.88 7.93
C LYS C 334 -25.97 -35.98 7.88
N VAL C 335 -26.62 -34.82 7.74
CA VAL C 335 -28.07 -34.72 7.73
C VAL C 335 -28.65 -34.99 6.35
N ASP C 336 -28.01 -34.48 5.30
CA ASP C 336 -28.61 -34.43 3.97
C ASP C 336 -28.23 -35.58 3.06
N HIS C 337 -27.16 -36.30 3.38
CA HIS C 337 -26.95 -37.59 2.75
C HIS C 337 -26.93 -38.72 3.77
N ALA C 338 -27.96 -38.79 4.62
CA ALA C 338 -28.08 -39.76 5.73
C ALA C 338 -28.95 -39.21 6.86
N MET D 1 -8.01 33.24 -32.53
CA MET D 1 -9.27 32.60 -32.89
C MET D 1 -9.03 31.22 -33.50
N SER D 2 -10.13 30.57 -33.88
CA SER D 2 -10.11 29.24 -34.51
C SER D 2 -9.34 28.22 -33.66
N ARG D 3 -10.00 27.69 -32.64
CA ARG D 3 -9.42 26.65 -31.80
C ARG D 3 -9.93 25.29 -32.26
N ALA D 4 -9.21 24.23 -31.96
CA ALA D 4 -9.61 22.90 -32.40
C ALA D 4 -10.73 22.33 -31.54
N LYS D 5 -11.78 21.84 -32.17
CA LYS D 5 -12.89 21.19 -31.47
C LYS D 5 -12.61 19.71 -31.31
N VAL D 6 -12.66 19.22 -30.08
CA VAL D 6 -12.23 17.86 -29.76
C VAL D 6 -13.33 17.01 -29.12
N GLY D 7 -13.33 15.73 -29.46
CA GLY D 7 -14.25 14.77 -28.85
C GLY D 7 -13.51 13.58 -28.25
N ILE D 8 -14.13 12.93 -27.26
CA ILE D 8 -13.50 11.83 -26.56
C ILE D 8 -14.37 10.59 -26.54
N ASN D 9 -13.81 9.47 -26.98
CA ASN D 9 -14.49 8.18 -26.89
C ASN D 9 -13.70 7.24 -25.98
N GLY D 10 -14.24 6.98 -24.79
CA GLY D 10 -13.56 6.16 -23.81
C GLY D 10 -13.13 6.94 -22.59
N PHE D 11 -14.06 7.11 -21.64
CA PHE D 11 -13.83 7.96 -20.48
C PHE D 11 -13.12 7.20 -19.36
N GLY D 12 -12.01 6.54 -19.69
CA GLY D 12 -11.25 5.83 -18.69
C GLY D 12 -10.29 6.73 -17.94
N ARG D 13 -9.29 6.13 -17.30
CA ARG D 13 -8.24 6.89 -16.64
C ARG D 13 -7.56 7.84 -17.61
N ILE D 14 -7.04 7.27 -18.69
CA ILE D 14 -6.30 8.04 -19.66
C ILE D 14 -7.23 8.77 -20.62
N GLY D 15 -8.45 9.05 -20.17
CA GLY D 15 -9.42 9.75 -20.99
C GLY D 15 -10.07 10.92 -20.27
N ARG D 16 -10.13 10.82 -18.95
CA ARG D 16 -10.66 11.89 -18.12
C ARG D 16 -9.56 12.91 -17.83
N LEU D 17 -8.33 12.43 -17.73
CA LEU D 17 -7.18 13.26 -17.38
C LEU D 17 -6.72 14.06 -18.59
N VAL D 18 -7.07 13.55 -19.76
CA VAL D 18 -6.83 14.25 -21.00
C VAL D 18 -7.76 15.45 -21.02
N LEU D 19 -8.99 15.24 -20.56
CA LEU D 19 -9.98 16.31 -20.47
C LEU D 19 -9.51 17.43 -19.52
N ARG D 20 -8.88 17.06 -18.40
CA ARG D 20 -8.33 18.02 -17.44
C ARG D 20 -7.28 18.88 -18.12
N ALA D 21 -6.37 18.23 -18.84
CA ALA D 21 -5.25 18.90 -19.51
C ALA D 21 -5.73 19.94 -20.52
N ALA D 22 -6.91 19.71 -21.09
CA ALA D 22 -7.49 20.60 -22.08
C ALA D 22 -7.85 21.96 -21.48
N PHE D 23 -8.59 21.93 -20.39
CA PHE D 23 -9.02 23.16 -19.74
C PHE D 23 -7.87 23.86 -19.03
N LEU D 24 -6.78 23.15 -18.86
CA LEU D 24 -5.58 23.75 -18.28
C LEU D 24 -4.80 24.51 -19.36
N LYS D 25 -4.33 23.77 -20.36
CA LYS D 25 -3.52 24.33 -21.44
C LYS D 25 -4.32 25.33 -22.27
N ASN D 26 -5.63 25.11 -22.35
CA ASN D 26 -6.55 25.95 -23.12
C ASN D 26 -6.12 26.10 -24.58
N THR D 27 -5.49 25.06 -25.12
CA THR D 27 -5.04 25.11 -26.51
C THR D 27 -6.11 24.55 -27.45
N VAL D 28 -7.05 23.78 -26.91
CA VAL D 28 -8.17 23.26 -27.69
C VAL D 28 -9.47 23.35 -26.91
N ASP D 29 -10.57 23.00 -27.56
CA ASP D 29 -11.87 23.05 -26.92
C ASP D 29 -12.60 21.72 -27.04
N VAL D 30 -12.84 21.09 -25.91
CA VAL D 30 -13.61 19.86 -25.87
C VAL D 30 -15.08 20.18 -26.05
N VAL D 31 -15.76 19.40 -26.89
CA VAL D 31 -17.14 19.67 -27.21
C VAL D 31 -18.02 18.43 -27.03
N SER D 32 -17.40 17.27 -26.93
CA SER D 32 -18.16 16.01 -26.91
C SER D 32 -17.47 14.90 -26.10
N VAL D 33 -18.28 14.08 -25.43
CA VAL D 33 -17.80 12.90 -24.69
C VAL D 33 -18.79 11.73 -24.85
N ASN D 34 -18.27 10.54 -25.12
CA ASN D 34 -19.09 9.34 -25.28
C ASN D 34 -18.55 8.16 -24.48
N ASP D 35 -19.41 7.54 -23.68
CA ASP D 35 -19.04 6.34 -22.93
C ASP D 35 -20.30 5.62 -22.46
N PRO D 36 -20.57 4.44 -23.03
CA PRO D 36 -21.78 3.67 -22.75
C PRO D 36 -21.76 3.03 -21.37
N PHE D 37 -20.56 2.81 -20.83
CA PHE D 37 -20.41 2.14 -19.54
C PHE D 37 -20.42 3.14 -18.39
N ILE D 38 -20.58 4.42 -18.73
CA ILE D 38 -20.63 5.47 -17.73
C ILE D 38 -21.84 6.37 -17.95
N ASP D 39 -22.62 6.58 -16.89
CA ASP D 39 -23.77 7.48 -16.94
C ASP D 39 -23.33 8.94 -16.91
N LEU D 40 -24.20 9.83 -17.37
CA LEU D 40 -23.85 11.24 -17.48
C LEU D 40 -23.60 11.86 -16.11
N GLU D 41 -24.50 11.59 -15.18
CA GLU D 41 -24.38 12.10 -13.82
C GLU D 41 -23.10 11.58 -13.18
N TYR D 42 -22.76 10.33 -13.49
CA TYR D 42 -21.55 9.70 -12.99
C TYR D 42 -20.34 10.49 -13.48
N MET D 43 -20.42 10.96 -14.73
CA MET D 43 -19.30 11.65 -15.37
C MET D 43 -18.85 12.88 -14.57
N VAL D 44 -19.80 13.61 -14.03
CA VAL D 44 -19.48 14.79 -13.23
C VAL D 44 -18.67 14.37 -12.01
N TYR D 45 -19.08 13.26 -11.41
CA TYR D 45 -18.40 12.72 -10.23
C TYR D 45 -16.94 12.41 -10.53
N MET D 46 -16.70 11.60 -11.56
CA MET D 46 -15.35 11.15 -11.89
C MET D 46 -14.42 12.28 -12.32
N ILE D 47 -15.02 13.40 -12.71
CA ILE D 47 -14.24 14.56 -13.10
C ILE D 47 -13.92 15.37 -11.87
N LYS D 48 -14.94 15.62 -11.06
CA LYS D 48 -14.80 16.45 -9.88
C LYS D 48 -13.91 15.77 -8.86
N ARG D 49 -13.99 14.45 -8.76
CA ARG D 49 -13.22 13.71 -7.78
C ARG D 49 -12.15 12.84 -8.44
N ASP D 50 -10.94 12.90 -7.92
CA ASP D 50 -9.87 12.03 -8.40
C ASP D 50 -8.85 11.77 -7.32
N SER D 51 -8.68 10.49 -6.98
CA SER D 51 -7.82 10.07 -5.87
C SER D 51 -6.33 10.35 -6.11
N THR D 52 -5.96 10.63 -7.36
CA THR D 52 -4.56 10.86 -7.69
C THR D 52 -4.27 12.35 -7.86
N HIS D 53 -5.16 13.04 -8.58
CA HIS D 53 -4.93 14.39 -9.03
C HIS D 53 -5.82 15.41 -8.32
N GLY D 54 -6.54 14.95 -7.31
CA GLY D 54 -7.38 15.83 -6.53
C GLY D 54 -8.64 16.26 -7.26
N THR D 55 -9.34 17.23 -6.69
CA THR D 55 -10.57 17.70 -7.29
C THR D 55 -10.25 18.66 -8.43
N PHE D 56 -11.19 18.79 -9.36
CA PHE D 56 -11.00 19.70 -10.48
C PHE D 56 -10.96 21.14 -9.98
N PRO D 57 -9.96 21.91 -10.43
CA PRO D 57 -9.81 23.31 -10.02
C PRO D 57 -10.59 24.28 -10.89
N GLY D 58 -11.88 23.99 -11.09
CA GLY D 58 -12.74 24.86 -11.87
C GLY D 58 -14.19 24.75 -11.43
N GLU D 59 -15.11 24.85 -12.38
CA GLU D 59 -16.53 24.70 -12.09
C GLU D 59 -17.15 23.62 -12.97
N VAL D 60 -17.75 22.61 -12.33
CA VAL D 60 -18.35 21.48 -13.05
C VAL D 60 -19.78 21.24 -12.59
N SER D 61 -20.71 21.25 -13.52
CA SER D 61 -22.12 20.99 -13.22
C SER D 61 -22.84 20.47 -14.46
N THR D 62 -24.14 20.71 -14.53
CA THR D 62 -24.92 20.27 -15.68
C THR D 62 -25.94 21.30 -16.15
N GLU D 63 -25.84 21.66 -17.42
CA GLU D 63 -26.79 22.55 -18.06
C GLU D 63 -27.70 21.79 -19.00
N ASN D 64 -28.85 21.36 -18.50
CA ASN D 64 -29.94 20.99 -19.38
C ASN D 64 -29.58 19.79 -20.26
N GLY D 65 -28.92 18.80 -19.67
CA GLY D 65 -28.50 17.63 -20.43
C GLY D 65 -27.09 17.76 -20.99
N LYS D 66 -26.47 18.91 -20.76
CA LYS D 66 -25.10 19.13 -21.20
C LYS D 66 -24.20 19.35 -19.99
N LEU D 67 -23.03 18.72 -20.01
CA LEU D 67 -22.06 18.89 -18.94
C LEU D 67 -21.36 20.23 -19.07
N LYS D 68 -21.65 21.16 -18.15
CA LYS D 68 -20.98 22.44 -18.15
C LYS D 68 -19.70 22.36 -17.33
N VAL D 69 -18.58 22.70 -17.95
CA VAL D 69 -17.28 22.60 -17.29
C VAL D 69 -16.51 23.90 -17.45
N ASN D 70 -16.21 24.52 -16.32
CA ASN D 70 -15.54 25.82 -16.30
C ASN D 70 -16.20 26.76 -17.29
N GLY D 71 -17.52 26.75 -17.30
CA GLY D 71 -18.29 27.57 -18.23
C GLY D 71 -18.20 27.11 -19.67
N LYS D 72 -18.37 25.82 -19.89
CA LYS D 72 -18.39 25.29 -21.25
C LYS D 72 -19.29 24.06 -21.33
N LEU D 73 -20.32 24.12 -22.16
CA LEU D 73 -21.25 23.01 -22.33
C LEU D 73 -20.68 21.94 -23.25
N ILE D 74 -20.82 20.68 -22.83
CA ILE D 74 -20.38 19.55 -23.65
C ILE D 74 -21.47 18.49 -23.71
N SER D 75 -21.81 18.07 -24.92
CA SER D 75 -22.81 17.03 -25.12
C SER D 75 -22.24 15.67 -24.74
N VAL D 76 -23.10 14.79 -24.23
CA VAL D 76 -22.66 13.47 -23.77
C VAL D 76 -23.39 12.37 -24.55
N HIS D 77 -22.67 11.30 -24.86
CA HIS D 77 -23.25 10.17 -25.57
C HIS D 77 -22.96 8.86 -24.85
N CYS D 78 -23.56 7.77 -25.31
CA CYS D 78 -23.42 6.47 -24.65
C CYS D 78 -23.69 5.30 -25.60
N GLU D 79 -23.20 5.41 -26.83
CA GLU D 79 -23.40 4.34 -27.81
C GLU D 79 -22.36 3.25 -27.65
N ARG D 80 -22.84 2.01 -27.53
CA ARG D 80 -21.97 0.84 -27.45
C ARG D 80 -21.03 0.81 -28.64
N ASP D 81 -21.58 1.15 -29.80
CA ASP D 81 -20.84 1.17 -31.04
C ASP D 81 -20.24 2.56 -31.29
N PRO D 82 -18.97 2.62 -31.70
CA PRO D 82 -18.28 3.90 -31.88
C PRO D 82 -18.72 4.66 -33.12
N ALA D 83 -19.28 3.94 -34.08
CA ALA D 83 -19.78 4.54 -35.32
C ALA D 83 -21.21 5.03 -35.17
N ASN D 84 -21.73 5.01 -33.94
CA ASN D 84 -23.08 5.47 -33.68
C ASN D 84 -23.07 6.81 -32.94
N ILE D 85 -21.91 7.45 -32.92
CA ILE D 85 -21.77 8.74 -32.27
C ILE D 85 -21.72 9.86 -33.30
N PRO D 86 -22.69 10.78 -33.25
CA PRO D 86 -22.75 11.91 -34.19
C PRO D 86 -21.85 13.08 -33.79
N TRP D 87 -20.58 13.02 -34.17
CA TRP D 87 -19.60 14.05 -33.82
C TRP D 87 -19.90 15.38 -34.52
N ASP D 88 -20.46 15.28 -35.71
CA ASP D 88 -20.78 16.44 -36.54
C ASP D 88 -21.68 17.44 -35.81
N LYS D 89 -22.72 16.91 -35.16
CA LYS D 89 -23.72 17.75 -34.51
C LYS D 89 -23.13 18.46 -33.29
N ASP D 90 -22.05 17.91 -32.77
CA ASP D 90 -21.35 18.53 -31.65
C ASP D 90 -20.31 19.52 -32.19
N GLY D 91 -19.93 19.32 -33.44
CA GLY D 91 -18.95 20.18 -34.09
C GLY D 91 -17.53 19.74 -33.85
N ALA D 92 -17.35 18.49 -33.41
CA ALA D 92 -16.03 17.95 -33.13
C ALA D 92 -15.29 17.60 -34.42
N GLU D 93 -14.01 17.98 -34.49
CA GLU D 93 -13.18 17.67 -35.64
C GLU D 93 -12.28 16.47 -35.35
N TYR D 94 -11.68 16.45 -34.16
CA TYR D 94 -10.72 15.42 -33.79
C TYR D 94 -11.21 14.57 -32.62
N VAL D 95 -11.28 13.26 -32.82
CA VAL D 95 -11.75 12.32 -31.80
C VAL D 95 -10.59 11.59 -31.13
N VAL D 96 -10.65 11.47 -29.80
CA VAL D 96 -9.62 10.79 -29.03
C VAL D 96 -10.07 9.38 -28.66
N GLU D 97 -9.50 8.39 -29.35
CA GLU D 97 -9.85 7.00 -29.09
C GLU D 97 -9.08 6.48 -27.87
N SER D 98 -9.68 6.66 -26.69
CA SER D 98 -9.03 6.33 -25.44
C SER D 98 -9.62 5.07 -24.82
N THR D 99 -10.59 4.48 -25.51
CA THR D 99 -11.15 3.20 -25.09
C THR D 99 -10.09 2.12 -25.22
N GLY D 100 -9.12 2.35 -26.11
CA GLY D 100 -8.03 1.41 -26.31
C GLY D 100 -8.49 0.07 -26.86
N VAL D 101 -9.61 0.07 -27.56
CA VAL D 101 -10.11 -1.16 -28.18
C VAL D 101 -10.14 -1.01 -29.70
N PHE D 102 -10.12 0.23 -30.17
CA PHE D 102 -10.05 0.49 -31.60
C PHE D 102 -8.73 1.14 -31.93
N THR D 103 -7.68 0.34 -31.98
CA THR D 103 -6.33 0.83 -32.14
C THR D 103 -5.80 0.64 -33.57
N THR D 104 -6.69 0.28 -34.50
CA THR D 104 -6.31 0.11 -35.90
C THR D 104 -7.02 1.11 -36.79
N ILE D 105 -6.41 1.40 -37.94
CA ILE D 105 -6.96 2.38 -38.88
C ILE D 105 -8.32 1.90 -39.39
N ASP D 106 -8.53 0.60 -39.40
CA ASP D 106 -9.80 0.03 -39.87
C ASP D 106 -10.89 0.23 -38.83
N LYS D 107 -10.55 -0.01 -37.56
CA LYS D 107 -11.51 0.12 -36.48
C LYS D 107 -11.78 1.58 -36.14
N ALA D 108 -10.75 2.40 -36.17
CA ALA D 108 -10.88 3.81 -35.81
C ALA D 108 -11.55 4.62 -36.92
N GLN D 109 -11.60 4.03 -38.11
CA GLN D 109 -12.27 4.69 -39.24
C GLN D 109 -13.77 4.79 -38.96
N ALA D 110 -14.22 4.07 -37.95
CA ALA D 110 -15.61 4.12 -37.52
C ALA D 110 -15.99 5.50 -37.00
N HIS D 111 -15.00 6.33 -36.68
CA HIS D 111 -15.28 7.69 -36.22
C HIS D 111 -15.36 8.66 -37.39
N ILE D 112 -14.75 8.29 -38.51
CA ILE D 112 -14.49 9.22 -39.60
C ILE D 112 -15.57 9.18 -40.69
N LYS D 113 -16.17 8.02 -40.90
CA LYS D 113 -17.13 7.82 -41.99
C LYS D 113 -18.35 8.73 -41.87
N ASN D 114 -19.21 8.70 -42.90
CA ASN D 114 -20.41 9.53 -42.96
C ASN D 114 -20.11 11.00 -42.71
N ASN D 115 -18.91 11.42 -43.09
CA ASN D 115 -18.33 12.73 -42.74
C ASN D 115 -18.74 13.23 -41.37
N ARG D 116 -17.94 12.85 -40.39
CA ARG D 116 -18.20 13.11 -38.99
C ARG D 116 -17.03 13.82 -38.35
N ALA D 117 -16.01 13.03 -38.01
CA ALA D 117 -14.79 13.58 -37.45
C ALA D 117 -13.64 13.33 -38.41
N LYS D 118 -12.73 14.28 -38.50
CA LYS D 118 -11.69 14.26 -39.51
C LYS D 118 -10.54 13.32 -39.13
N LYS D 119 -9.79 13.67 -38.08
CA LYS D 119 -8.69 12.83 -37.64
C LYS D 119 -9.01 12.10 -36.35
N VAL D 120 -8.55 10.86 -36.23
CA VAL D 120 -8.73 10.09 -35.01
C VAL D 120 -7.37 9.87 -34.34
N ILE D 121 -7.33 10.09 -33.03
CA ILE D 121 -6.08 10.04 -32.28
C ILE D 121 -6.16 8.91 -31.25
N ILE D 122 -5.32 7.88 -31.42
CA ILE D 122 -5.33 6.75 -30.50
C ILE D 122 -4.33 6.97 -29.38
N SER D 123 -4.83 6.88 -28.14
CA SER D 123 -3.99 7.11 -26.96
C SER D 123 -3.25 5.85 -26.55
N ALA D 124 -2.86 5.05 -27.54
CA ALA D 124 -2.09 3.84 -27.28
C ALA D 124 -1.24 3.56 -28.51
N PRO D 125 -0.17 2.76 -28.34
CA PRO D 125 0.58 2.35 -29.53
C PRO D 125 -0.28 1.54 -30.50
N SER D 126 -0.22 1.88 -31.77
CA SER D 126 -1.00 1.22 -32.80
C SER D 126 -0.11 0.41 -33.73
N ALA D 127 -0.67 -0.61 -34.37
CA ALA D 127 0.10 -1.48 -35.25
C ALA D 127 0.12 -0.95 -36.68
N ASP D 128 -0.98 -0.34 -37.11
CA ASP D 128 -1.11 0.16 -38.48
C ASP D 128 -1.09 1.68 -38.52
N ALA D 129 -1.62 2.30 -37.47
CA ALA D 129 -1.66 3.76 -37.41
C ALA D 129 -0.29 4.31 -37.07
N PRO D 130 0.15 5.33 -37.82
CA PRO D 130 1.43 5.99 -37.59
C PRO D 130 1.50 6.61 -36.21
N MET D 131 2.45 6.18 -35.41
CA MET D 131 2.59 6.69 -34.05
C MET D 131 3.49 7.92 -34.02
N PHE D 132 3.21 8.83 -33.09
CA PHE D 132 3.95 10.08 -32.97
C PHE D 132 4.33 10.40 -31.52
N VAL D 133 5.49 11.02 -31.37
CA VAL D 133 5.93 11.52 -30.07
C VAL D 133 6.28 12.98 -30.23
N VAL D 134 5.60 13.84 -29.46
CA VAL D 134 5.69 15.28 -29.60
C VAL D 134 7.12 15.79 -29.54
N GLY D 135 7.97 15.10 -28.79
CA GLY D 135 9.35 15.50 -28.69
C GLY D 135 10.15 15.28 -29.96
N VAL D 136 9.92 14.15 -30.62
CA VAL D 136 10.75 13.76 -31.76
C VAL D 136 10.06 14.02 -33.09
N ASN D 137 9.17 13.11 -33.48
CA ASN D 137 8.61 13.13 -34.83
C ASN D 137 7.18 13.65 -34.87
N GLU D 138 6.92 14.73 -34.14
CA GLU D 138 5.61 15.38 -34.20
C GLU D 138 5.44 16.03 -35.57
N ASN D 139 6.57 16.37 -36.19
CA ASN D 139 6.58 17.08 -37.47
C ASN D 139 6.44 16.12 -38.65
N SER D 140 6.55 14.82 -38.40
CA SER D 140 6.42 13.82 -39.46
C SER D 140 4.96 13.62 -39.83
N TYR D 141 4.08 14.29 -39.10
CA TYR D 141 2.66 14.23 -39.37
C TYR D 141 2.34 14.83 -40.74
N GLU D 142 1.93 13.97 -41.68
CA GLU D 142 1.46 14.39 -42.98
C GLU D 142 -0.05 14.54 -42.96
N LYS D 143 -0.57 15.46 -43.75
CA LYS D 143 -1.99 15.81 -43.70
C LYS D 143 -2.90 14.71 -44.22
N SER D 144 -2.35 13.77 -44.98
CA SER D 144 -3.16 12.74 -45.64
C SER D 144 -3.52 11.58 -44.72
N MET D 145 -3.13 11.68 -43.45
CA MET D 145 -3.35 10.61 -42.48
C MET D 145 -4.50 10.95 -41.56
N SER D 146 -5.40 10.00 -41.36
CA SER D 146 -6.59 10.22 -40.56
C SER D 146 -6.44 9.67 -39.14
N VAL D 147 -6.15 8.38 -39.05
CA VAL D 147 -5.99 7.72 -37.76
C VAL D 147 -4.53 7.68 -37.36
N VAL D 148 -4.17 8.47 -36.36
CA VAL D 148 -2.79 8.53 -35.89
C VAL D 148 -2.63 7.72 -34.61
N SER D 149 -1.52 7.95 -33.93
CA SER D 149 -1.26 7.33 -32.63
C SER D 149 -0.24 8.17 -31.89
N ASN D 150 -0.38 8.27 -30.58
CA ASN D 150 0.54 9.07 -29.78
C ASN D 150 1.48 8.15 -29.02
N ALA D 151 1.58 6.90 -29.49
CA ALA D 151 2.40 5.88 -28.85
C ALA D 151 1.99 5.64 -27.40
N SER D 152 2.84 4.90 -26.69
CA SER D 152 2.58 4.66 -25.29
C SER D 152 3.21 5.75 -24.51
N THR D 154 5.18 5.17 -21.85
CA THR D 154 6.57 4.90 -21.60
C THR D 154 7.35 5.44 -22.81
N THR D 155 6.84 5.19 -24.02
CA THR D 155 7.50 5.69 -25.23
C THR D 155 7.66 7.20 -25.22
N ASN D 156 6.64 7.91 -24.74
CA ASN D 156 6.68 9.36 -24.66
C ASN D 156 7.72 9.84 -23.67
N CYS D 157 8.19 8.94 -22.80
CA CYS D 157 9.23 9.27 -21.86
C CYS D 157 10.62 8.94 -22.41
N LEU D 158 10.75 7.75 -22.98
CA LEU D 158 12.05 7.28 -23.43
C LEU D 158 12.51 7.96 -24.71
N ALA D 159 11.62 8.03 -25.69
CA ALA D 159 11.97 8.56 -27.01
C ALA D 159 12.59 9.96 -26.96
N PRO D 160 11.99 10.90 -26.18
CA PRO D 160 12.66 12.21 -26.14
C PRO D 160 14.04 12.15 -25.50
N LEU D 161 14.24 11.27 -24.52
CA LEU D 161 15.55 11.13 -23.88
C LEU D 161 16.53 10.47 -24.81
N ALA D 162 16.03 9.48 -25.56
CA ALA D 162 16.86 8.76 -26.51
C ALA D 162 17.40 9.69 -27.58
N LYS D 163 16.56 10.63 -28.02
CA LYS D 163 16.94 11.56 -29.08
C LYS D 163 18.16 12.38 -28.70
N VAL D 164 18.16 12.93 -27.48
CA VAL D 164 19.25 13.77 -27.01
C VAL D 164 20.58 13.01 -27.00
N ILE D 165 20.60 11.89 -26.27
CA ILE D 165 21.80 11.08 -26.13
C ILE D 165 22.32 10.62 -27.48
N HIS D 166 21.43 10.07 -28.30
CA HIS D 166 21.79 9.57 -29.61
C HIS D 166 22.31 10.69 -30.51
N ASP D 167 21.60 11.81 -30.53
CA ASP D 167 21.99 12.92 -31.39
C ASP D 167 23.27 13.59 -30.91
N LYS D 168 23.71 13.28 -29.69
CA LYS D 168 24.85 13.98 -29.11
C LYS D 168 25.99 13.03 -28.74
N PHE D 169 25.68 11.75 -28.54
CA PHE D 169 26.71 10.79 -28.18
C PHE D 169 26.56 9.50 -28.96
N GLU D 170 25.47 9.40 -29.72
CA GLU D 170 25.21 8.25 -30.58
C GLU D 170 25.01 6.98 -29.77
N ILE D 171 23.76 6.56 -29.64
CA ILE D 171 23.41 5.36 -28.90
C ILE D 171 23.63 4.13 -29.77
N VAL D 172 24.65 3.33 -29.43
CA VAL D 172 24.97 2.14 -30.18
C VAL D 172 23.90 1.09 -29.96
N GLU D 173 23.62 0.81 -28.69
CA GLU D 173 22.61 -0.17 -28.32
C GLU D 173 22.23 0.04 -26.86
N GLY D 174 20.96 -0.20 -26.54
CA GLY D 174 20.48 0.02 -25.19
C GLY D 174 19.31 -0.84 -24.78
N LEU D 175 19.19 -1.08 -23.48
CA LEU D 175 18.07 -1.82 -22.90
C LEU D 175 17.37 -0.98 -21.84
N MET D 176 16.04 -0.96 -21.88
CA MET D 176 15.25 -0.12 -20.99
C MET D 176 14.47 -0.92 -19.95
N THR D 177 14.23 -0.32 -18.80
CA THR D 177 13.31 -0.87 -17.82
C THR D 177 12.44 0.24 -17.25
N THR D 178 11.14 0.04 -17.24
CA THR D 178 10.25 1.01 -16.64
C THR D 178 9.63 0.47 -15.36
N VAL D 179 9.87 1.17 -14.26
CA VAL D 179 9.19 0.88 -13.01
C VAL D 179 7.88 1.64 -13.06
N HIS D 180 6.84 0.97 -13.53
CA HIS D 180 5.54 1.55 -13.88
C HIS D 180 4.58 1.42 -12.69
N SER D 181 3.80 2.46 -12.44
CA SER D 181 2.72 2.37 -11.47
C SER D 181 1.68 1.39 -11.99
N PHE D 182 0.84 0.86 -11.13
CA PHE D 182 -0.19 -0.05 -11.63
C PHE D 182 -1.23 0.74 -12.43
N THR D 183 -1.88 0.06 -13.36
CA THR D 183 -2.86 0.69 -14.22
C THR D 183 -4.21 0.03 -14.03
N ALA D 184 -5.24 0.61 -14.67
CA ALA D 184 -6.60 0.11 -14.55
C ALA D 184 -6.70 -1.38 -14.86
N THR D 185 -5.77 -1.86 -15.68
CA THR D 185 -5.79 -3.23 -16.17
C THR D 185 -5.39 -4.29 -15.12
N GLN D 186 -5.12 -3.86 -13.90
CA GLN D 186 -4.68 -4.80 -12.87
C GLN D 186 -5.75 -5.12 -11.83
N LYS D 187 -5.49 -6.14 -11.01
CA LYS D 187 -6.45 -6.61 -10.02
C LYS D 187 -6.02 -6.24 -8.60
N VAL D 188 -6.99 -5.95 -7.75
CA VAL D 188 -6.72 -5.65 -6.35
C VAL D 188 -6.30 -6.92 -5.61
N VAL D 189 -6.85 -8.06 -6.01
CA VAL D 189 -6.44 -9.33 -5.45
C VAL D 189 -6.18 -10.31 -6.58
N ASP D 190 -5.54 -11.43 -6.27
CA ASP D 190 -5.22 -12.44 -7.28
C ASP D 190 -6.46 -12.82 -8.06
N GLY D 191 -6.62 -12.19 -9.22
CA GLY D 191 -7.80 -12.38 -10.05
C GLY D 191 -7.51 -12.99 -11.42
N PRO D 192 -8.54 -13.12 -12.26
CA PRO D 192 -8.46 -13.77 -13.57
C PRO D 192 -7.69 -12.96 -14.60
N SER D 193 -6.86 -13.66 -15.37
CA SER D 193 -6.09 -13.05 -16.46
C SER D 193 -5.57 -14.17 -17.36
N SER D 194 -6.45 -14.75 -18.17
CA SER D 194 -6.15 -15.94 -18.95
C SER D 194 -5.00 -15.73 -19.94
N LYS D 195 -4.72 -14.47 -20.26
CA LYS D 195 -3.62 -14.15 -21.17
C LYS D 195 -2.33 -13.87 -20.40
N LEU D 196 -2.30 -12.76 -19.65
CA LEU D 196 -1.11 -12.38 -18.89
C LEU D 196 -1.26 -12.71 -17.41
N TRP D 197 -0.84 -13.91 -17.04
CA TRP D 197 -1.07 -14.44 -15.70
C TRP D 197 -0.52 -13.55 -14.60
N ARG D 198 0.69 -13.06 -14.82
CA ARG D 198 1.34 -12.18 -13.85
C ARG D 198 0.48 -10.94 -13.61
N ASP D 199 -0.13 -10.44 -14.66
CA ASP D 199 -0.94 -9.23 -14.59
C ASP D 199 -2.26 -9.43 -13.84
N GLY D 200 -2.50 -10.65 -13.35
CA GLY D 200 -3.71 -10.93 -12.59
C GLY D 200 -3.46 -10.97 -11.09
N ARG D 201 -2.19 -11.08 -10.72
CA ARG D 201 -1.81 -11.17 -9.31
C ARG D 201 -2.10 -9.86 -8.60
N GLY D 202 -2.39 -9.94 -7.31
CA GLY D 202 -2.72 -8.79 -6.49
C GLY D 202 -1.77 -7.62 -6.67
N ALA D 203 -2.31 -6.46 -7.03
CA ALA D 203 -1.50 -5.32 -7.43
C ALA D 203 -0.72 -4.68 -6.29
N MET D 204 -1.27 -4.71 -5.07
CA MET D 204 -0.65 -4.03 -3.93
C MET D 204 0.48 -4.83 -3.30
N GLN D 205 0.40 -6.15 -3.41
CA GLN D 205 1.32 -7.01 -2.69
C GLN D 205 2.43 -7.56 -3.57
N ASN D 206 2.47 -7.14 -4.82
CA ASN D 206 3.38 -7.76 -5.78
C ASN D 206 4.22 -6.77 -6.58
N ILE D 207 5.47 -7.14 -6.82
CA ILE D 207 6.25 -6.59 -7.91
C ILE D 207 5.96 -7.50 -9.09
N ILE D 208 5.41 -6.94 -10.17
CA ILE D 208 4.98 -7.77 -11.30
C ILE D 208 5.83 -7.49 -12.53
N PRO D 209 6.71 -8.44 -12.88
CA PRO D 209 7.51 -8.34 -14.11
C PRO D 209 6.66 -8.38 -15.37
N ALA D 210 6.16 -7.21 -15.77
CA ALA D 210 5.34 -7.12 -16.98
C ALA D 210 6.23 -6.99 -18.20
N SER D 211 5.61 -6.76 -19.34
CA SER D 211 6.37 -6.54 -20.57
C SER D 211 5.86 -5.28 -21.24
N THR D 212 6.61 -4.80 -22.21
CA THR D 212 6.24 -3.60 -22.94
C THR D 212 7.04 -3.51 -24.24
N GLY D 213 6.40 -3.04 -25.29
CA GLY D 213 7.07 -2.83 -26.56
C GLY D 213 7.38 -1.36 -26.73
N ALA D 214 7.11 -0.59 -25.68
CA ALA D 214 7.33 0.85 -25.69
C ALA D 214 8.77 1.18 -26.07
N ALA D 215 9.71 0.47 -25.46
CA ALA D 215 11.11 0.67 -25.75
C ALA D 215 11.45 0.16 -27.14
N LYS D 216 10.78 -0.92 -27.54
CA LYS D 216 10.94 -1.49 -28.86
C LYS D 216 10.25 -0.62 -29.91
N ALA D 217 9.25 0.14 -29.48
CA ALA D 217 8.53 1.03 -30.40
C ALA D 217 9.19 2.39 -30.50
N VAL D 218 10.26 2.60 -29.74
CA VAL D 218 11.05 3.83 -29.87
C VAL D 218 11.69 3.85 -31.25
N GLY D 219 11.89 2.66 -31.81
CA GLY D 219 12.42 2.53 -33.15
C GLY D 219 11.51 3.14 -34.19
N LYS D 220 10.20 3.08 -33.94
CA LYS D 220 9.22 3.65 -34.85
C LYS D 220 9.14 5.16 -34.70
N VAL D 221 9.40 5.66 -33.50
CA VAL D 221 9.47 7.10 -33.27
C VAL D 221 10.81 7.65 -33.73
N ILE D 222 11.88 6.94 -33.39
CA ILE D 222 13.23 7.29 -33.82
C ILE D 222 13.82 6.14 -34.63
N PRO D 223 13.72 6.23 -35.96
CA PRO D 223 14.21 5.26 -36.95
C PRO D 223 15.72 4.98 -36.88
N ALA D 224 16.52 5.99 -36.56
CA ALA D 224 17.96 5.80 -36.40
C ALA D 224 18.27 4.87 -35.23
N LEU D 225 17.31 4.73 -34.32
CA LEU D 225 17.48 3.87 -33.15
C LEU D 225 16.59 2.65 -33.23
N ASN D 226 16.25 2.25 -34.46
CA ASN D 226 15.39 1.10 -34.65
C ASN D 226 16.20 -0.16 -34.32
N GLY D 227 15.56 -1.10 -33.63
CA GLY D 227 16.21 -2.37 -33.30
C GLY D 227 17.43 -2.25 -32.42
N LYS D 228 17.70 -1.04 -31.95
CA LYS D 228 18.82 -0.80 -31.04
C LYS D 228 18.29 -0.61 -29.64
N LEU D 229 16.97 -0.66 -29.51
CA LEU D 229 16.30 -0.45 -28.23
C LEU D 229 15.15 -1.41 -28.02
N THR D 230 15.07 -1.94 -26.80
CA THR D 230 13.90 -2.66 -26.32
C THR D 230 13.96 -2.70 -24.80
N GLY D 231 12.91 -3.20 -24.18
CA GLY D 231 12.87 -3.26 -22.73
C GLY D 231 11.55 -3.69 -22.14
N MET D 232 11.58 -4.06 -20.87
CA MET D 232 10.40 -4.59 -20.19
C MET D 232 9.99 -3.68 -19.06
N ALA D 233 9.04 -4.16 -18.24
CA ALA D 233 8.45 -3.31 -17.22
C ALA D 233 8.38 -4.01 -15.87
N PHE D 234 8.42 -3.21 -14.80
CA PHE D 234 8.08 -3.69 -13.48
C PHE D 234 6.94 -2.84 -12.95
N ARG D 235 5.81 -3.48 -12.67
CA ARG D 235 4.64 -2.78 -12.17
C ARG D 235 4.58 -2.90 -10.66
N VAL D 236 4.66 -1.75 -10.00
CA VAL D 236 4.85 -1.69 -8.55
C VAL D 236 3.69 -0.96 -7.86
N PRO D 237 3.46 -1.25 -6.57
CA PRO D 237 2.34 -0.69 -5.82
C PRO D 237 2.38 0.84 -5.59
N THR D 238 2.23 1.60 -6.67
CA THR D 238 2.03 3.05 -6.58
C THR D 238 0.91 3.46 -7.53
N PRO D 239 0.03 4.36 -7.09
CA PRO D 239 -1.14 4.76 -7.88
C PRO D 239 -0.81 5.46 -9.20
N ASP D 240 0.32 6.14 -9.26
CA ASP D 240 0.68 6.90 -10.46
C ASP D 240 2.16 7.29 -10.45
N VAL D 241 2.61 7.88 -11.56
CA VAL D 241 3.99 8.28 -11.82
C VAL D 241 4.86 7.05 -12.04
N SER D 242 5.70 7.10 -13.07
CA SER D 242 6.59 6.00 -13.39
C SER D 242 7.99 6.51 -13.72
N VAL D 243 8.97 5.62 -13.75
CA VAL D 243 10.32 6.02 -14.07
C VAL D 243 10.90 5.09 -15.13
N VAL D 244 11.73 5.64 -16.00
CA VAL D 244 12.44 4.87 -17.01
C VAL D 244 13.89 4.63 -16.58
N ASP D 245 14.33 3.38 -16.68
CA ASP D 245 15.70 3.01 -16.34
C ASP D 245 16.44 2.59 -17.62
N LEU D 246 17.13 3.54 -18.25
CA LEU D 246 17.80 3.26 -19.50
C LEU D 246 19.27 2.94 -19.29
N THR D 247 19.71 1.85 -19.89
CA THR D 247 21.12 1.50 -19.88
C THR D 247 21.56 1.24 -21.32
N CYS D 248 22.57 1.97 -21.77
CA CYS D 248 22.95 1.91 -23.18
C CYS D 248 24.44 2.16 -23.40
N ARG D 249 24.84 2.09 -24.66
CA ARG D 249 26.22 2.37 -25.05
C ARG D 249 26.27 3.53 -26.02
N LEU D 250 26.99 4.58 -25.62
CA LEU D 250 27.13 5.77 -26.43
C LEU D 250 28.30 5.60 -27.39
N GLY D 251 28.22 6.23 -28.55
CA GLY D 251 29.30 6.18 -29.52
C GLY D 251 30.47 7.05 -29.11
N LYS D 252 30.18 8.31 -28.77
CA LYS D 252 31.21 9.22 -28.31
C LYS D 252 31.49 9.06 -26.83
N GLY D 253 32.76 8.99 -26.47
CA GLY D 253 33.16 8.95 -25.07
C GLY D 253 32.73 10.20 -24.33
N ALA D 254 31.84 10.04 -23.37
CA ALA D 254 31.33 11.17 -22.60
C ALA D 254 31.20 10.83 -21.12
N SER D 255 31.70 11.72 -20.27
CA SER D 255 31.53 11.59 -18.83
C SER D 255 30.10 11.96 -18.45
N TYR D 256 29.70 11.62 -17.23
CA TYR D 256 28.33 11.87 -16.81
C TYR D 256 28.04 13.36 -16.79
N GLU D 257 29.01 14.15 -16.33
CA GLU D 257 28.85 15.59 -16.28
C GLU D 257 28.63 16.16 -17.68
N GLU D 258 29.21 15.51 -18.69
CA GLU D 258 29.02 15.93 -20.07
C GLU D 258 27.59 15.66 -20.51
N ILE D 259 27.11 14.47 -20.18
CA ILE D 259 25.75 14.04 -20.49
C ILE D 259 24.75 15.03 -19.91
N LYS D 260 24.93 15.33 -18.63
CA LYS D 260 24.13 16.29 -17.89
C LYS D 260 23.99 17.63 -18.62
N ALA D 261 25.11 18.14 -19.12
CA ALA D 261 25.16 19.43 -19.80
C ALA D 261 24.32 19.42 -21.08
N ALA D 262 24.37 18.32 -21.81
CA ALA D 262 23.62 18.20 -23.06
C ALA D 262 22.13 18.17 -22.77
N VAL D 263 21.74 17.36 -21.80
CA VAL D 263 20.34 17.20 -21.42
C VAL D 263 19.78 18.52 -20.87
N LYS D 264 20.54 19.14 -19.97
CA LYS D 264 20.17 20.44 -19.42
C LYS D 264 19.97 21.43 -20.55
N ALA D 265 20.77 21.29 -21.61
CA ALA D 265 20.70 22.17 -22.76
C ALA D 265 19.48 21.88 -23.62
N ALA D 266 19.07 20.62 -23.65
CA ALA D 266 17.92 20.22 -24.45
C ALA D 266 16.62 20.59 -23.75
N ALA D 267 16.55 20.29 -22.45
CA ALA D 267 15.34 20.54 -21.67
C ALA D 267 15.05 22.04 -21.57
N SER D 268 16.07 22.85 -21.79
CA SER D 268 15.93 24.30 -21.76
C SER D 268 15.61 24.84 -23.14
N GLY D 269 16.19 24.22 -24.16
CA GLY D 269 16.05 24.69 -25.52
C GLY D 269 14.89 24.07 -26.29
N PRO D 270 15.21 23.25 -27.30
CA PRO D 270 14.24 22.69 -28.25
C PRO D 270 13.23 21.73 -27.61
N LEU D 271 13.51 21.29 -26.39
CA LEU D 271 12.60 20.35 -25.74
C LEU D 271 12.02 20.98 -24.48
N LYS D 272 12.05 22.31 -24.42
CA LYS D 272 11.46 23.03 -23.31
C LYS D 272 9.99 22.68 -23.20
N GLY D 273 9.67 21.75 -22.31
CA GLY D 273 8.29 21.35 -22.11
C GLY D 273 8.07 19.85 -22.19
N ILE D 274 8.68 19.22 -23.19
CA ILE D 274 8.64 17.77 -23.33
C ILE D 274 9.62 17.19 -22.33
N LEU D 275 10.87 17.63 -22.43
CA LEU D 275 11.93 17.14 -21.56
C LEU D 275 12.24 18.16 -20.46
N GLU D 276 12.40 17.67 -19.24
CA GLU D 276 12.74 18.53 -18.11
C GLU D 276 14.01 18.00 -17.44
N TYR D 277 14.69 18.87 -16.71
CA TYR D 277 15.94 18.51 -16.06
C TYR D 277 15.96 19.00 -14.62
N THR D 278 16.25 18.10 -13.69
CA THR D 278 16.42 18.49 -12.29
C THR D 278 17.60 17.76 -11.67
N GLU D 279 18.12 18.35 -10.59
CA GLU D 279 19.18 17.74 -9.83
C GLU D 279 18.76 17.62 -8.36
N ASP D 280 17.46 17.53 -8.12
CA ASP D 280 16.95 17.52 -6.76
C ASP D 280 16.70 16.09 -6.28
N GLU D 281 16.49 15.93 -4.98
CA GLU D 281 16.28 14.62 -4.38
C GLU D 281 14.81 14.20 -4.49
N VAL D 282 14.35 13.99 -5.72
CA VAL D 282 12.93 13.73 -5.99
C VAL D 282 12.56 12.26 -5.83
N VAL D 283 11.25 12.03 -5.64
CA VAL D 283 10.67 10.69 -5.62
C VAL D 283 9.38 10.73 -6.42
N SER D 284 8.69 9.60 -6.51
CA SER D 284 7.56 9.49 -7.42
C SER D 284 6.26 10.05 -6.85
N SER D 285 6.31 11.29 -6.40
CA SER D 285 5.10 11.97 -5.94
C SER D 285 5.34 13.44 -6.09
N ASP D 286 6.57 13.77 -6.45
CA ASP D 286 6.94 15.13 -6.75
C ASP D 286 6.55 15.43 -8.20
N PHE D 287 6.05 14.41 -8.89
CA PHE D 287 5.71 14.54 -10.30
C PHE D 287 4.22 14.43 -10.58
N VAL D 288 3.43 14.17 -9.54
CA VAL D 288 1.99 14.04 -9.74
C VAL D 288 1.47 15.38 -10.26
N GLY D 289 1.24 15.43 -11.56
CA GLY D 289 0.71 16.63 -12.19
C GLY D 289 1.69 17.26 -13.14
N SER D 290 2.86 16.65 -13.29
CA SER D 290 3.88 17.17 -14.19
C SER D 290 3.48 17.01 -15.65
N THR D 291 3.59 18.10 -16.39
CA THR D 291 3.18 18.11 -17.79
C THR D 291 4.28 17.56 -18.68
N SER D 292 5.49 17.49 -18.16
CA SER D 292 6.64 17.03 -18.93
C SER D 292 6.49 15.56 -19.29
N SER D 293 7.22 15.13 -20.33
CA SER D 293 7.18 13.74 -20.78
C SER D 293 8.30 12.92 -20.16
N SER D 294 9.39 13.61 -19.84
CA SER D 294 10.56 12.99 -19.19
C SER D 294 11.21 13.98 -18.25
N ILE D 295 11.48 13.55 -17.03
CA ILE D 295 12.26 14.39 -16.12
C ILE D 295 13.53 13.66 -15.76
N PHE D 296 14.61 14.07 -16.40
CA PHE D 296 15.91 13.46 -16.16
C PHE D 296 16.35 13.67 -14.72
N ASP D 297 16.51 12.56 -13.99
CA ASP D 297 17.04 12.61 -12.63
C ASP D 297 18.57 12.51 -12.70
N ALA D 298 19.23 13.66 -12.73
CA ALA D 298 20.67 13.72 -12.84
C ALA D 298 21.36 12.99 -11.68
N LYS D 299 20.81 13.17 -10.49
CA LYS D 299 21.40 12.63 -9.27
C LYS D 299 21.42 11.10 -9.24
N ALA D 300 20.30 10.50 -9.65
CA ALA D 300 20.13 9.06 -9.52
C ALA D 300 20.80 8.31 -10.67
N GLY D 301 21.24 9.05 -11.68
CA GLY D 301 21.95 8.46 -12.78
C GLY D 301 23.38 8.09 -12.44
N ILE D 302 23.87 7.02 -13.05
CA ILE D 302 25.22 6.55 -12.78
C ILE D 302 25.94 6.22 -14.08
N SER D 303 27.24 6.51 -14.12
CA SER D 303 28.05 6.22 -15.28
C SER D 303 29.16 5.26 -14.91
N LEU D 304 29.15 4.07 -15.50
CA LEU D 304 30.23 3.12 -15.28
C LEU D 304 31.50 3.61 -15.96
N ASN D 305 31.33 4.13 -17.17
CA ASN D 305 32.43 4.75 -17.92
C ASN D 305 31.89 5.76 -18.93
N ASN D 306 32.66 6.01 -19.98
CA ASN D 306 32.29 7.04 -20.95
C ASN D 306 31.53 6.48 -22.15
N ASN D 307 31.29 5.18 -22.16
CA ASN D 307 30.55 4.55 -23.26
C ASN D 307 29.50 3.57 -22.77
N PHE D 308 29.19 3.63 -21.48
CA PHE D 308 28.24 2.71 -20.89
C PHE D 308 27.67 3.30 -19.61
N VAL D 309 26.47 3.85 -19.71
CA VAL D 309 25.87 4.60 -18.62
C VAL D 309 24.44 4.14 -18.35
N LYS D 310 23.97 4.41 -17.15
CA LYS D 310 22.57 4.14 -16.79
C LYS D 310 21.86 5.47 -16.50
N LEU D 311 20.78 5.72 -17.21
CA LEU D 311 20.06 6.97 -17.07
C LEU D 311 18.67 6.74 -16.50
N VAL D 312 18.16 7.72 -15.76
CA VAL D 312 16.84 7.61 -15.16
C VAL D 312 16.02 8.88 -15.43
N SER D 313 14.75 8.69 -15.77
CA SER D 313 13.87 9.81 -16.04
C SER D 313 12.45 9.48 -15.62
N TRP D 314 11.81 10.41 -14.92
CA TRP D 314 10.46 10.18 -14.43
C TRP D 314 9.41 10.60 -15.44
N TYR D 315 8.19 10.19 -15.19
CA TYR D 315 7.03 10.67 -15.94
C TYR D 315 5.72 10.32 -15.27
N ASP D 316 4.78 11.24 -15.34
CA ASP D 316 3.42 10.95 -14.93
C ASP D 316 2.79 10.17 -16.07
N ASN D 317 2.74 8.85 -15.91
CA ASN D 317 2.21 7.98 -16.95
C ASN D 317 0.76 8.31 -17.29
N GLU D 318 0.09 9.01 -16.38
CA GLU D 318 -1.31 9.37 -16.57
C GLU D 318 -1.46 10.79 -17.12
N PHE D 319 -0.80 11.76 -16.49
CA PHE D 319 -1.06 13.16 -16.81
C PHE D 319 -0.06 13.79 -17.78
N GLY D 320 1.20 13.37 -17.73
CA GLY D 320 2.16 13.84 -18.69
C GLY D 320 1.71 13.44 -20.08
N TYR D 321 1.36 12.16 -20.22
CA TYR D 321 0.90 11.61 -21.48
C TYR D 321 -0.36 12.34 -21.96
N SER D 322 -1.29 12.56 -21.04
CA SER D 322 -2.53 13.27 -21.35
C SER D 322 -2.25 14.61 -22.02
N CYS D 323 -1.21 15.30 -21.55
CA CYS D 323 -0.85 16.60 -22.09
C CYS D 323 -0.30 16.49 -23.50
N ARG D 324 0.46 15.42 -23.75
CA ARG D 324 1.05 15.21 -25.06
C ARG D 324 0.00 14.85 -26.09
N VAL D 325 -1.13 14.35 -25.61
CA VAL D 325 -2.27 14.12 -26.47
C VAL D 325 -2.83 15.47 -26.89
N VAL D 326 -2.96 16.40 -25.94
CA VAL D 326 -3.49 17.73 -26.21
C VAL D 326 -2.56 18.48 -27.16
N ASP D 327 -1.27 18.23 -27.04
CA ASP D 327 -0.29 18.88 -27.90
C ASP D 327 -0.41 18.41 -29.34
N LEU D 328 -0.55 17.10 -29.53
CA LEU D 328 -0.60 16.53 -30.87
C LEU D 328 -1.78 17.07 -31.66
N ILE D 329 -2.87 17.39 -30.95
CA ILE D 329 -4.05 17.96 -31.58
C ILE D 329 -3.75 19.37 -32.08
N THR D 330 -3.20 20.19 -31.19
CA THR D 330 -2.84 21.56 -31.52
C THR D 330 -1.98 21.60 -32.76
N HIS D 331 -0.97 20.72 -32.81
CA HIS D 331 -0.08 20.63 -33.95
C HIS D 331 -0.81 20.31 -35.24
N MET D 332 -1.60 19.23 -35.21
CA MET D 332 -2.42 18.85 -36.35
C MET D 332 -3.31 19.99 -36.81
N HIS D 333 -4.14 20.50 -35.90
CA HIS D 333 -5.02 21.62 -36.21
C HIS D 333 -4.21 22.73 -36.86
N LYS D 334 -3.07 23.05 -36.26
CA LYS D 334 -2.13 24.01 -36.82
C LYS D 334 -1.70 23.61 -38.23
N VAL D 335 -1.66 22.30 -38.50
CA VAL D 335 -1.15 21.82 -39.77
C VAL D 335 -2.26 21.56 -40.80
N ASP D 336 -3.40 21.01 -40.37
CA ASP D 336 -4.48 20.73 -41.31
C ASP D 336 -5.29 21.98 -41.65
N HIS D 337 -5.54 22.82 -40.64
CA HIS D 337 -6.35 24.00 -40.85
C HIS D 337 -5.48 25.25 -40.91
N ALA D 338 -4.33 25.10 -41.57
CA ALA D 338 -3.48 26.24 -41.89
C ALA D 338 -2.65 25.93 -43.12
#